data_1LDE
#
_entry.id   1LDE
#
_cell.length_a   49.930
_cell.length_b   180.200
_cell.length_c   86.800
_cell.angle_alpha   90.00
_cell.angle_beta   106.00
_cell.angle_gamma   90.00
#
_symmetry.space_group_name_H-M   'P 1 21 1'
#
loop_
_entity.id
_entity.type
_entity.pdbx_description
1 polymer 'LIVER ALCOHOL DEHYDROGENASE'
2 non-polymer 'ZINC ION'
3 non-polymer NICOTINAMIDE-ADENINE-DINUCLEOTIDE
4 non-polymer N-FORMYLPIPERIDINE
5 water water
#
_entity_poly.entity_id   1
_entity_poly.type   'polypeptide(L)'
_entity_poly.pdbx_seq_one_letter_code
;STAGKVIKCKAAVLWEEKKPFSIEEVEVAPPKAHEVRIKMVATGICRSDDHVVSGTLVTPLPVIAGHEAAGIVESIGEGV
TTVRPGDKVIPLFTPQCGKCRVCKHPEGNFCLKNDLSMPRGTMQDGTSRFTCRGKPIHHFLGTSTFSQYTVVDEISVAKI
DAASPLEKVCLIGCGFSTGYGSAVKVAKVTQGSTCAVFGLGGVGLSVIMGCKAAGAARIIGVDINKDKFAKAKEVGATEC
VNPQDYKKPIQEVLTEMSNGGVDFSFEVIGRLDTMVTALSCCQEAYGVSVIVGVPPDSQNLSMNPMLLLSGRTWKGAIFG
GFKSKDSVPKLVADFMAKKFALDPLITHVLPFEKINEGFDLLRSGESIRTILTF
;
_entity_poly.pdbx_strand_id   A,B,C,D
#
loop_
_chem_comp.id
_chem_comp.type
_chem_comp.name
_chem_comp.formula
FPI non-polymer N-FORMYLPIPERIDINE 'C6 H11 N O'
NAD non-polymer NICOTINAMIDE-ADENINE-DINUCLEOTIDE 'C21 H27 N7 O14 P2'
ZN non-polymer 'ZINC ION' 'Zn 2'
#
# COMPACT_ATOMS: atom_id res chain seq x y z
N SER A 1 27.60 37.87 88.15
CA SER A 1 27.95 36.99 89.35
C SER A 1 28.66 35.73 88.77
N THR A 2 27.89 35.03 87.92
CA THR A 2 28.47 33.92 87.23
C THR A 2 29.07 34.41 85.88
N ALA A 3 28.81 35.64 85.48
CA ALA A 3 29.22 36.17 84.21
C ALA A 3 30.72 36.03 84.04
N GLY A 4 31.15 35.73 82.82
CA GLY A 4 32.57 35.64 82.46
C GLY A 4 33.17 34.41 83.11
N LYS A 5 32.48 33.47 83.66
CA LYS A 5 33.02 32.34 84.33
C LYS A 5 32.33 31.02 84.00
N VAL A 6 33.07 29.92 84.04
CA VAL A 6 32.54 28.62 83.78
C VAL A 6 31.48 28.36 84.82
N ILE A 7 30.39 27.70 84.51
CA ILE A 7 29.37 27.41 85.45
C ILE A 7 29.43 25.91 85.57
N LYS A 8 29.13 25.32 86.76
CA LYS A 8 29.11 23.89 86.87
C LYS A 8 27.60 23.64 87.05
N CYS A 9 27.02 22.57 86.39
CA CYS A 9 25.55 22.47 86.57
C CYS A 9 25.21 21.08 86.05
N LYS A 10 23.95 20.73 86.23
CA LYS A 10 23.40 19.47 85.82
C LYS A 10 22.83 19.61 84.41
N ALA A 11 23.03 18.57 83.65
CA ALA A 11 22.66 18.45 82.25
C ALA A 11 22.38 16.96 82.03
N ALA A 12 21.50 16.63 81.11
CA ALA A 12 21.17 15.18 80.88
C ALA A 12 22.07 14.86 79.63
N VAL A 13 23.15 14.07 79.79
CA VAL A 13 24.01 13.74 78.70
C VAL A 13 23.58 12.45 78.09
N LEU A 14 23.72 12.35 76.74
CA LEU A 14 23.35 11.13 75.98
C LEU A 14 24.72 10.58 75.63
N TRP A 15 25.13 9.48 76.30
CA TRP A 15 26.48 9.03 75.94
C TRP A 15 26.48 8.12 74.73
N GLU A 16 25.38 7.41 74.56
CA GLU A 16 25.39 6.54 73.40
C GLU A 16 23.97 6.21 73.04
N GLU A 17 23.72 5.92 71.74
CA GLU A 17 22.33 5.67 71.47
C GLU A 17 21.70 4.54 72.17
N LYS A 18 20.37 4.51 72.28
CA LYS A 18 19.49 3.52 72.86
C LYS A 18 19.64 3.45 74.33
N LYS A 19 20.24 4.39 74.99
CA LYS A 19 20.38 4.35 76.43
C LYS A 19 19.64 5.55 77.02
N PRO A 20 19.35 5.37 78.30
CA PRO A 20 18.76 6.38 79.12
C PRO A 20 19.66 7.62 79.19
N PHE A 21 18.96 8.74 79.52
CA PHE A 21 19.80 9.92 79.64
C PHE A 21 20.53 9.84 81.03
N SER A 22 21.74 10.43 81.09
CA SER A 22 22.51 10.42 82.32
C SER A 22 22.63 11.81 82.89
N ILE A 23 21.93 12.06 83.95
CA ILE A 23 21.94 13.34 84.61
C ILE A 23 23.31 13.42 85.27
N GLU A 24 24.20 14.30 84.85
CA GLU A 24 25.52 14.43 85.39
C GLU A 24 25.85 15.92 85.50
N GLU A 25 27.03 16.16 86.08
CA GLU A 25 27.54 17.48 86.25
C GLU A 25 28.30 17.80 84.95
N VAL A 26 28.21 19.02 84.43
CA VAL A 26 28.88 19.40 83.27
C VAL A 26 29.39 20.82 83.53
N GLU A 27 30.27 21.40 82.76
CA GLU A 27 30.78 22.67 82.86
C GLU A 27 30.43 23.45 81.54
N VAL A 28 29.79 24.58 81.61
CA VAL A 28 29.33 25.43 80.58
C VAL A 28 30.21 26.62 80.55
N ALA A 29 30.98 26.68 79.49
CA ALA A 29 31.88 27.81 79.37
C ALA A 29 31.10 29.11 79.24
N PRO A 30 31.72 30.25 79.50
CA PRO A 30 31.04 31.50 79.38
C PRO A 30 30.95 31.72 77.86
N PRO A 31 30.05 32.63 77.35
CA PRO A 31 29.84 32.95 76.01
C PRO A 31 30.91 33.73 75.35
N LYS A 32 31.18 33.46 74.07
CA LYS A 32 32.20 34.20 73.36
C LYS A 32 31.52 35.32 72.51
N ALA A 33 32.27 35.92 71.65
CA ALA A 33 31.66 37.02 70.87
C ALA A 33 30.38 36.55 70.17
N HIS A 34 29.32 37.30 70.29
CA HIS A 34 28.03 37.02 69.72
C HIS A 34 27.36 35.73 70.22
N GLU A 35 27.66 35.27 71.38
CA GLU A 35 27.12 34.08 72.00
C GLU A 35 26.27 34.51 73.19
N VAL A 36 25.29 33.76 73.64
CA VAL A 36 24.42 34.05 74.71
C VAL A 36 24.27 32.86 75.64
N ARG A 37 24.55 33.04 76.95
CA ARG A 37 24.44 31.94 77.86
C ARG A 37 23.04 32.12 78.50
N ILE A 38 22.21 31.02 78.48
CA ILE A 38 20.90 31.11 78.99
C ILE A 38 20.68 30.12 80.15
N LYS A 39 19.89 30.52 81.10
CA LYS A 39 19.50 29.77 82.25
C LYS A 39 18.15 29.11 81.90
N MET A 40 18.15 27.77 81.71
CA MET A 40 16.92 27.15 81.31
C MET A 40 15.81 27.14 82.35
N VAL A 41 14.61 27.52 81.91
CA VAL A 41 13.45 27.49 82.81
C VAL A 41 12.56 26.38 82.48
N ALA A 42 12.26 25.99 81.27
CA ALA A 42 11.37 24.88 80.90
C ALA A 42 11.71 24.29 79.52
N THR A 43 11.55 22.98 79.43
CA THR A 43 11.86 22.39 78.14
C THR A 43 10.90 21.27 77.89
N GLY A 44 10.39 21.18 76.61
CA GLY A 44 9.47 20.06 76.42
C GLY A 44 10.19 18.83 75.79
N ILE A 45 9.57 17.73 75.96
CA ILE A 45 10.07 16.50 75.43
C ILE A 45 9.41 16.26 74.04
N CYS A 46 10.09 16.60 72.95
CA CYS A 46 9.62 16.43 71.60
C CYS A 46 10.02 15.07 71.04
N ARG A 47 9.27 14.45 70.15
CA ARG A 47 9.64 13.07 69.64
C ARG A 47 11.01 13.17 68.90
N SER A 48 11.50 14.30 68.33
CA SER A 48 12.72 14.33 67.66
C SER A 48 13.89 14.09 68.65
N ASP A 49 13.81 14.45 69.92
CA ASP A 49 14.80 14.28 70.92
C ASP A 49 14.97 12.74 71.10
N ASP A 50 13.82 12.02 71.21
CA ASP A 50 13.81 10.60 71.26
C ASP A 50 14.45 10.02 69.98
N HIS A 51 14.28 10.70 68.79
CA HIS A 51 14.87 10.34 67.54
C HIS A 51 16.46 10.39 67.73
N VAL A 52 16.99 11.26 68.55
CA VAL A 52 18.45 11.25 68.72
C VAL A 52 18.84 10.01 69.53
N VAL A 53 18.01 9.52 70.44
CA VAL A 53 18.25 8.39 71.23
C VAL A 53 18.14 7.07 70.43
N SER A 54 17.12 6.97 69.57
CA SER A 54 16.87 5.80 68.78
C SER A 54 17.76 5.73 67.57
N GLY A 55 18.41 6.75 67.13
CA GLY A 55 19.26 6.60 65.92
C GLY A 55 18.60 7.15 64.68
N THR A 56 17.28 7.38 64.74
CA THR A 56 16.43 7.95 63.67
C THR A 56 16.94 9.24 63.21
N LEU A 57 17.29 10.12 64.13
CA LEU A 57 17.84 11.44 63.80
C LEU A 57 19.32 11.36 64.20
N VAL A 58 20.22 11.39 63.25
CA VAL A 58 21.68 11.25 63.56
C VAL A 58 22.39 12.57 63.73
N THR A 59 23.15 12.71 64.81
CA THR A 59 23.94 13.94 65.17
C THR A 59 25.00 13.36 66.06
N PRO A 60 26.16 13.91 66.13
CA PRO A 60 27.24 13.41 66.92
C PRO A 60 27.00 13.28 68.39
N LEU A 61 27.34 12.13 68.97
CA LEU A 61 27.32 11.74 70.36
C LEU A 61 28.72 11.81 70.92
N PRO A 62 28.89 11.93 72.26
CA PRO A 62 27.78 12.04 73.20
C PRO A 62 27.21 13.42 72.92
N VAL A 63 25.96 13.57 73.41
CA VAL A 63 25.40 14.92 73.20
C VAL A 63 24.43 15.37 74.30
N ILE A 64 24.25 16.75 74.27
CA ILE A 64 23.24 17.32 75.16
C ILE A 64 22.08 17.59 74.19
N ALA A 65 21.03 16.75 74.30
CA ALA A 65 19.83 16.98 73.39
C ALA A 65 18.88 18.03 73.97
N GLY A 66 17.67 18.16 73.41
CA GLY A 66 16.69 19.12 73.81
C GLY A 66 16.72 20.30 72.93
N HIS A 67 15.49 20.70 72.39
CA HIS A 67 15.64 21.93 71.49
C HIS A 67 14.36 22.71 71.64
N GLU A 68 13.40 22.13 72.34
CA GLU A 68 12.09 22.88 72.56
C GLU A 68 12.11 23.47 74.01
N ALA A 69 12.53 24.74 74.10
CA ALA A 69 12.65 25.36 75.41
C ALA A 69 12.52 26.86 75.49
N ALA A 70 12.54 27.31 76.76
CA ALA A 70 12.50 28.74 77.05
C ALA A 70 13.35 28.96 78.33
N GLY A 71 14.07 30.07 78.37
CA GLY A 71 14.89 30.36 79.54
C GLY A 71 15.14 31.84 79.66
N ILE A 72 16.12 32.20 80.53
CA ILE A 72 16.49 33.60 80.78
C ILE A 72 17.98 33.84 80.53
N VAL A 73 18.28 34.96 79.84
CA VAL A 73 19.69 35.24 79.54
C VAL A 73 20.44 35.54 80.85
N GLU A 74 21.45 34.68 81.05
CA GLU A 74 22.38 34.78 82.19
C GLU A 74 23.45 35.80 81.84
N SER A 75 23.97 35.82 80.69
CA SER A 75 24.99 36.71 80.20
C SER A 75 25.09 36.62 78.67
N ILE A 76 25.72 37.62 78.09
CA ILE A 76 25.91 37.74 76.68
C ILE A 76 27.33 38.06 76.35
N GLY A 77 27.75 37.53 75.19
CA GLY A 77 29.13 37.71 74.73
C GLY A 77 29.20 39.05 74.10
N GLU A 78 30.40 39.48 73.77
CA GLU A 78 30.73 40.73 73.14
C GLU A 78 30.09 40.84 71.78
N GLY A 79 29.57 42.03 71.50
CA GLY A 79 28.98 42.24 70.18
C GLY A 79 27.48 41.80 70.12
N VAL A 80 26.92 41.08 71.12
CA VAL A 80 25.54 40.71 71.00
C VAL A 80 24.69 41.99 71.12
N THR A 81 23.67 42.17 70.32
CA THR A 81 22.84 43.33 70.37
C THR A 81 21.39 42.96 70.50
N THR A 82 20.98 41.72 70.25
CA THR A 82 19.54 41.43 70.30
C THR A 82 18.97 41.00 71.56
N VAL A 83 19.71 40.59 72.54
CA VAL A 83 19.14 40.18 73.84
C VAL A 83 20.05 40.78 74.94
N ARG A 84 19.55 40.76 76.18
CA ARG A 84 20.31 41.29 77.28
C ARG A 84 20.05 40.43 78.53
N PRO A 85 21.03 40.45 79.45
CA PRO A 85 20.89 39.67 80.66
C PRO A 85 19.53 39.92 81.27
N GLY A 86 18.75 38.96 81.58
CA GLY A 86 17.47 39.16 82.23
C GLY A 86 16.33 38.89 81.26
N ASP A 87 16.62 39.05 79.96
CA ASP A 87 15.52 38.80 78.99
C ASP A 87 15.00 37.37 78.98
N LYS A 88 13.73 37.17 78.63
CA LYS A 88 13.14 35.86 78.48
C LYS A 88 13.46 35.52 77.02
N VAL A 89 13.87 34.31 76.73
CA VAL A 89 14.28 33.96 75.36
C VAL A 89 13.88 32.54 75.03
N ILE A 90 13.81 32.26 73.73
CA ILE A 90 13.48 30.98 73.23
C ILE A 90 14.61 30.66 72.24
N PRO A 91 15.35 29.57 72.51
CA PRO A 91 16.47 29.07 71.70
C PRO A 91 15.87 28.59 70.36
N LEU A 92 16.56 28.92 69.30
CA LEU A 92 16.08 28.53 67.96
C LEU A 92 16.85 27.43 67.24
N PHE A 93 16.30 26.22 67.14
CA PHE A 93 16.86 25.07 66.48
C PHE A 93 17.14 25.37 65.00
N THR A 94 16.42 26.28 64.35
CA THR A 94 16.67 26.60 62.98
C THR A 94 17.08 28.04 63.21
N PRO A 95 18.26 28.44 62.86
CA PRO A 95 18.72 29.78 63.06
C PRO A 95 18.13 30.73 62.02
N GLN A 96 18.42 32.06 62.30
CA GLN A 96 17.98 33.03 61.35
C GLN A 96 19.16 33.96 61.17
N CYS A 97 20.17 33.61 60.33
CA CYS A 97 21.25 34.56 60.18
C CYS A 97 20.87 35.85 59.54
N GLY A 98 19.78 35.93 58.81
CA GLY A 98 19.35 37.14 58.12
C GLY A 98 20.22 37.53 56.97
N LYS A 99 21.29 36.89 56.55
CA LYS A 99 22.13 37.27 55.48
C LYS A 99 22.24 36.31 54.31
N CYS A 100 21.97 35.01 54.45
CA CYS A 100 22.06 34.06 53.37
C CYS A 100 20.92 34.17 52.36
N ARG A 101 21.00 33.49 51.23
CA ARG A 101 19.93 33.56 50.24
C ARG A 101 18.62 33.01 50.79
N VAL A 102 18.59 32.08 51.65
CA VAL A 102 17.32 31.56 52.17
C VAL A 102 16.68 32.55 53.11
N CYS A 103 17.49 33.18 54.01
CA CYS A 103 17.01 34.15 54.94
C CYS A 103 16.45 35.37 54.16
N LYS A 104 17.10 35.73 53.05
CA LYS A 104 16.68 36.87 52.27
C LYS A 104 15.47 36.50 51.44
N HIS A 105 15.29 35.23 51.10
CA HIS A 105 14.15 34.85 50.32
C HIS A 105 12.88 34.98 51.16
N PRO A 106 11.82 35.50 50.55
CA PRO A 106 10.54 35.66 51.20
C PRO A 106 9.85 34.39 51.66
N GLU A 107 10.16 33.24 51.08
CA GLU A 107 9.51 32.03 51.52
C GLU A 107 10.48 31.09 52.24
N GLY A 108 11.78 31.30 52.17
CA GLY A 108 12.57 30.30 52.91
C GLY A 108 12.75 30.56 54.41
N ASN A 109 13.01 29.47 55.14
CA ASN A 109 13.25 29.54 56.58
C ASN A 109 14.40 28.64 57.02
N PHE A 110 14.80 27.66 56.19
CA PHE A 110 15.90 26.73 56.48
C PHE A 110 17.22 27.41 56.17
N CYS A 111 17.61 28.37 57.06
CA CYS A 111 18.77 29.16 57.06
C CYS A 111 19.96 28.29 56.79
N LEU A 112 20.86 28.71 55.93
CA LEU A 112 22.06 27.99 55.55
C LEU A 112 23.00 27.69 56.73
N LYS A 113 22.85 28.36 57.87
CA LYS A 113 23.74 28.09 59.01
C LYS A 113 23.20 27.03 59.90
N ASN A 114 22.18 26.29 59.55
CA ASN A 114 21.57 25.29 60.32
C ASN A 114 22.60 24.23 60.61
N ASP A 115 22.35 23.35 61.49
CA ASP A 115 23.29 22.25 61.81
C ASP A 115 22.55 20.93 61.57
N LEU A 116 21.51 21.00 60.70
CA LEU A 116 20.72 19.80 60.41
C LEU A 116 21.28 19.03 59.23
N SER A 117 21.59 19.56 58.09
CA SER A 117 22.09 18.84 56.91
C SER A 117 23.44 18.11 57.07
N MET A 118 24.49 18.74 57.62
CA MET A 118 25.82 18.17 57.85
C MET A 118 26.09 18.45 59.33
N PRO A 119 25.51 17.62 60.16
CA PRO A 119 25.58 17.78 61.61
C PRO A 119 26.98 17.82 62.18
N ARG A 120 27.43 18.85 62.80
CA ARG A 120 28.67 19.09 63.43
C ARG A 120 28.45 18.95 64.97
N GLY A 121 27.33 19.24 65.57
CA GLY A 121 27.02 19.15 66.98
C GLY A 121 27.91 20.21 67.70
N THR A 122 28.17 21.36 67.11
CA THR A 122 28.97 22.31 67.71
C THR A 122 28.25 23.65 67.71
N MET A 123 28.97 24.72 68.06
CA MET A 123 28.49 26.07 68.04
C MET A 123 28.94 26.52 66.62
N GLN A 124 28.58 27.71 66.16
CA GLN A 124 28.89 28.22 64.89
C GLN A 124 30.37 28.25 64.67
N ASP A 125 31.25 28.49 65.61
CA ASP A 125 32.70 28.55 65.47
C ASP A 125 33.28 27.17 65.43
N GLY A 126 32.55 26.11 65.40
CA GLY A 126 33.18 24.79 65.28
C GLY A 126 33.58 24.17 66.62
N THR A 127 33.39 24.84 67.74
CA THR A 127 33.71 24.34 69.04
C THR A 127 32.53 24.14 69.98
N SER A 128 32.71 23.48 71.07
CA SER A 128 31.70 23.13 72.08
C SER A 128 31.87 23.93 73.29
N ARG A 129 30.91 24.17 74.11
CA ARG A 129 31.05 24.93 75.35
C ARG A 129 30.70 24.00 76.44
N PHE A 130 30.56 22.74 76.15
CA PHE A 130 30.22 21.79 77.17
C PHE A 130 31.39 20.81 77.42
N THR A 131 31.52 20.39 78.70
CA THR A 131 32.57 19.47 79.08
C THR A 131 32.00 18.63 80.14
N CYS A 132 32.24 17.32 80.10
CA CYS A 132 31.68 16.40 81.08
C CYS A 132 32.77 15.32 81.24
N ARG A 133 33.25 15.11 82.47
CA ARG A 133 34.29 14.20 82.78
C ARG A 133 35.51 14.56 81.97
N GLY A 134 35.79 15.82 81.69
CA GLY A 134 36.98 16.18 80.96
C GLY A 134 36.77 16.07 79.46
N LYS A 135 35.66 15.43 79.08
CA LYS A 135 35.41 15.30 77.65
C LYS A 135 34.39 16.30 77.13
N PRO A 136 34.61 16.81 75.95
CA PRO A 136 33.78 17.78 75.20
C PRO A 136 32.53 16.98 74.79
N ILE A 137 31.40 17.64 75.01
CA ILE A 137 30.08 17.02 74.71
C ILE A 137 29.50 17.88 73.58
N HIS A 138 28.86 17.20 72.65
CA HIS A 138 28.34 17.97 71.50
C HIS A 138 27.06 18.73 71.85
N HIS A 139 26.82 19.74 71.04
CA HIS A 139 25.62 20.54 71.05
C HIS A 139 24.68 19.83 70.04
N PHE A 140 23.40 20.13 70.05
CA PHE A 140 22.34 19.57 69.22
C PHE A 140 21.63 20.78 68.59
N LEU A 141 21.82 20.96 67.29
CA LEU A 141 21.17 21.99 66.57
C LEU A 141 21.28 23.36 67.20
N GLY A 142 22.45 23.71 67.77
CA GLY A 142 22.74 25.04 68.29
C GLY A 142 21.74 25.31 69.43
N THR A 143 21.22 24.29 70.15
CA THR A 143 20.29 24.55 71.20
C THR A 143 20.71 23.80 72.45
N SER A 144 20.42 22.50 72.61
CA SER A 144 20.88 21.72 73.76
C SER A 144 20.28 22.34 75.02
N THR A 145 19.04 22.08 75.16
CA THR A 145 18.26 22.65 76.25
C THR A 145 18.04 21.69 77.37
N PHE A 146 18.43 20.46 77.34
CA PHE A 146 18.30 19.50 78.44
C PHE A 146 19.51 19.66 79.39
N SER A 147 19.71 20.92 79.87
CA SER A 147 20.72 21.32 80.81
C SER A 147 20.20 22.52 81.57
N GLN A 148 20.63 22.74 82.75
CA GLN A 148 20.31 23.94 83.54
C GLN A 148 20.87 25.19 82.85
N TYR A 149 21.95 25.11 82.10
CA TYR A 149 22.51 26.23 81.43
C TYR A 149 22.98 25.83 80.01
N THR A 150 22.86 26.75 79.01
CA THR A 150 23.31 26.36 77.70
C THR A 150 23.90 27.60 77.08
N VAL A 151 24.64 27.48 76.00
CA VAL A 151 25.24 28.60 75.29
C VAL A 151 24.84 28.44 73.82
N VAL A 152 24.23 29.48 73.26
CA VAL A 152 23.76 29.50 71.88
C VAL A 152 24.30 30.72 71.11
N ASP A 153 24.34 30.59 69.78
CA ASP A 153 24.79 31.68 68.95
C ASP A 153 23.64 32.69 68.90
N GLU A 154 24.01 33.96 68.68
CA GLU A 154 23.05 35.03 68.56
C GLU A 154 21.99 34.79 67.47
N ILE A 155 22.36 34.28 66.30
CA ILE A 155 21.35 33.98 65.30
C ILE A 155 20.47 32.80 65.70
N SER A 156 20.73 32.09 66.82
CA SER A 156 19.90 31.01 67.27
C SER A 156 19.10 31.33 68.55
N VAL A 157 18.85 32.61 68.77
CA VAL A 157 18.08 32.92 69.96
C VAL A 157 17.14 34.12 69.67
N ALA A 158 15.97 34.06 70.29
CA ALA A 158 15.06 35.17 70.17
C ALA A 158 14.51 35.69 71.51
N LYS A 159 14.50 36.97 71.69
CA LYS A 159 13.97 37.64 72.86
C LYS A 159 12.47 37.68 72.77
N ILE A 160 11.77 37.27 73.78
CA ILE A 160 10.31 37.24 73.82
C ILE A 160 9.77 38.18 74.91
N ASP A 161 8.44 38.30 75.01
CA ASP A 161 7.79 39.11 76.01
C ASP A 161 8.16 38.69 77.44
N ALA A 162 8.61 39.71 78.17
CA ALA A 162 8.97 39.58 79.59
C ALA A 162 7.87 39.03 80.45
N ALA A 163 6.59 39.06 80.09
CA ALA A 163 5.61 38.43 81.03
C ALA A 163 5.11 37.08 80.55
N SER A 164 5.74 36.46 79.55
CA SER A 164 5.13 35.17 79.10
C SER A 164 5.49 34.06 80.08
N PRO A 165 4.61 33.09 80.20
CA PRO A 165 4.73 31.96 81.05
C PRO A 165 5.54 30.96 80.26
N LEU A 166 6.81 30.87 80.65
CA LEU A 166 7.84 30.04 80.03
C LEU A 166 7.56 28.57 80.08
N GLU A 167 6.78 28.11 81.01
CA GLU A 167 6.43 26.70 81.15
C GLU A 167 5.39 26.29 80.14
N LYS A 168 4.85 27.32 79.46
CA LYS A 168 3.89 27.17 78.39
C LYS A 168 4.55 27.48 77.08
N VAL A 169 5.00 28.71 76.88
CA VAL A 169 5.61 29.16 75.62
C VAL A 169 6.86 28.43 75.08
N CYS A 170 7.51 27.54 75.84
CA CYS A 170 8.58 26.76 75.41
C CYS A 170 7.92 25.95 74.23
N LEU A 171 6.70 25.51 74.21
CA LEU A 171 6.15 24.78 73.03
C LEU A 171 6.35 25.64 71.77
N ILE A 172 6.32 26.98 71.79
CA ILE A 172 6.54 27.69 70.57
C ILE A 172 7.90 27.49 69.96
N GLY A 173 8.80 26.88 70.65
CA GLY A 173 10.22 26.60 70.38
C GLY A 173 10.31 25.41 69.41
N CYS A 174 9.24 24.64 69.31
CA CYS A 174 9.16 23.58 68.34
C CYS A 174 7.76 23.04 68.07
N GLY A 175 7.15 22.13 68.83
CA GLY A 175 5.92 21.47 68.69
C GLY A 175 4.76 22.24 68.08
N PHE A 176 4.30 23.29 68.77
CA PHE A 176 3.24 24.15 68.42
C PHE A 176 3.57 24.87 67.13
N SER A 177 4.74 25.63 67.03
CA SER A 177 5.06 26.35 65.87
C SER A 177 5.12 25.56 64.53
N THR A 178 5.74 24.40 64.62
CA THR A 178 5.84 23.46 63.58
C THR A 178 4.43 23.03 63.06
N GLY A 179 3.64 22.48 63.97
CA GLY A 179 2.30 22.03 63.51
C GLY A 179 1.46 23.11 62.86
N TYR A 180 1.21 24.15 63.57
CA TYR A 180 0.49 25.33 63.22
C TYR A 180 0.94 25.95 61.93
N GLY A 181 2.21 26.25 61.81
CA GLY A 181 2.75 26.83 60.60
C GLY A 181 2.54 25.83 59.38
N SER A 182 2.74 24.55 59.61
CA SER A 182 2.59 23.55 58.57
C SER A 182 1.27 23.71 57.85
N ALA A 183 0.21 23.86 58.59
CA ALA A 183 -1.15 23.97 58.16
C ALA A 183 -1.39 25.34 57.53
N VAL A 184 -1.23 26.36 58.34
CA VAL A 184 -1.46 27.75 57.90
C VAL A 184 -0.46 28.45 57.01
N LYS A 185 0.79 28.13 57.05
CA LYS A 185 1.79 28.76 56.25
C LYS A 185 2.32 27.87 55.11
N VAL A 186 2.64 26.63 55.31
CA VAL A 186 3.17 25.79 54.27
C VAL A 186 2.00 25.19 53.44
N ALA A 187 1.06 24.44 54.03
CA ALA A 187 -0.02 23.92 53.25
C ALA A 187 -0.99 25.03 52.84
N LYS A 188 -1.26 25.98 53.78
CA LYS A 188 -2.17 27.10 53.54
C LYS A 188 -3.60 26.60 53.41
N VAL A 189 -4.01 25.89 54.41
CA VAL A 189 -5.36 25.34 54.49
C VAL A 189 -6.31 26.46 54.12
N THR A 190 -7.29 26.11 53.26
CA THR A 190 -8.31 27.15 52.88
C THR A 190 -9.58 26.86 53.68
N GLN A 191 -10.35 28.00 53.66
CA GLN A 191 -11.67 27.87 54.36
C GLN A 191 -12.60 26.88 53.66
N GLY A 192 -13.31 26.07 54.42
CA GLY A 192 -14.21 25.15 53.81
C GLY A 192 -13.61 23.84 53.40
N SER A 193 -12.27 23.71 53.47
CA SER A 193 -11.58 22.49 53.08
C SER A 193 -11.68 21.32 53.95
N THR A 194 -11.19 20.19 53.49
CA THR A 194 -11.16 18.88 54.19
C THR A 194 -9.65 18.57 54.37
N CYS A 195 -9.28 18.27 55.62
CA CYS A 195 -7.87 18.04 55.94
C CYS A 195 -7.73 16.63 56.54
N ALA A 196 -6.59 16.01 56.34
CA ALA A 196 -6.37 14.68 56.93
C ALA A 196 -4.96 14.82 57.64
N VAL A 197 -4.96 14.50 58.91
CA VAL A 197 -3.76 14.59 59.78
C VAL A 197 -3.34 13.23 60.34
N PHE A 198 -2.19 12.82 59.90
CA PHE A 198 -1.67 11.52 60.33
C PHE A 198 -0.69 11.70 61.47
N GLY A 199 -1.11 11.17 62.59
CA GLY A 199 -0.29 11.24 63.85
C GLY A 199 -0.91 12.30 64.74
N LEU A 200 -1.41 11.87 65.89
CA LEU A 200 -2.01 12.91 66.80
C LEU A 200 -1.23 13.18 68.08
N GLY A 201 0.08 13.43 68.01
CA GLY A 201 0.95 13.74 69.08
C GLY A 201 0.94 15.26 69.14
N GLY A 202 1.87 15.88 69.83
CA GLY A 202 1.83 17.26 69.95
C GLY A 202 1.90 18.09 68.68
N VAL A 203 2.73 17.58 67.75
CA VAL A 203 2.79 18.36 66.51
C VAL A 203 1.51 18.14 65.69
N GLY A 204 1.00 16.95 65.72
CA GLY A 204 -0.24 16.60 65.02
C GLY A 204 -1.47 17.45 65.49
N LEU A 205 -1.53 17.55 66.84
CA LEU A 205 -2.60 18.35 67.50
C LEU A 205 -2.49 19.80 67.07
N SER A 206 -1.23 20.27 67.00
CA SER A 206 -0.97 21.63 66.53
C SER A 206 -1.32 21.76 65.05
N VAL A 207 -1.27 20.67 64.29
CA VAL A 207 -1.56 20.71 62.90
C VAL A 207 -3.11 20.96 62.83
N ILE A 208 -3.79 20.17 63.66
CA ILE A 208 -5.23 20.30 63.74
C ILE A 208 -5.66 21.69 64.17
N MET A 209 -4.98 22.30 65.15
CA MET A 209 -5.31 23.64 65.56
C MET A 209 -5.16 24.61 64.40
N GLY A 210 -4.09 24.55 63.61
CA GLY A 210 -3.89 25.51 62.49
C GLY A 210 -5.01 25.24 61.43
N CYS A 211 -5.36 23.98 61.22
CA CYS A 211 -6.37 23.65 60.23
C CYS A 211 -7.72 24.35 60.65
N LYS A 212 -8.00 24.15 61.97
CA LYS A 212 -9.20 24.76 62.50
C LYS A 212 -9.16 26.29 62.39
N ALA A 213 -8.04 26.95 62.66
CA ALA A 213 -7.89 28.35 62.55
C ALA A 213 -7.96 28.86 61.12
N ALA A 214 -7.59 28.02 60.13
CA ALA A 214 -7.60 28.36 58.70
C ALA A 214 -9.04 28.28 58.16
N GLY A 215 -9.96 27.64 58.88
CA GLY A 215 -11.32 27.52 58.50
C GLY A 215 -11.71 26.21 57.85
N ALA A 216 -10.95 25.15 58.12
CA ALA A 216 -11.24 23.90 57.52
C ALA A 216 -12.63 23.41 57.99
N ALA A 217 -13.39 22.83 57.13
CA ALA A 217 -14.72 22.32 57.49
C ALA A 217 -14.64 20.93 58.04
N ARG A 218 -13.66 20.13 57.56
CA ARG A 218 -13.60 18.75 58.06
C ARG A 218 -12.12 18.57 58.43
N ILE A 219 -11.82 17.87 59.52
CA ILE A 219 -10.45 17.64 59.94
C ILE A 219 -10.44 16.21 60.37
N ILE A 220 -9.87 15.29 59.60
CA ILE A 220 -9.89 13.87 60.03
C ILE A 220 -8.54 13.56 60.59
N GLY A 221 -8.55 13.07 61.82
CA GLY A 221 -7.35 12.72 62.55
C GLY A 221 -7.06 11.25 62.37
N VAL A 222 -5.80 10.85 62.03
CA VAL A 222 -5.60 9.41 61.87
C VAL A 222 -4.54 8.94 62.82
N ASP A 223 -4.79 7.84 63.59
CA ASP A 223 -3.83 7.38 64.51
C ASP A 223 -4.06 5.95 64.87
N ILE A 224 -3.08 5.09 65.09
CA ILE A 224 -3.33 3.69 65.46
C ILE A 224 -3.55 3.61 66.99
N ASN A 225 -3.43 4.80 67.70
CA ASN A 225 -3.65 4.76 69.13
C ASN A 225 -4.94 5.52 69.45
N LYS A 226 -6.00 4.76 69.64
CA LYS A 226 -7.28 5.43 69.94
C LYS A 226 -7.37 6.28 71.19
N ASP A 227 -6.44 6.16 72.13
CA ASP A 227 -6.49 7.08 73.31
C ASP A 227 -6.18 8.53 72.87
N LYS A 228 -5.69 8.71 71.62
CA LYS A 228 -5.42 9.98 71.15
C LYS A 228 -6.65 10.69 70.59
N PHE A 229 -7.70 10.00 70.31
CA PHE A 229 -8.85 10.65 69.65
C PHE A 229 -9.59 11.79 70.32
N ALA A 230 -9.81 11.56 71.63
CA ALA A 230 -10.47 12.58 72.44
C ALA A 230 -9.87 13.97 72.38
N LYS A 231 -8.55 13.98 72.67
CA LYS A 231 -7.93 15.35 72.61
C LYS A 231 -7.94 15.94 71.22
N ALA A 232 -7.74 15.04 70.21
CA ALA A 232 -7.76 15.51 68.82
C ALA A 232 -9.10 16.19 68.51
N LYS A 233 -10.17 15.56 68.98
CA LYS A 233 -11.50 16.08 68.81
C LYS A 233 -11.60 17.43 69.49
N GLU A 234 -11.08 17.44 70.77
CA GLU A 234 -11.13 18.74 71.53
C GLU A 234 -10.42 19.86 70.79
N VAL A 235 -9.26 19.64 70.09
CA VAL A 235 -8.69 20.80 69.41
C VAL A 235 -9.17 21.06 68.01
N GLY A 236 -10.20 20.30 67.50
CA GLY A 236 -10.70 20.62 66.15
C GLY A 236 -10.99 19.39 65.28
N ALA A 237 -10.58 18.20 65.64
CA ALA A 237 -10.80 17.11 64.68
C ALA A 237 -12.31 16.83 64.66
N THR A 238 -12.89 16.70 63.48
CA THR A 238 -14.30 16.43 63.30
C THR A 238 -14.48 14.98 63.29
N GLU A 239 -13.52 14.19 62.88
CA GLU A 239 -13.64 12.68 62.90
C GLU A 239 -12.24 12.13 63.18
N CYS A 240 -12.14 10.97 63.66
CA CYS A 240 -10.88 10.32 63.92
C CYS A 240 -10.97 8.89 63.37
N VAL A 241 -9.92 8.43 62.74
CA VAL A 241 -9.89 7.08 62.16
C VAL A 241 -8.72 6.25 62.59
N ASN A 242 -8.89 4.99 62.90
CA ASN A 242 -7.80 4.14 63.33
C ASN A 242 -7.63 3.11 62.21
N PRO A 243 -6.57 3.17 61.47
CA PRO A 243 -6.27 2.29 60.38
C PRO A 243 -6.40 0.88 60.77
N GLN A 244 -6.23 0.42 61.98
CA GLN A 244 -6.33 -0.96 62.41
C GLN A 244 -7.73 -1.46 62.48
N ASP A 245 -8.67 -0.50 62.40
CA ASP A 245 -10.09 -0.94 62.45
C ASP A 245 -10.66 -1.37 61.07
N TYR A 246 -9.90 -1.07 59.95
CA TYR A 246 -10.39 -1.43 58.66
C TYR A 246 -9.75 -2.60 57.94
N LYS A 247 -10.53 -3.17 57.00
CA LYS A 247 -9.93 -4.27 56.24
C LYS A 247 -9.17 -3.76 55.02
N LYS A 248 -9.38 -2.53 54.61
CA LYS A 248 -8.72 -1.96 53.46
C LYS A 248 -7.76 -0.84 53.82
N PRO A 249 -6.78 -0.54 53.02
CA PRO A 249 -5.77 0.46 53.23
C PRO A 249 -6.44 1.77 53.56
N ILE A 250 -5.86 2.54 54.47
CA ILE A 250 -6.45 3.75 54.96
C ILE A 250 -6.63 4.82 53.89
N GLN A 251 -5.73 4.89 52.86
CA GLN A 251 -5.92 5.85 51.81
C GLN A 251 -7.26 5.49 51.12
N GLU A 252 -7.62 4.21 50.92
CA GLU A 252 -8.91 3.95 50.29
C GLU A 252 -9.99 4.52 51.21
N VAL A 253 -9.96 4.15 52.50
CA VAL A 253 -10.98 4.67 53.40
C VAL A 253 -11.11 6.19 53.38
N LEU A 254 -10.00 6.91 53.39
CA LEU A 254 -10.05 8.35 53.41
C LEU A 254 -10.51 8.99 52.12
N THR A 255 -10.16 8.32 51.02
CA THR A 255 -10.57 8.86 49.73
C THR A 255 -12.11 8.64 49.71
N GLU A 256 -12.62 7.50 50.13
CA GLU A 256 -14.01 7.21 50.16
C GLU A 256 -14.70 8.32 50.97
N MET A 257 -14.31 8.40 52.25
CA MET A 257 -14.92 9.38 53.16
C MET A 257 -14.75 10.75 52.75
N SER A 258 -13.80 11.18 51.87
CA SER A 258 -13.71 12.58 51.45
C SER A 258 -14.32 12.79 50.08
N ASN A 259 -15.05 11.75 49.68
CA ASN A 259 -15.65 11.76 48.32
C ASN A 259 -14.68 12.02 47.21
N GLY A 260 -13.51 11.29 47.23
CA GLY A 260 -12.57 11.50 46.17
C GLY A 260 -11.24 11.98 46.56
N GLY A 261 -10.96 12.26 47.88
CA GLY A 261 -9.65 12.70 48.27
C GLY A 261 -9.69 14.07 48.93
N VAL A 262 -8.80 14.27 49.97
CA VAL A 262 -8.78 15.48 50.71
C VAL A 262 -8.04 16.60 50.01
N ASP A 263 -8.32 17.83 50.43
CA ASP A 263 -7.65 18.91 49.84
C ASP A 263 -6.27 19.09 50.42
N PHE A 264 -6.08 18.71 51.72
CA PHE A 264 -4.82 18.86 52.41
C PHE A 264 -4.51 17.72 53.31
N SER A 265 -3.35 17.05 53.18
CA SER A 265 -3.08 15.90 54.13
C SER A 265 -1.72 16.25 54.78
N PHE A 266 -1.48 15.65 55.91
CA PHE A 266 -0.23 15.94 56.71
C PHE A 266 0.29 14.67 57.33
N GLU A 267 1.58 14.37 57.16
CA GLU A 267 2.20 13.18 57.73
C GLU A 267 2.96 13.80 58.94
N VAL A 268 2.57 13.35 60.09
CA VAL A 268 3.13 13.90 61.33
C VAL A 268 3.53 12.76 62.26
N ILE A 269 4.13 11.72 61.67
CA ILE A 269 4.51 10.55 62.45
C ILE A 269 5.99 10.32 62.27
N GLY A 270 6.45 10.14 61.03
CA GLY A 270 7.84 9.90 60.71
C GLY A 270 7.97 8.46 60.19
N ARG A 271 7.16 8.03 59.24
CA ARG A 271 7.24 6.75 58.62
C ARG A 271 7.16 6.82 57.09
N LEU A 272 8.04 6.07 56.39
CA LEU A 272 8.04 6.06 54.96
C LEU A 272 6.65 5.70 54.34
N ASP A 273 6.01 4.73 54.81
CA ASP A 273 4.75 4.31 54.31
C ASP A 273 3.61 5.32 54.47
N THR A 274 3.58 6.01 55.65
CA THR A 274 2.49 6.95 55.91
C THR A 274 2.75 8.11 55.06
N MET A 275 4.03 8.41 54.75
CA MET A 275 4.27 9.57 53.90
C MET A 275 3.60 9.33 52.53
N VAL A 276 3.82 8.22 51.90
CA VAL A 276 3.25 7.86 50.63
C VAL A 276 1.71 7.75 50.82
N THR A 277 1.20 7.05 51.83
CA THR A 277 -0.21 7.02 52.05
C THR A 277 -0.88 8.41 52.22
N ALA A 278 -0.23 9.34 52.90
CA ALA A 278 -0.80 10.68 53.09
C ALA A 278 -0.87 11.38 51.76
N LEU A 279 0.21 11.25 50.91
CA LEU A 279 0.17 11.86 49.61
C LEU A 279 -1.01 11.27 48.77
N SER A 280 -1.22 10.00 48.79
CA SER A 280 -2.25 9.41 48.02
C SER A 280 -3.68 9.79 48.37
N CYS A 281 -4.01 9.91 49.67
CA CYS A 281 -5.35 10.20 50.20
C CYS A 281 -5.67 11.66 49.81
N CYS A 282 -4.81 12.52 49.30
CA CYS A 282 -5.16 13.85 48.94
C CYS A 282 -5.63 13.75 47.46
N GLN A 283 -6.60 14.56 47.04
CA GLN A 283 -7.23 14.58 45.74
C GLN A 283 -6.11 14.73 44.71
N GLU A 284 -6.10 13.70 43.81
CA GLU A 284 -5.13 13.63 42.70
C GLU A 284 -5.07 14.81 41.81
N ALA A 285 -6.14 15.61 41.56
CA ALA A 285 -5.81 16.75 40.65
C ALA A 285 -5.37 17.96 41.37
N TYR A 286 -5.84 18.26 42.59
CA TYR A 286 -5.42 19.48 43.26
C TYR A 286 -5.11 19.31 44.75
N GLY A 287 -4.96 18.10 45.29
CA GLY A 287 -4.62 17.91 46.66
C GLY A 287 -3.22 18.38 46.98
N VAL A 288 -2.99 18.74 48.27
CA VAL A 288 -1.69 19.19 48.72
C VAL A 288 -1.31 18.26 49.85
N SER A 289 -0.09 17.78 49.91
CA SER A 289 0.29 16.84 51.02
C SER A 289 1.63 17.42 51.63
N VAL A 290 1.61 17.55 52.99
CA VAL A 290 2.81 18.12 53.62
C VAL A 290 3.46 17.12 54.60
N ILE A 291 4.77 16.91 54.37
CA ILE A 291 5.56 15.98 55.19
C ILE A 291 6.08 16.74 56.44
N VAL A 292 5.70 16.36 57.63
CA VAL A 292 6.20 17.12 58.77
C VAL A 292 7.10 16.16 59.59
N GLY A 293 6.72 14.89 59.69
CA GLY A 293 7.42 13.86 60.36
C GLY A 293 8.85 13.59 59.86
N VAL A 294 9.71 13.17 60.80
CA VAL A 294 11.14 12.86 60.43
C VAL A 294 11.30 11.41 60.18
N PRO A 295 11.80 11.03 59.01
CA PRO A 295 11.96 9.64 58.65
C PRO A 295 13.27 9.12 59.24
N PRO A 296 13.38 7.83 59.29
CA PRO A 296 14.54 7.07 59.72
C PRO A 296 15.71 7.45 58.87
N ASP A 297 16.80 7.92 59.47
CA ASP A 297 18.00 8.35 58.75
C ASP A 297 18.47 7.51 57.54
N SER A 298 18.72 8.21 56.49
CA SER A 298 19.20 7.77 55.22
C SER A 298 18.33 6.81 54.42
N GLN A 299 17.11 6.50 54.78
CA GLN A 299 16.24 5.61 54.13
C GLN A 299 15.41 6.33 53.04
N ASN A 300 15.27 5.71 51.89
CA ASN A 300 14.47 6.20 50.83
C ASN A 300 13.08 5.56 50.82
N LEU A 301 12.18 6.35 50.19
CA LEU A 301 10.82 5.77 50.08
C LEU A 301 10.71 5.49 48.49
N SER A 302 9.69 4.74 48.19
CA SER A 302 9.28 4.36 46.89
C SER A 302 7.87 4.87 46.57
N MET A 303 7.67 5.51 45.46
CA MET A 303 6.32 5.97 45.13
C MET A 303 6.15 6.09 43.62
N ASN A 304 4.88 6.02 43.17
CA ASN A 304 4.61 6.15 41.75
C ASN A 304 4.51 7.59 41.39
N PRO A 305 5.35 8.11 40.51
CA PRO A 305 5.36 9.50 40.09
C PRO A 305 4.00 9.88 39.47
N MET A 306 3.13 8.96 39.07
CA MET A 306 1.83 9.32 38.55
C MET A 306 0.94 9.99 39.60
N LEU A 307 1.29 9.82 40.89
CA LEU A 307 0.57 10.44 41.99
C LEU A 307 0.73 11.95 41.89
N LEU A 308 1.88 12.43 41.41
CA LEU A 308 2.16 13.83 41.20
C LEU A 308 1.75 14.33 39.82
N LEU A 309 1.91 13.50 38.77
CA LEU A 309 1.64 13.90 37.38
C LEU A 309 0.12 14.31 37.22
N SER A 310 -0.77 13.64 37.91
CA SER A 310 -2.15 14.04 37.84
C SER A 310 -2.45 15.43 38.38
N GLY A 311 -1.56 16.12 39.17
CA GLY A 311 -1.63 17.50 39.67
C GLY A 311 -1.28 17.63 41.19
N ARG A 312 -1.18 16.55 41.98
CA ARG A 312 -0.85 16.71 43.38
C ARG A 312 0.40 17.57 43.65
N THR A 313 0.44 18.13 44.87
CA THR A 313 1.57 18.94 45.33
C THR A 313 2.12 18.21 46.60
N TRP A 314 3.36 17.97 46.63
CA TRP A 314 3.99 17.26 47.76
C TRP A 314 5.10 18.20 48.29
N LYS A 315 5.06 18.49 49.55
CA LYS A 315 6.04 19.36 50.16
C LYS A 315 6.33 19.01 51.65
N GLY A 316 7.34 19.66 52.21
CA GLY A 316 7.65 19.37 53.63
C GLY A 316 8.27 20.66 54.17
N ALA A 317 8.42 20.64 55.49
CA ALA A 317 9.07 21.85 56.08
C ALA A 317 9.57 21.57 57.49
N ILE A 318 10.57 22.40 57.84
CA ILE A 318 11.13 22.33 59.18
C ILE A 318 10.50 23.52 59.93
N PHE A 319 9.96 23.29 61.07
CA PHE A 319 9.40 24.34 61.97
C PHE A 319 8.24 25.13 61.40
N GLY A 320 7.28 24.37 60.80
CA GLY A 320 6.13 25.02 60.13
C GLY A 320 6.47 26.08 59.13
N GLY A 321 7.65 26.26 58.50
CA GLY A 321 7.98 27.29 57.56
C GLY A 321 8.32 28.64 58.10
N PHE A 322 8.19 28.78 59.42
CA PHE A 322 8.49 30.13 60.02
C PHE A 322 9.94 30.49 60.03
N LYS A 323 10.29 31.70 59.70
CA LYS A 323 11.60 32.30 59.73
C LYS A 323 11.71 32.45 61.32
N SER A 324 12.54 31.65 61.96
CA SER A 324 12.72 31.55 63.34
C SER A 324 12.78 32.81 64.21
N LYS A 325 13.70 33.67 64.01
CA LYS A 325 13.84 34.83 64.84
C LYS A 325 12.72 35.83 64.69
N ASP A 326 12.20 35.99 63.45
CA ASP A 326 11.14 36.92 63.28
C ASP A 326 9.83 36.34 63.77
N SER A 327 9.48 35.14 63.67
CA SER A 327 8.22 34.62 64.14
C SER A 327 8.00 34.28 65.57
N VAL A 328 9.00 33.77 66.25
CA VAL A 328 8.94 33.40 67.63
C VAL A 328 8.35 34.47 68.55
N PRO A 329 8.93 35.64 68.53
CA PRO A 329 8.42 36.80 69.30
C PRO A 329 6.99 37.12 68.93
N LYS A 330 6.61 37.12 67.63
CA LYS A 330 5.20 37.38 67.22
C LYS A 330 4.32 36.26 67.72
N LEU A 331 4.82 35.01 67.65
CA LEU A 331 4.00 33.89 68.14
C LEU A 331 3.66 34.02 69.58
N VAL A 332 4.66 34.41 70.40
CA VAL A 332 4.49 34.59 71.86
C VAL A 332 3.49 35.72 72.10
N ALA A 333 3.72 36.80 71.33
CA ALA A 333 2.75 37.95 71.46
C ALA A 333 1.33 37.44 71.16
N ASP A 334 1.11 36.74 70.07
CA ASP A 334 -0.21 36.16 69.80
C ASP A 334 -0.73 35.28 70.93
N PHE A 335 0.14 34.50 71.52
CA PHE A 335 -0.26 33.65 72.60
C PHE A 335 -0.63 34.56 73.81
N MET A 336 0.15 35.62 74.03
CA MET A 336 -0.22 36.44 75.19
C MET A 336 -1.61 37.02 74.91
N ALA A 337 -2.04 37.38 73.70
CA ALA A 337 -3.27 37.93 73.31
C ALA A 337 -4.33 36.89 73.18
N LYS A 338 -4.06 35.68 73.54
CA LYS A 338 -4.94 34.54 73.44
C LYS A 338 -5.41 34.10 72.05
N LYS A 339 -4.61 34.34 70.98
CA LYS A 339 -4.98 33.94 69.64
C LYS A 339 -5.02 32.41 69.46
N PHE A 340 -4.26 31.68 70.28
CA PHE A 340 -4.24 30.22 70.25
C PHE A 340 -3.91 29.67 71.65
N ALA A 341 -4.15 28.44 71.89
CA ALA A 341 -3.88 27.77 73.15
C ALA A 341 -2.79 26.73 73.09
N LEU A 342 -2.04 26.57 74.18
CA LEU A 342 -0.90 25.66 74.41
C LEU A 342 -1.22 24.63 75.42
N ASP A 343 -2.13 24.88 76.39
CA ASP A 343 -2.51 23.92 77.42
C ASP A 343 -2.95 22.59 76.93
N PRO A 344 -3.73 22.44 75.89
CA PRO A 344 -4.18 21.15 75.34
C PRO A 344 -3.02 20.18 74.99
N LEU A 345 -1.83 20.64 74.63
CA LEU A 345 -0.65 19.88 74.32
C LEU A 345 0.07 19.45 75.55
N ILE A 346 -0.30 20.10 76.74
CA ILE A 346 0.46 19.75 77.98
C ILE A 346 -0.25 18.68 78.81
N THR A 347 0.20 17.48 78.93
CA THR A 347 -0.51 16.53 79.71
C THR A 347 0.32 16.12 80.92
N HIS A 348 1.64 16.45 81.00
CA HIS A 348 2.47 16.06 82.14
C HIS A 348 3.54 17.15 82.40
N VAL A 349 3.78 17.38 83.66
CA VAL A 349 4.79 18.40 84.09
C VAL A 349 5.72 17.61 85.01
N LEU A 350 7.02 17.64 84.88
CA LEU A 350 7.96 16.91 85.74
C LEU A 350 9.19 17.77 85.93
N PRO A 351 9.87 17.55 87.02
CA PRO A 351 11.09 18.28 87.39
C PRO A 351 12.14 17.76 86.41
N PHE A 352 13.06 18.59 85.94
CA PHE A 352 14.08 18.14 85.02
C PHE A 352 14.74 16.81 85.34
N GLU A 353 15.05 16.46 86.55
CA GLU A 353 15.75 15.28 87.07
C GLU A 353 15.01 14.02 86.69
N LYS A 354 13.73 14.16 86.36
CA LYS A 354 12.95 13.00 85.96
C LYS A 354 12.77 12.87 84.43
N ILE A 355 13.68 13.45 83.70
CA ILE A 355 13.69 13.43 82.26
C ILE A 355 13.44 12.06 81.70
N ASN A 356 14.05 11.00 82.25
CA ASN A 356 13.91 9.60 81.81
C ASN A 356 12.50 9.08 81.84
N GLU A 357 11.84 9.50 82.91
CA GLU A 357 10.44 9.12 83.13
C GLU A 357 9.58 9.85 82.06
N GLY A 358 10.02 11.00 81.64
CA GLY A 358 9.42 11.84 80.68
C GLY A 358 9.39 11.12 79.32
N PHE A 359 10.50 10.50 79.02
CA PHE A 359 10.67 9.78 77.75
C PHE A 359 9.85 8.50 77.84
N ASP A 360 9.80 7.88 78.97
CA ASP A 360 8.99 6.70 79.10
C ASP A 360 7.50 6.99 78.87
N LEU A 361 7.01 8.14 79.30
CA LEU A 361 5.62 8.50 79.10
C LEU A 361 5.41 8.70 77.57
N LEU A 362 6.36 9.29 76.89
CA LEU A 362 6.26 9.54 75.45
C LEU A 362 6.18 8.20 74.73
N ARG A 363 7.18 7.34 75.03
CA ARG A 363 7.30 6.04 74.45
C ARG A 363 6.15 5.11 74.68
N SER A 364 5.55 5.17 75.80
CA SER A 364 4.43 4.26 76.09
C SER A 364 3.11 4.73 75.47
N GLY A 365 3.11 5.91 74.85
CA GLY A 365 1.95 6.46 74.25
C GLY A 365 1.08 7.20 75.26
N GLU A 366 1.54 7.35 76.52
CA GLU A 366 0.67 8.04 77.48
C GLU A 366 0.67 9.57 77.31
N SER A 367 1.75 10.20 76.90
CA SER A 367 1.63 11.63 76.86
C SER A 367 1.65 12.28 75.50
N ILE A 368 1.44 13.63 75.61
CA ILE A 368 1.48 14.45 74.42
C ILE A 368 2.85 15.11 74.73
N ARG A 369 2.80 16.25 75.32
CA ARG A 369 3.99 16.95 75.70
C ARG A 369 4.16 16.86 77.25
N THR A 370 5.35 16.50 77.66
CA THR A 370 5.71 16.45 79.04
C THR A 370 6.54 17.74 79.18
N ILE A 371 6.30 18.62 80.10
CA ILE A 371 7.15 19.82 80.22
C ILE A 371 8.15 19.55 81.38
N LEU A 372 9.39 19.80 81.26
CA LEU A 372 10.41 19.58 82.27
C LEU A 372 10.73 20.95 82.88
N THR A 373 10.62 20.99 84.22
CA THR A 373 10.96 22.31 84.84
C THR A 373 12.32 22.16 85.58
N PHE A 374 13.10 23.23 85.50
CA PHE A 374 14.41 23.31 86.12
C PHE A 374 14.40 23.83 87.57
N SER B 1 -25.32 -10.47 -82.58
CA SER B 1 -24.95 -11.42 -81.48
C SER B 1 -24.22 -12.61 -82.13
N THR B 2 -24.96 -13.30 -83.04
CA THR B 2 -24.28 -14.38 -83.77
C THR B 2 -23.81 -13.76 -85.08
N ALA B 3 -24.26 -12.54 -85.36
CA ALA B 3 -23.86 -11.95 -86.66
C ALA B 3 -22.35 -11.99 -86.92
N GLY B 4 -21.91 -12.14 -88.13
CA GLY B 4 -20.52 -12.19 -88.52
C GLY B 4 -19.80 -13.41 -87.95
N LYS B 5 -20.39 -14.43 -87.33
CA LYS B 5 -19.64 -15.51 -86.84
C LYS B 5 -20.29 -16.88 -87.15
N VAL B 6 -19.51 -17.95 -87.17
CA VAL B 6 -19.98 -19.27 -87.41
C VAL B 6 -21.04 -19.63 -86.39
N ILE B 7 -22.03 -20.43 -86.76
CA ILE B 7 -23.00 -20.77 -85.75
C ILE B 7 -22.93 -22.26 -85.63
N LYS B 8 -23.09 -22.93 -84.52
CA LYS B 8 -23.03 -24.38 -84.47
C LYS B 8 -24.48 -24.72 -84.22
N CYS B 9 -25.07 -25.68 -84.90
CA CYS B 9 -26.49 -25.98 -84.68
C CYS B 9 -26.75 -27.38 -85.23
N LYS B 10 -27.97 -27.78 -85.07
CA LYS B 10 -28.46 -29.11 -85.48
C LYS B 10 -28.99 -28.99 -86.90
N ALA B 11 -28.78 -30.04 -87.65
CA ALA B 11 -29.17 -30.09 -89.08
C ALA B 11 -29.39 -31.54 -89.35
N ALA B 12 -30.29 -31.97 -90.20
CA ALA B 12 -30.48 -33.41 -90.51
C ALA B 12 -29.65 -33.64 -91.75
N VAL B 13 -28.56 -34.35 -91.67
CA VAL B 13 -27.63 -34.57 -92.82
C VAL B 13 -27.96 -35.88 -93.45
N LEU B 14 -27.90 -35.92 -94.74
CA LEU B 14 -28.21 -37.18 -95.51
C LEU B 14 -26.78 -37.52 -96.04
N TRP B 15 -26.30 -38.58 -95.41
CA TRP B 15 -24.89 -38.95 -95.79
C TRP B 15 -24.94 -39.89 -97.03
N GLU B 16 -26.00 -40.68 -97.15
CA GLU B 16 -25.96 -41.53 -98.33
C GLU B 16 -27.38 -41.90 -98.74
N GLU B 17 -27.58 -42.15 -100.05
CA GLU B 17 -28.98 -42.45 -100.30
C GLU B 17 -29.57 -43.67 -99.67
N LYS B 18 -30.89 -43.73 -99.56
CA LYS B 18 -31.58 -44.86 -98.95
C LYS B 18 -31.40 -44.96 -97.44
N LYS B 19 -30.77 -44.05 -96.78
CA LYS B 19 -30.59 -44.04 -95.38
C LYS B 19 -31.39 -42.95 -94.68
N PRO B 20 -31.68 -43.19 -93.42
CA PRO B 20 -32.37 -42.26 -92.53
C PRO B 20 -31.54 -41.03 -92.44
N PHE B 21 -32.21 -39.96 -92.08
CA PHE B 21 -31.41 -38.68 -91.98
C PHE B 21 -30.67 -38.76 -90.63
N SER B 22 -29.53 -38.11 -90.56
CA SER B 22 -28.78 -38.11 -89.29
C SER B 22 -28.82 -36.74 -88.64
N ILE B 23 -29.54 -36.60 -87.56
CA ILE B 23 -29.56 -35.27 -86.86
C ILE B 23 -28.19 -35.08 -86.22
N GLU B 24 -27.32 -34.21 -86.63
CA GLU B 24 -25.97 -33.98 -86.10
C GLU B 24 -25.75 -32.43 -85.98
N GLU B 25 -24.63 -32.11 -85.43
CA GLU B 25 -24.15 -30.80 -85.25
C GLU B 25 -23.40 -30.41 -86.56
N VAL B 26 -23.64 -29.19 -87.03
CA VAL B 26 -23.03 -28.70 -88.20
C VAL B 26 -22.63 -27.28 -87.90
N GLU B 27 -21.85 -26.67 -88.76
CA GLU B 27 -21.43 -25.32 -88.55
C GLU B 27 -21.80 -24.54 -89.85
N VAL B 28 -22.48 -23.42 -89.66
CA VAL B 28 -23.01 -22.61 -90.65
C VAL B 28 -22.21 -21.39 -90.65
N ALA B 29 -21.52 -21.16 -91.73
CA ALA B 29 -20.66 -19.99 -91.90
C ALA B 29 -21.55 -18.76 -91.99
N PRO B 30 -21.01 -17.60 -91.69
CA PRO B 30 -21.76 -16.37 -91.76
C PRO B 30 -21.92 -16.03 -93.25
N PRO B 31 -22.91 -15.23 -93.66
CA PRO B 31 -23.20 -14.87 -95.00
C PRO B 31 -22.15 -13.99 -95.64
N LYS B 32 -21.96 -14.20 -96.96
CA LYS B 32 -21.02 -13.40 -97.71
C LYS B 32 -21.75 -12.33 -98.42
N ALA B 33 -21.10 -11.62 -99.30
CA ALA B 33 -21.81 -10.54 -100.06
C ALA B 33 -23.06 -11.11 -100.70
N HIS B 34 -24.17 -10.45 -100.59
CA HIS B 34 -25.47 -10.79 -101.13
C HIS B 34 -26.00 -12.14 -100.67
N GLU B 35 -25.66 -12.62 -99.51
CA GLU B 35 -26.10 -13.84 -98.92
C GLU B 35 -26.94 -13.50 -97.67
N VAL B 36 -27.81 -14.43 -97.23
CA VAL B 36 -28.67 -14.16 -96.11
C VAL B 36 -28.72 -15.37 -95.21
N ARG B 37 -28.50 -15.17 -93.86
CA ARG B 37 -28.52 -16.28 -92.99
C ARG B 37 -29.90 -16.26 -92.30
N ILE B 38 -30.68 -17.34 -92.28
CA ILE B 38 -31.95 -17.45 -91.78
C ILE B 38 -32.06 -18.52 -90.73
N LYS B 39 -32.88 -18.16 -89.72
CA LYS B 39 -33.18 -19.04 -88.59
C LYS B 39 -34.48 -19.75 -88.96
N MET B 40 -34.42 -21.06 -89.19
CA MET B 40 -35.60 -21.75 -89.58
C MET B 40 -36.59 -21.88 -88.45
N VAL B 41 -37.87 -21.61 -88.85
CA VAL B 41 -38.98 -21.73 -87.93
C VAL B 41 -39.82 -22.86 -88.34
N ALA B 42 -40.08 -23.15 -89.60
CA ALA B 42 -40.94 -24.33 -89.91
C ALA B 42 -40.54 -24.93 -91.27
N THR B 43 -40.58 -26.22 -91.47
CA THR B 43 -40.24 -26.75 -92.79
C THR B 43 -41.15 -27.90 -93.04
N GLY B 44 -41.65 -28.02 -94.34
CA GLY B 44 -42.58 -29.15 -94.58
C GLY B 44 -41.84 -30.33 -95.23
N ILE B 45 -42.41 -31.51 -95.00
CA ILE B 45 -41.75 -32.69 -95.65
C ILE B 45 -42.46 -32.93 -97.00
N CYS B 46 -41.86 -32.46 -98.09
CA CYS B 46 -42.41 -32.64 -99.47
C CYS B 46 -41.92 -33.95 -100.10
N ARG B 47 -42.68 -34.61 -100.99
CA ARG B 47 -42.20 -35.87 -101.56
C ARG B 47 -40.85 -35.70 -102.32
N SER B 48 -40.45 -34.53 -102.83
CA SER B 48 -39.25 -34.35 -103.52
C SER B 48 -37.98 -34.54 -102.61
N ASP B 49 -38.15 -34.26 -101.29
CA ASP B 49 -37.11 -34.37 -100.35
C ASP B 49 -36.87 -35.88 -100.22
N ASP B 50 -37.91 -36.67 -100.12
CA ASP B 50 -37.82 -38.11 -100.10
C ASP B 50 -37.16 -38.60 -101.46
N HIS B 51 -37.36 -37.88 -102.59
CA HIS B 51 -36.75 -38.22 -103.85
C HIS B 51 -35.19 -38.05 -103.75
N VAL B 52 -34.73 -37.10 -102.89
CA VAL B 52 -33.28 -37.01 -102.75
C VAL B 52 -32.77 -38.31 -102.03
N VAL B 53 -33.55 -38.84 -101.08
CA VAL B 53 -33.18 -40.02 -100.39
C VAL B 53 -33.19 -41.25 -101.28
N SER B 54 -34.25 -41.49 -102.02
CA SER B 54 -34.46 -42.65 -102.86
C SER B 54 -33.58 -42.65 -104.11
N GLY B 55 -33.01 -41.58 -104.51
CA GLY B 55 -32.20 -41.51 -105.70
C GLY B 55 -33.06 -40.94 -106.89
N THR B 56 -34.38 -40.83 -106.78
CA THR B 56 -35.23 -40.31 -107.79
C THR B 56 -34.83 -38.95 -108.31
N LEU B 57 -34.44 -38.10 -107.36
CA LEU B 57 -34.00 -36.75 -107.70
C LEU B 57 -32.55 -36.68 -107.28
N VAL B 58 -31.67 -36.57 -108.25
CA VAL B 58 -30.23 -36.53 -108.10
C VAL B 58 -29.61 -35.24 -107.72
N THR B 59 -28.82 -35.17 -106.63
CA THR B 59 -28.14 -33.91 -106.31
C THR B 59 -26.97 -34.43 -105.47
N PRO B 60 -25.86 -33.80 -105.44
CA PRO B 60 -24.67 -34.26 -104.71
C PRO B 60 -24.83 -34.41 -103.18
N LEU B 61 -24.43 -35.60 -102.70
CA LEU B 61 -24.41 -36.04 -101.30
C LEU B 61 -22.98 -35.88 -100.79
N PRO B 62 -22.79 -35.82 -99.49
CA PRO B 62 -23.84 -35.80 -98.48
C PRO B 62 -24.51 -34.42 -98.64
N VAL B 63 -25.74 -34.42 -98.16
CA VAL B 63 -26.49 -33.10 -98.28
C VAL B 63 -27.46 -32.79 -97.16
N ILE B 64 -27.71 -31.43 -97.04
CA ILE B 64 -28.74 -30.94 -96.14
C ILE B 64 -29.93 -30.70 -97.09
N ALA B 65 -30.95 -31.53 -97.03
CA ALA B 65 -32.15 -31.36 -97.92
C ALA B 65 -33.16 -30.45 -97.31
N GLY B 66 -34.41 -30.38 -97.75
CA GLY B 66 -35.43 -29.57 -97.32
C GLY B 66 -35.51 -28.34 -98.21
N HIS B 67 -36.80 -28.02 -98.69
CA HIS B 67 -36.79 -26.79 -99.51
C HIS B 67 -38.09 -26.01 -99.32
N GLU B 68 -38.98 -26.69 -98.57
CA GLU B 68 -40.32 -26.06 -98.30
C GLU B 68 -40.31 -25.49 -96.89
N ALA B 69 -39.99 -24.19 -96.74
CA ALA B 69 -39.87 -23.65 -95.39
C ALA B 69 -40.08 -22.16 -95.19
N ALA B 70 -40.07 -21.81 -93.87
CA ALA B 70 -40.21 -20.39 -93.58
C ALA B 70 -39.36 -20.10 -92.33
N GLY B 71 -38.68 -18.93 -92.36
CA GLY B 71 -37.83 -18.64 -91.16
C GLY B 71 -37.69 -17.15 -90.93
N ILE B 72 -36.66 -16.75 -90.16
CA ILE B 72 -36.46 -15.32 -89.88
C ILE B 72 -35.02 -14.98 -90.15
N VAL B 73 -34.74 -13.89 -90.77
CA VAL B 73 -33.40 -13.51 -91.09
C VAL B 73 -32.64 -13.24 -89.81
N GLU B 74 -31.57 -14.03 -89.65
CA GLU B 74 -30.62 -13.81 -88.49
C GLU B 74 -29.62 -12.68 -88.92
N SER B 75 -29.10 -12.66 -90.09
CA SER B 75 -28.20 -11.62 -90.52
C SER B 75 -28.12 -11.66 -92.07
N ILE B 76 -27.65 -10.55 -92.65
CA ILE B 76 -27.48 -10.45 -94.07
C ILE B 76 -26.06 -10.11 -94.42
N GLY B 77 -25.56 -10.49 -95.57
CA GLY B 77 -24.21 -10.23 -96.04
C GLY B 77 -24.23 -8.84 -96.62
N GLU B 78 -23.11 -8.35 -97.01
CA GLU B 78 -23.00 -7.00 -97.57
C GLU B 78 -23.71 -6.89 -98.88
N GLY B 79 -24.24 -5.71 -99.16
CA GLY B 79 -24.94 -5.42 -100.41
C GLY B 79 -26.37 -5.99 -100.47
N VAL B 80 -26.90 -6.78 -99.50
CA VAL B 80 -28.21 -7.32 -99.59
C VAL B 80 -29.15 -6.17 -99.42
N THR B 81 -30.17 -6.03 -100.26
CA THR B 81 -31.03 -4.87 -100.06
C THR B 81 -32.48 -5.34 -99.92
N THR B 82 -32.85 -6.58 -100.13
CA THR B 82 -34.22 -7.02 -100.13
C THR B 82 -34.69 -7.53 -98.88
N VAL B 83 -33.85 -7.87 -97.93
CA VAL B 83 -34.36 -8.37 -96.63
C VAL B 83 -33.54 -7.74 -95.54
N ARG B 84 -34.01 -7.80 -94.31
CA ARG B 84 -33.25 -7.25 -93.19
C ARG B 84 -33.43 -8.19 -92.00
N PRO B 85 -32.40 -8.15 -91.08
CA PRO B 85 -32.46 -8.98 -89.89
C PRO B 85 -33.83 -8.82 -89.25
N GLY B 86 -34.47 -9.88 -88.85
CA GLY B 86 -35.77 -9.71 -88.26
C GLY B 86 -36.96 -10.10 -89.19
N ASP B 87 -36.77 -9.89 -90.48
CA ASP B 87 -37.77 -10.21 -91.48
C ASP B 87 -38.20 -11.65 -91.52
N LYS B 88 -39.43 -11.92 -91.82
CA LYS B 88 -39.92 -13.31 -91.94
C LYS B 88 -39.64 -13.52 -93.45
N VAL B 89 -39.13 -14.68 -93.81
CA VAL B 89 -38.76 -14.97 -95.21
C VAL B 89 -39.08 -16.39 -95.58
N ILE B 90 -39.10 -16.61 -96.88
CA ILE B 90 -39.42 -17.96 -97.44
C ILE B 90 -38.32 -18.17 -98.46
N PRO B 91 -37.55 -19.23 -98.24
CA PRO B 91 -36.44 -19.62 -99.10
C PRO B 91 -37.06 -20.07 -100.45
N LEU B 92 -36.41 -19.72 -101.52
CA LEU B 92 -36.87 -20.03 -102.86
C LEU B 92 -36.07 -21.09 -103.62
N PHE B 93 -36.61 -22.33 -103.74
CA PHE B 93 -35.85 -23.37 -104.46
C PHE B 93 -35.58 -22.97 -105.90
N THR B 94 -36.48 -22.15 -106.56
CA THR B 94 -36.24 -21.76 -107.88
C THR B 94 -35.95 -20.28 -107.62
N PRO B 95 -34.77 -19.78 -107.91
CA PRO B 95 -34.45 -18.43 -107.68
C PRO B 95 -35.19 -17.52 -108.69
N GLN B 96 -34.98 -16.16 -108.46
CA GLN B 96 -35.48 -15.19 -109.35
C GLN B 96 -34.41 -14.12 -109.48
N CYS B 97 -33.39 -14.34 -110.31
CA CYS B 97 -32.31 -13.39 -110.51
C CYS B 97 -32.74 -12.12 -111.17
N GLY B 98 -33.90 -12.07 -111.77
CA GLY B 98 -34.45 -10.86 -112.44
C GLY B 98 -33.62 -10.38 -113.60
N LYS B 99 -32.53 -10.98 -114.03
CA LYS B 99 -31.74 -10.52 -115.10
C LYS B 99 -31.60 -11.41 -116.30
N CYS B 100 -31.85 -12.69 -116.21
CA CYS B 100 -31.67 -13.57 -117.38
C CYS B 100 -32.87 -13.49 -118.34
N ARG B 101 -32.72 -14.12 -119.52
CA ARG B 101 -33.81 -14.11 -120.48
C ARG B 101 -35.05 -14.79 -119.90
N VAL B 102 -34.94 -15.81 -119.07
CA VAL B 102 -36.23 -16.39 -118.55
C VAL B 102 -36.91 -15.46 -117.52
N CYS B 103 -36.10 -14.77 -116.65
CA CYS B 103 -36.60 -13.87 -115.62
C CYS B 103 -37.25 -12.66 -116.35
N LYS B 104 -36.68 -12.27 -117.50
CA LYS B 104 -37.25 -11.15 -118.23
C LYS B 104 -38.51 -11.54 -119.05
N HIS B 105 -38.71 -12.77 -119.44
CA HIS B 105 -39.76 -13.22 -120.23
C HIS B 105 -40.92 -13.27 -119.31
N PRO B 106 -42.06 -12.76 -119.80
CA PRO B 106 -43.30 -12.68 -119.08
C PRO B 106 -43.82 -14.03 -118.70
N GLU B 107 -43.54 -15.12 -119.34
CA GLU B 107 -44.08 -16.41 -118.97
C GLU B 107 -43.01 -17.33 -118.31
N GLY B 108 -41.70 -16.98 -118.44
CA GLY B 108 -40.86 -17.96 -117.74
C GLY B 108 -40.70 -17.79 -116.22
N ASN B 109 -40.37 -18.88 -115.54
CA ASN B 109 -40.09 -18.83 -114.09
C ASN B 109 -38.87 -19.66 -113.70
N PHE B 110 -38.44 -20.56 -114.62
CA PHE B 110 -37.23 -21.41 -114.41
C PHE B 110 -35.95 -20.61 -114.67
N CYS B 111 -35.70 -19.73 -113.68
CA CYS B 111 -34.56 -18.90 -113.69
C CYS B 111 -33.29 -19.67 -114.06
N LEU B 112 -32.45 -19.13 -114.96
CA LEU B 112 -31.24 -19.75 -115.38
C LEU B 112 -30.22 -19.97 -114.27
N LYS B 113 -30.38 -19.33 -113.07
CA LYS B 113 -29.44 -19.61 -112.02
C LYS B 113 -29.88 -20.75 -111.14
N ASN B 114 -30.82 -21.56 -111.52
CA ASN B 114 -31.32 -22.61 -110.75
C ASN B 114 -30.19 -23.63 -110.56
N ASP B 115 -30.35 -24.55 -109.63
CA ASP B 115 -29.41 -25.58 -109.35
C ASP B 115 -30.11 -26.91 -109.66
N LEU B 116 -31.17 -26.83 -110.50
CA LEU B 116 -31.84 -28.13 -110.79
C LEU B 116 -31.27 -28.86 -112.01
N SER B 117 -30.95 -28.24 -113.13
CA SER B 117 -30.49 -28.85 -114.36
C SER B 117 -29.13 -29.50 -114.24
N MET B 118 -28.08 -28.88 -113.79
CA MET B 118 -26.70 -29.43 -113.61
C MET B 118 -26.40 -29.15 -112.10
N PRO B 119 -26.91 -29.96 -111.24
CA PRO B 119 -26.81 -29.80 -109.81
C PRO B 119 -25.39 -29.77 -109.24
N ARG B 120 -25.01 -28.63 -108.67
CA ARG B 120 -23.74 -28.42 -108.02
C ARG B 120 -23.91 -28.57 -106.46
N GLY B 121 -25.02 -28.44 -105.79
CA GLY B 121 -25.17 -28.64 -104.37
C GLY B 121 -24.39 -27.52 -103.66
N THR B 122 -24.16 -26.32 -104.15
CA THR B 122 -23.46 -25.34 -103.56
C THR B 122 -24.29 -24.05 -103.56
N MET B 123 -23.79 -22.92 -103.21
CA MET B 123 -24.31 -21.60 -103.17
C MET B 123 -23.92 -21.00 -104.55
N GLN B 124 -24.47 -19.86 -104.97
CA GLN B 124 -24.16 -19.28 -106.23
C GLN B 124 -22.68 -19.13 -106.52
N ASP B 125 -21.81 -18.93 -105.50
CA ASP B 125 -20.37 -18.76 -105.76
C ASP B 125 -19.64 -20.08 -105.91
N GLY B 126 -20.33 -21.23 -105.93
CA GLY B 126 -19.59 -22.50 -106.09
C GLY B 126 -19.09 -23.09 -104.76
N THR B 127 -19.42 -22.49 -103.61
CA THR B 127 -18.93 -23.04 -102.35
C THR B 127 -20.10 -23.35 -101.40
N SER B 128 -19.83 -24.09 -100.33
CA SER B 128 -20.75 -24.51 -99.32
C SER B 128 -20.57 -23.73 -98.06
N ARG B 129 -21.60 -23.61 -97.23
CA ARG B 129 -21.41 -22.81 -95.98
C ARG B 129 -21.65 -23.77 -94.86
N PHE B 130 -21.71 -25.00 -95.17
CA PHE B 130 -22.00 -26.02 -94.18
C PHE B 130 -20.78 -26.93 -93.99
N THR B 131 -20.63 -27.33 -92.76
CA THR B 131 -19.49 -28.20 -92.40
C THR B 131 -19.96 -29.22 -91.41
N CYS B 132 -19.56 -30.45 -91.47
CA CYS B 132 -20.05 -31.44 -90.44
C CYS B 132 -18.96 -32.50 -90.41
N ARG B 133 -18.41 -32.71 -89.24
CA ARG B 133 -17.25 -33.56 -88.99
C ARG B 133 -16.06 -33.06 -89.78
N GLY B 134 -15.82 -31.83 -90.01
CA GLY B 134 -14.70 -31.34 -90.78
C GLY B 134 -14.99 -31.49 -92.29
N LYS B 135 -16.13 -32.07 -92.65
CA LYS B 135 -16.36 -32.18 -94.10
C LYS B 135 -17.49 -31.22 -94.55
N PRO B 136 -17.28 -30.66 -95.72
CA PRO B 136 -18.20 -29.78 -96.44
C PRO B 136 -19.47 -30.58 -96.75
N ILE B 137 -20.64 -30.04 -96.51
CA ILE B 137 -21.90 -30.76 -96.79
C ILE B 137 -22.58 -29.95 -97.89
N HIS B 138 -23.13 -30.61 -98.91
CA HIS B 138 -23.77 -29.84 -99.95
C HIS B 138 -25.13 -29.18 -99.53
N HIS B 139 -25.42 -28.19 -100.34
CA HIS B 139 -26.64 -27.45 -100.33
C HIS B 139 -27.63 -28.16 -101.27
N PHE B 140 -28.96 -27.94 -101.07
CA PHE B 140 -29.99 -28.54 -101.92
C PHE B 140 -30.77 -27.38 -102.59
N LEU B 141 -30.54 -27.12 -103.84
CA LEU B 141 -31.32 -26.07 -104.53
C LEU B 141 -31.27 -24.70 -103.93
N GLY B 142 -30.12 -24.31 -103.38
CA GLY B 142 -29.88 -23.00 -102.78
C GLY B 142 -30.85 -22.80 -101.58
N THR B 143 -31.31 -23.88 -100.91
CA THR B 143 -32.25 -23.76 -99.83
C THR B 143 -31.80 -24.61 -98.59
N SER B 144 -31.97 -25.89 -98.49
CA SER B 144 -31.44 -26.64 -97.38
C SER B 144 -31.99 -26.07 -96.09
N THR B 145 -33.22 -26.43 -95.90
CA THR B 145 -34.06 -26.00 -94.81
C THR B 145 -34.18 -27.01 -93.72
N PHE B 146 -33.66 -28.23 -93.84
CA PHE B 146 -33.69 -29.22 -92.72
C PHE B 146 -32.50 -28.93 -91.85
N SER B 147 -32.41 -27.74 -91.24
CA SER B 147 -31.38 -27.28 -90.36
C SER B 147 -31.89 -26.12 -89.54
N GLN B 148 -31.54 -25.97 -88.30
CA GLN B 148 -31.93 -24.80 -87.51
C GLN B 148 -31.44 -23.49 -88.18
N TYR B 149 -30.35 -23.53 -88.97
CA TYR B 149 -29.91 -22.30 -89.60
C TYR B 149 -29.42 -22.64 -91.04
N THR B 150 -29.66 -21.81 -92.03
CA THR B 150 -29.20 -22.00 -93.36
C THR B 150 -28.71 -20.66 -93.90
N VAL B 151 -28.04 -20.73 -95.05
CA VAL B 151 -27.56 -19.49 -95.73
C VAL B 151 -27.98 -19.67 -97.18
N VAL B 152 -28.64 -18.68 -97.72
CA VAL B 152 -29.16 -18.68 -99.13
C VAL B 152 -28.74 -17.44 -99.86
N ASP B 153 -28.72 -17.51 -101.16
CA ASP B 153 -28.33 -16.33 -101.95
C ASP B 153 -29.44 -15.34 -101.94
N GLU B 154 -29.19 -14.04 -102.08
CA GLU B 154 -30.27 -13.08 -102.11
C GLU B 154 -31.32 -13.44 -103.16
N ILE B 155 -30.97 -13.82 -104.39
CA ILE B 155 -31.95 -14.17 -105.36
C ILE B 155 -32.77 -15.42 -105.04
N SER B 156 -32.51 -16.08 -103.91
CA SER B 156 -33.20 -17.24 -103.48
C SER B 156 -34.01 -17.06 -102.17
N VAL B 157 -34.33 -15.81 -101.95
CA VAL B 157 -35.10 -15.49 -100.73
C VAL B 157 -36.10 -14.39 -100.98
N ALA B 158 -37.25 -14.52 -100.32
CA ALA B 158 -38.31 -13.52 -100.38
C ALA B 158 -38.84 -13.15 -98.96
N LYS B 159 -38.95 -11.82 -98.78
CA LYS B 159 -39.49 -11.23 -97.62
C LYS B 159 -41.03 -11.35 -97.67
N ILE B 160 -41.73 -11.82 -96.69
CA ILE B 160 -43.12 -11.92 -96.59
C ILE B 160 -43.61 -11.09 -95.38
N ASP B 161 -44.87 -10.98 -95.20
CA ASP B 161 -45.61 -10.28 -94.21
C ASP B 161 -45.16 -10.72 -92.82
N ALA B 162 -44.78 -9.71 -92.02
CA ALA B 162 -44.39 -9.87 -90.61
C ALA B 162 -45.46 -10.54 -89.76
N ALA B 163 -46.75 -10.57 -90.16
CA ALA B 163 -47.64 -11.30 -89.19
C ALA B 163 -48.03 -12.66 -89.71
N SER B 164 -47.35 -13.19 -90.78
CA SER B 164 -47.88 -14.48 -91.20
C SER B 164 -47.48 -15.60 -90.25
N PRO B 165 -48.27 -16.60 -90.11
CA PRO B 165 -48.03 -17.77 -89.30
C PRO B 165 -47.14 -18.73 -90.14
N LEU B 166 -45.84 -18.67 -89.77
CA LEU B 166 -44.80 -19.45 -90.48
C LEU B 166 -45.02 -20.97 -90.46
N GLU B 167 -45.72 -21.51 -89.49
CA GLU B 167 -45.98 -22.90 -89.40
C GLU B 167 -47.05 -23.36 -90.46
N LYS B 168 -47.68 -22.36 -91.08
CA LYS B 168 -48.66 -22.57 -92.15
C LYS B 168 -48.03 -22.14 -93.50
N VAL B 169 -47.68 -20.86 -93.58
CA VAL B 169 -47.16 -20.38 -94.84
C VAL B 169 -45.91 -21.02 -95.45
N CYS B 170 -45.27 -21.97 -94.69
CA CYS B 170 -44.13 -22.59 -95.20
C CYS B 170 -44.61 -23.38 -96.50
N LEU B 171 -45.86 -23.82 -96.53
CA LEU B 171 -46.42 -24.58 -97.67
C LEU B 171 -46.31 -23.74 -98.94
N ILE B 172 -46.30 -22.38 -98.81
CA ILE B 172 -46.19 -21.57 -100.01
C ILE B 172 -44.85 -21.67 -100.68
N GLY B 173 -43.84 -22.25 -100.01
CA GLY B 173 -42.46 -22.46 -100.33
C GLY B 173 -42.36 -23.56 -101.38
N CYS B 174 -43.35 -24.41 -101.44
CA CYS B 174 -43.42 -25.44 -102.37
C CYS B 174 -44.78 -26.08 -102.69
N GLY B 175 -45.32 -27.00 -101.94
CA GLY B 175 -46.49 -27.78 -102.05
C GLY B 175 -47.70 -27.06 -102.64
N PHE B 176 -48.21 -26.09 -101.88
CA PHE B 176 -49.33 -25.29 -102.15
C PHE B 176 -49.10 -24.52 -103.44
N SER B 177 -48.07 -23.69 -103.59
CA SER B 177 -47.89 -22.89 -104.75
C SER B 177 -47.81 -23.71 -105.99
N THR B 178 -47.06 -24.74 -105.96
CA THR B 178 -46.88 -25.65 -107.09
C THR B 178 -48.26 -26.16 -107.62
N GLY B 179 -49.02 -26.80 -106.75
CA GLY B 179 -50.31 -27.35 -107.07
C GLY B 179 -51.23 -26.34 -107.70
N TYR B 180 -51.50 -25.25 -107.00
CA TYR B 180 -52.32 -24.14 -107.27
C TYR B 180 -51.94 -23.44 -108.55
N GLY B 181 -50.75 -23.08 -108.76
CA GLY B 181 -50.29 -22.40 -109.95
C GLY B 181 -50.46 -23.41 -111.11
N SER B 182 -50.01 -24.65 -110.92
CA SER B 182 -50.21 -25.64 -111.98
C SER B 182 -51.63 -25.51 -112.65
N ALA B 183 -52.70 -25.57 -111.89
CA ALA B 183 -54.02 -25.47 -112.28
C ALA B 183 -54.42 -24.08 -112.86
N VAL B 184 -54.18 -23.02 -112.08
CA VAL B 184 -54.57 -21.69 -112.42
C VAL B 184 -53.73 -20.88 -113.35
N LYS B 185 -52.41 -21.04 -113.33
CA LYS B 185 -51.45 -20.34 -114.11
C LYS B 185 -50.93 -21.18 -115.29
N VAL B 186 -50.57 -22.39 -115.17
CA VAL B 186 -50.02 -23.17 -116.23
C VAL B 186 -51.15 -23.78 -117.08
N ALA B 187 -52.01 -24.59 -116.53
CA ALA B 187 -53.09 -25.21 -117.23
C ALA B 187 -54.11 -24.15 -117.63
N LYS B 188 -54.35 -23.22 -116.71
CA LYS B 188 -55.42 -22.18 -116.86
C LYS B 188 -56.80 -22.86 -116.91
N VAL B 189 -57.16 -23.63 -115.89
CA VAL B 189 -58.41 -24.29 -115.84
C VAL B 189 -59.48 -23.18 -116.08
N THR B 190 -60.48 -23.59 -116.88
CA THR B 190 -61.58 -22.64 -117.23
C THR B 190 -62.80 -23.01 -116.42
N GLN B 191 -63.65 -21.96 -116.36
CA GLN B 191 -64.93 -22.19 -115.61
C GLN B 191 -65.84 -23.20 -116.37
N GLY B 192 -66.42 -24.10 -115.62
CA GLY B 192 -67.27 -25.11 -116.13
C GLY B 192 -66.60 -26.38 -116.64
N SER B 193 -65.27 -26.47 -116.71
CA SER B 193 -64.53 -27.57 -117.17
C SER B 193 -64.54 -28.76 -116.27
N THR B 194 -63.96 -29.86 -116.82
CA THR B 194 -63.79 -31.17 -116.23
C THR B 194 -62.25 -31.41 -116.09
N CYS B 195 -61.79 -31.62 -114.85
CA CYS B 195 -60.40 -31.80 -114.54
C CYS B 195 -60.11 -33.18 -114.02
N ALA B 196 -58.90 -33.69 -114.27
CA ALA B 196 -58.62 -35.02 -113.69
C ALA B 196 -57.21 -34.82 -113.01
N VAL B 197 -57.11 -35.17 -111.76
CA VAL B 197 -55.95 -35.04 -110.96
C VAL B 197 -55.45 -36.36 -110.50
N PHE B 198 -54.25 -36.67 -110.92
CA PHE B 198 -53.64 -37.96 -110.55
C PHE B 198 -52.65 -37.77 -109.44
N GLY B 199 -53.02 -38.40 -108.30
CA GLY B 199 -52.12 -38.27 -107.15
C GLY B 199 -52.81 -37.22 -106.18
N LEU B 200 -53.13 -37.82 -104.99
CA LEU B 200 -53.79 -36.94 -104.03
C LEU B 200 -53.08 -36.54 -102.75
N GLY B 201 -51.80 -36.25 -102.81
CA GLY B 201 -50.98 -35.86 -101.66
C GLY B 201 -51.09 -34.33 -101.63
N GLY B 202 -50.13 -33.72 -100.95
CA GLY B 202 -50.14 -32.32 -100.83
C GLY B 202 -50.23 -31.46 -102.06
N VAL B 203 -49.43 -31.81 -103.07
CA VAL B 203 -49.46 -30.96 -104.27
C VAL B 203 -50.73 -31.21 -105.07
N GLY B 204 -51.20 -32.43 -105.02
CA GLY B 204 -52.43 -32.85 -105.78
C GLY B 204 -53.68 -32.17 -105.21
N LEU B 205 -53.72 -32.16 -103.85
CA LEU B 205 -54.83 -31.48 -103.18
C LEU B 205 -54.74 -30.00 -103.51
N SER B 206 -53.58 -29.42 -103.70
CA SER B 206 -53.43 -28.00 -104.06
C SER B 206 -53.84 -27.86 -105.50
N VAL B 207 -53.63 -28.91 -106.35
CA VAL B 207 -54.08 -28.80 -107.74
C VAL B 207 -55.59 -28.70 -107.69
N ILE B 208 -56.20 -29.56 -106.88
CA ILE B 208 -57.66 -29.58 -106.70
C ILE B 208 -58.20 -28.22 -106.23
N MET B 209 -57.46 -27.59 -105.25
CA MET B 209 -57.87 -26.29 -104.78
C MET B 209 -57.84 -25.29 -105.92
N GLY B 210 -56.81 -25.25 -106.73
CA GLY B 210 -56.77 -24.30 -107.82
C GLY B 210 -57.88 -24.58 -108.86
N CYS B 211 -58.14 -25.82 -109.12
CA CYS B 211 -59.16 -26.11 -110.15
C CYS B 211 -60.52 -25.56 -109.64
N LYS B 212 -60.78 -25.81 -108.37
CA LYS B 212 -61.99 -25.35 -107.73
C LYS B 212 -62.00 -23.83 -107.71
N ALA B 213 -60.88 -23.16 -107.54
CA ALA B 213 -60.89 -21.70 -107.57
C ALA B 213 -61.09 -21.20 -109.00
N ALA B 214 -60.65 -22.01 -110.02
CA ALA B 214 -60.74 -21.66 -111.39
C ALA B 214 -62.19 -21.79 -111.94
N GLY B 215 -63.07 -22.40 -111.20
CA GLY B 215 -64.43 -22.51 -111.69
C GLY B 215 -64.72 -23.86 -112.30
N ALA B 216 -63.91 -24.90 -112.08
CA ALA B 216 -64.19 -26.22 -112.65
C ALA B 216 -65.47 -26.84 -112.14
N ALA B 217 -66.29 -27.38 -112.99
CA ALA B 217 -67.51 -28.01 -112.54
C ALA B 217 -67.32 -29.41 -112.10
N ARG B 218 -66.33 -30.15 -112.59
CA ARG B 218 -66.16 -31.57 -112.13
C ARG B 218 -64.62 -31.65 -111.88
N ILE B 219 -64.26 -32.37 -110.79
CA ILE B 219 -62.80 -32.49 -110.51
C ILE B 219 -62.68 -33.93 -110.12
N ILE B 220 -62.03 -34.74 -110.93
CA ILE B 220 -61.89 -36.15 -110.63
C ILE B 220 -60.50 -36.43 -110.06
N GLY B 221 -60.48 -36.96 -108.76
CA GLY B 221 -59.23 -37.20 -108.16
C GLY B 221 -58.92 -38.62 -108.41
N VAL B 222 -57.68 -38.92 -108.75
CA VAL B 222 -57.39 -40.36 -108.97
C VAL B 222 -56.27 -40.80 -108.04
N ASP B 223 -56.49 -41.95 -107.29
CA ASP B 223 -55.40 -42.36 -106.46
C ASP B 223 -55.49 -43.82 -106.22
N ILE B 224 -54.33 -44.52 -106.00
CA ILE B 224 -54.55 -45.97 -105.68
C ILE B 224 -54.76 -46.14 -104.21
N ASN B 225 -54.71 -45.04 -103.42
CA ASN B 225 -54.93 -45.08 -101.98
C ASN B 225 -56.27 -44.46 -101.62
N LYS B 226 -57.29 -45.24 -101.45
CA LYS B 226 -58.60 -44.71 -101.11
C LYS B 226 -58.68 -43.93 -99.81
N ASP B 227 -57.76 -43.90 -98.89
CA ASP B 227 -57.80 -43.13 -97.66
C ASP B 227 -57.61 -41.69 -98.02
N LYS B 228 -57.14 -41.32 -99.19
CA LYS B 228 -56.91 -40.03 -99.69
C LYS B 228 -58.18 -39.40 -100.21
N PHE B 229 -59.25 -40.22 -100.41
CA PHE B 229 -60.46 -39.66 -101.03
C PHE B 229 -61.23 -38.59 -100.33
N ALA B 230 -61.49 -38.88 -99.06
CA ALA B 230 -62.18 -37.95 -98.16
C ALA B 230 -61.60 -36.55 -98.19
N LYS B 231 -60.28 -36.43 -97.83
CA LYS B 231 -59.71 -35.05 -97.89
C LYS B 231 -59.83 -34.50 -99.30
N ALA B 232 -59.61 -35.31 -100.36
CA ALA B 232 -59.70 -34.75 -101.72
C ALA B 232 -61.10 -34.16 -102.01
N LYS B 233 -62.10 -34.90 -101.55
CA LYS B 233 -63.47 -34.42 -101.67
C LYS B 233 -63.61 -33.07 -100.91
N GLU B 234 -63.06 -33.13 -99.66
CA GLU B 234 -63.12 -31.89 -98.85
C GLU B 234 -62.63 -30.65 -99.50
N VAL B 235 -61.53 -30.69 -100.29
CA VAL B 235 -61.04 -29.46 -100.93
C VAL B 235 -61.56 -29.24 -102.29
N GLY B 236 -62.50 -30.07 -102.83
CA GLY B 236 -62.98 -29.68 -104.17
C GLY B 236 -63.27 -30.85 -105.11
N ALA B 237 -62.78 -32.10 -104.76
CA ALA B 237 -62.99 -33.19 -105.69
C ALA B 237 -64.46 -33.57 -105.80
N THR B 238 -65.07 -33.66 -106.94
CA THR B 238 -66.48 -34.04 -107.06
C THR B 238 -66.61 -35.54 -107.09
N GLU B 239 -65.54 -36.27 -107.48
CA GLU B 239 -65.57 -37.75 -107.56
C GLU B 239 -64.09 -38.22 -107.41
N CYS B 240 -63.93 -39.44 -107.03
CA CYS B 240 -62.63 -39.99 -106.81
C CYS B 240 -62.63 -41.40 -107.34
N VAL B 241 -61.50 -41.71 -108.07
CA VAL B 241 -61.41 -43.02 -108.67
C VAL B 241 -60.17 -43.76 -108.30
N ASN B 242 -60.37 -45.08 -108.00
CA ASN B 242 -59.15 -45.89 -107.67
C ASN B 242 -58.98 -46.84 -108.85
N PRO B 243 -57.93 -46.70 -109.60
CA PRO B 243 -57.57 -47.51 -110.75
C PRO B 243 -57.55 -48.99 -110.44
N GLN B 244 -57.29 -49.41 -109.20
CA GLN B 244 -57.29 -50.80 -108.84
C GLN B 244 -58.69 -51.34 -108.78
N ASP B 245 -59.73 -50.51 -108.82
CA ASP B 245 -61.10 -51.05 -108.70
C ASP B 245 -61.69 -51.49 -110.01
N TYR B 246 -61.02 -51.13 -111.10
CA TYR B 246 -61.48 -51.47 -112.42
C TYR B 246 -60.75 -52.56 -113.16
N LYS B 247 -61.49 -53.14 -114.13
CA LYS B 247 -60.94 -54.16 -114.98
C LYS B 247 -60.32 -53.58 -116.21
N LYS B 248 -60.57 -52.30 -116.53
CA LYS B 248 -59.94 -51.71 -117.71
C LYS B 248 -59.04 -50.57 -117.31
N PRO B 249 -58.17 -50.19 -118.20
CA PRO B 249 -57.24 -49.09 -117.97
C PRO B 249 -57.98 -47.87 -117.53
N ILE B 250 -57.40 -47.07 -116.64
CA ILE B 250 -58.00 -45.87 -116.08
C ILE B 250 -58.22 -44.82 -117.13
N GLN B 251 -57.42 -44.73 -118.17
CA GLN B 251 -57.75 -43.71 -119.19
C GLN B 251 -59.10 -44.06 -119.82
N GLU B 252 -59.40 -45.33 -120.08
CA GLU B 252 -60.69 -45.66 -120.66
C GLU B 252 -61.76 -45.19 -119.68
N VAL B 253 -61.70 -45.63 -118.42
CA VAL B 253 -62.68 -45.21 -117.42
C VAL B 253 -62.92 -43.69 -117.40
N LEU B 254 -61.83 -42.91 -117.37
CA LEU B 254 -61.98 -41.48 -117.34
C LEU B 254 -62.49 -40.87 -118.58
N THR B 255 -62.18 -41.42 -119.74
CA THR B 255 -62.68 -40.83 -121.01
C THR B 255 -64.16 -41.19 -121.01
N GLU B 256 -64.59 -42.34 -120.57
CA GLU B 256 -65.96 -42.77 -120.52
C GLU B 256 -66.70 -41.81 -119.62
N MET B 257 -66.23 -41.67 -118.36
CA MET B 257 -66.94 -40.74 -117.43
C MET B 257 -66.90 -39.29 -117.82
N SER B 258 -65.93 -38.83 -118.65
CA SER B 258 -65.90 -37.45 -119.04
C SER B 258 -66.61 -37.23 -120.42
N ASN B 259 -67.20 -38.35 -120.86
CA ASN B 259 -67.89 -38.33 -122.13
C ASN B 259 -67.00 -37.95 -123.30
N GLY B 260 -65.79 -38.57 -123.32
CA GLY B 260 -64.99 -38.21 -124.47
C GLY B 260 -63.63 -37.68 -124.08
N GLY B 261 -63.39 -37.42 -122.76
CA GLY B 261 -62.07 -36.96 -122.41
C GLY B 261 -62.14 -35.63 -121.62
N VAL B 262 -61.21 -35.36 -120.67
CA VAL B 262 -61.27 -34.18 -119.87
C VAL B 262 -60.68 -33.02 -120.53
N ASP B 263 -61.04 -31.81 -120.03
CA ASP B 263 -60.46 -30.64 -120.57
C ASP B 263 -59.08 -30.43 -119.99
N PHE B 264 -58.89 -30.82 -118.72
CA PHE B 264 -57.57 -30.58 -118.07
C PHE B 264 -57.15 -31.77 -117.22
N SER B 265 -55.96 -32.35 -117.47
CA SER B 265 -55.51 -33.46 -116.64
C SER B 265 -54.18 -33.04 -115.98
N PHE B 266 -53.91 -33.63 -114.82
CA PHE B 266 -52.66 -33.31 -114.06
C PHE B 266 -51.99 -34.58 -113.51
N GLU B 267 -50.70 -34.75 -113.81
CA GLU B 267 -49.98 -35.91 -113.25
C GLU B 267 -49.28 -35.29 -112.02
N VAL B 268 -49.54 -35.74 -110.86
CA VAL B 268 -48.96 -35.25 -109.61
C VAL B 268 -48.53 -36.42 -108.73
N ILE B 269 -47.83 -37.37 -109.31
CA ILE B 269 -47.35 -38.58 -108.60
C ILE B 269 -45.85 -38.68 -108.89
N GLY B 270 -45.48 -38.79 -110.18
CA GLY B 270 -44.07 -38.90 -110.52
C GLY B 270 -43.78 -40.29 -111.14
N ARG B 271 -44.65 -40.79 -111.98
CA ARG B 271 -44.53 -42.05 -112.67
C ARG B 271 -44.62 -41.93 -114.20
N LEU B 272 -43.68 -42.49 -114.95
CA LEU B 272 -43.74 -42.42 -116.44
C LEU B 272 -45.09 -42.90 -116.99
N ASP B 273 -45.59 -44.01 -116.52
CA ASP B 273 -46.88 -44.53 -116.98
C ASP B 273 -48.07 -43.63 -116.72
N THR B 274 -48.19 -43.03 -115.51
CA THR B 274 -49.35 -42.13 -115.26
C THR B 274 -49.18 -40.85 -116.04
N MET B 275 -47.93 -40.47 -116.45
CA MET B 275 -47.77 -39.26 -117.21
C MET B 275 -48.46 -39.49 -118.55
N VAL B 276 -48.28 -40.63 -119.17
CA VAL B 276 -48.79 -41.03 -120.41
C VAL B 276 -50.30 -41.17 -120.25
N THR B 277 -50.71 -41.87 -119.22
CA THR B 277 -52.10 -42.04 -118.94
C THR B 277 -52.87 -40.74 -118.72
N ALA B 278 -52.22 -39.72 -118.18
CA ALA B 278 -52.83 -38.47 -117.89
C ALA B 278 -53.06 -37.70 -119.18
N LEU B 279 -52.10 -37.72 -120.07
CA LEU B 279 -52.20 -37.07 -121.33
C LEU B 279 -53.40 -37.67 -122.16
N SER B 280 -53.44 -39.02 -122.13
CA SER B 280 -54.43 -39.74 -122.91
C SER B 280 -55.86 -39.49 -122.47
N CYS B 281 -56.13 -39.36 -121.15
CA CYS B 281 -57.42 -39.16 -120.61
C CYS B 281 -57.90 -37.73 -120.97
N CYS B 282 -57.11 -36.84 -121.43
CA CYS B 282 -57.57 -35.51 -121.78
C CYS B 282 -58.08 -35.54 -123.25
N GLN B 283 -59.18 -34.82 -123.55
CA GLN B 283 -59.78 -34.74 -124.82
C GLN B 283 -58.70 -34.60 -125.91
N GLU B 284 -58.74 -35.51 -126.86
CA GLU B 284 -57.78 -35.53 -128.03
C GLU B 284 -57.74 -34.29 -128.94
N ALA B 285 -58.80 -33.50 -129.15
CA ALA B 285 -58.67 -32.34 -129.97
C ALA B 285 -58.32 -31.11 -129.19
N TYR B 286 -58.78 -30.96 -127.94
CA TYR B 286 -58.45 -29.76 -127.22
C TYR B 286 -58.04 -29.91 -125.77
N GLY B 287 -57.78 -31.11 -125.29
CA GLY B 287 -57.39 -31.36 -123.96
C GLY B 287 -56.00 -30.83 -123.65
N VAL B 288 -55.76 -30.50 -122.35
CA VAL B 288 -54.49 -29.98 -121.91
C VAL B 288 -54.06 -30.91 -120.75
N SER B 289 -52.75 -31.29 -120.85
CA SER B 289 -52.28 -32.16 -119.74
C SER B 289 -51.03 -31.53 -119.11
N VAL B 290 -51.00 -31.45 -117.77
CA VAL B 290 -49.84 -30.84 -117.12
C VAL B 290 -49.06 -31.82 -116.26
N ILE B 291 -47.75 -31.89 -116.50
CA ILE B 291 -46.93 -32.81 -115.71
C ILE B 291 -46.43 -32.06 -114.47
N VAL B 292 -46.82 -32.50 -113.31
CA VAL B 292 -46.30 -31.79 -112.14
C VAL B 292 -45.28 -32.76 -111.37
N GLY B 293 -45.55 -34.04 -111.35
CA GLY B 293 -44.73 -34.99 -110.74
C GLY B 293 -43.25 -35.14 -111.27
N VAL B 294 -42.37 -35.48 -110.30
CA VAL B 294 -40.95 -35.67 -110.75
C VAL B 294 -40.71 -37.10 -111.09
N PRO B 295 -40.22 -37.39 -112.24
CA PRO B 295 -39.95 -38.76 -112.67
C PRO B 295 -38.56 -39.21 -112.14
N PRO B 296 -38.40 -40.55 -112.12
CA PRO B 296 -37.16 -41.22 -111.74
C PRO B 296 -36.09 -40.71 -112.66
N ASP B 297 -34.99 -40.25 -112.08
CA ASP B 297 -33.84 -39.69 -112.79
C ASP B 297 -33.36 -40.44 -114.06
N SER B 298 -33.24 -39.65 -115.08
CA SER B 298 -32.73 -40.04 -116.38
C SER B 298 -33.57 -41.04 -117.17
N GLN B 299 -34.76 -41.47 -116.71
CA GLN B 299 -35.53 -42.40 -117.41
C GLN B 299 -36.45 -41.73 -118.45
N ASN B 300 -36.63 -42.34 -119.60
CA ASN B 300 -37.50 -41.84 -120.61
C ASN B 300 -38.82 -42.57 -120.62
N LEU B 301 -39.79 -41.82 -121.21
CA LEU B 301 -41.12 -42.46 -121.34
C LEU B 301 -41.25 -42.73 -122.87
N SER B 302 -42.19 -43.50 -123.19
CA SER B 302 -42.64 -43.92 -124.51
C SER B 302 -44.12 -43.52 -124.71
N MET B 303 -44.32 -42.82 -125.84
CA MET B 303 -45.72 -42.40 -126.15
C MET B 303 -45.88 -42.27 -127.63
N ASN B 304 -47.13 -42.41 -128.08
CA ASN B 304 -47.49 -42.30 -129.49
C ASN B 304 -47.74 -40.82 -129.79
N PRO B 305 -47.02 -40.25 -130.66
CA PRO B 305 -47.11 -38.85 -131.03
C PRO B 305 -48.46 -38.53 -131.58
N MET B 306 -49.28 -39.48 -132.05
CA MET B 306 -50.63 -39.19 -132.54
C MET B 306 -51.50 -38.64 -131.44
N LEU B 307 -51.23 -38.85 -130.17
CA LEU B 307 -51.90 -38.29 -129.03
C LEU B 307 -51.71 -36.77 -129.11
N LEU B 308 -50.63 -36.26 -129.67
CA LEU B 308 -50.47 -34.81 -129.79
C LEU B 308 -51.03 -34.13 -131.06
N LEU B 309 -50.87 -34.86 -132.15
CA LEU B 309 -51.17 -34.56 -133.52
C LEU B 309 -52.66 -34.23 -133.63
N SER B 310 -53.50 -35.07 -132.93
CA SER B 310 -54.90 -34.71 -132.97
C SER B 310 -55.29 -33.39 -132.29
N GLY B 311 -54.46 -32.65 -131.57
CA GLY B 311 -54.65 -31.35 -130.97
C GLY B 311 -54.27 -31.19 -129.48
N ARG B 312 -54.11 -32.23 -128.71
CA ARG B 312 -53.68 -32.18 -127.32
C ARG B 312 -52.46 -31.28 -127.08
N THR B 313 -52.45 -30.77 -125.86
CA THR B 313 -51.39 -29.91 -125.38
C THR B 313 -50.74 -30.61 -124.19
N TRP B 314 -49.45 -30.72 -124.19
CA TRP B 314 -48.73 -31.40 -123.12
C TRP B 314 -47.74 -30.40 -122.51
N LYS B 315 -47.81 -30.19 -121.18
CA LYS B 315 -46.83 -29.23 -120.65
C LYS B 315 -46.40 -29.61 -119.20
N GLY B 316 -45.40 -28.95 -118.69
CA GLY B 316 -44.92 -29.22 -117.37
C GLY B 316 -44.45 -27.93 -116.76
N ALA B 317 -44.23 -27.96 -115.46
CA ALA B 317 -43.70 -26.70 -114.77
C ALA B 317 -43.19 -26.98 -113.34
N ILE B 318 -42.15 -26.14 -113.10
CA ILE B 318 -41.54 -26.19 -111.77
C ILE B 318 -42.30 -25.13 -110.89
N PHE B 319 -42.72 -25.46 -109.68
CA PHE B 319 -43.40 -24.47 -108.78
C PHE B 319 -44.61 -23.72 -109.31
N GLY B 320 -45.54 -24.44 -109.88
CA GLY B 320 -46.75 -23.91 -110.53
C GLY B 320 -46.53 -22.78 -111.51
N GLY B 321 -45.39 -22.59 -112.23
CA GLY B 321 -45.17 -21.48 -113.11
C GLY B 321 -44.88 -20.12 -112.49
N PHE B 322 -44.96 -20.00 -111.14
CA PHE B 322 -44.73 -18.74 -110.45
C PHE B 322 -43.31 -18.25 -110.48
N LYS B 323 -43.10 -17.02 -110.82
CA LYS B 323 -41.81 -16.28 -110.80
C LYS B 323 -41.67 -16.14 -109.23
N SER B 324 -40.73 -16.91 -108.66
CA SER B 324 -40.57 -17.07 -107.22
C SER B 324 -40.53 -15.83 -106.32
N LYS B 325 -39.63 -14.94 -106.53
CA LYS B 325 -39.58 -13.74 -105.64
C LYS B 325 -40.81 -12.85 -105.69
N ASP B 326 -41.35 -12.68 -106.95
CA ASP B 326 -42.49 -11.88 -107.08
C ASP B 326 -43.73 -12.53 -106.58
N SER B 327 -44.00 -13.75 -106.65
CA SER B 327 -45.27 -14.33 -106.18
C SER B 327 -45.37 -14.74 -104.78
N VAL B 328 -44.29 -15.33 -104.21
CA VAL B 328 -44.30 -15.75 -102.81
C VAL B 328 -44.90 -14.64 -101.89
N PRO B 329 -44.47 -13.46 -101.93
CA PRO B 329 -45.01 -12.38 -101.10
C PRO B 329 -46.48 -12.17 -101.42
N LYS B 330 -46.90 -12.24 -102.69
CA LYS B 330 -48.28 -12.04 -103.06
C LYS B 330 -49.10 -13.19 -102.55
N LEU B 331 -48.46 -14.41 -102.67
CA LEU B 331 -49.21 -15.54 -102.18
C LEU B 331 -49.49 -15.50 -100.68
N VAL B 332 -48.55 -15.05 -99.87
CA VAL B 332 -48.74 -14.98 -98.43
C VAL B 332 -49.81 -13.87 -98.20
N ALA B 333 -49.65 -12.74 -98.88
CA ALA B 333 -50.65 -11.70 -98.70
C ALA B 333 -52.07 -12.29 -98.94
N ASP B 334 -52.24 -13.00 -100.06
CA ASP B 334 -53.50 -13.64 -100.34
C ASP B 334 -53.95 -14.60 -99.30
N PHE B 335 -53.02 -15.29 -98.68
CA PHE B 335 -53.40 -16.23 -97.57
C PHE B 335 -53.81 -15.38 -96.34
N MET B 336 -53.10 -14.24 -96.15
CA MET B 336 -53.38 -13.34 -95.05
C MET B 336 -54.79 -12.87 -95.24
N ALA B 337 -55.21 -12.58 -96.53
CA ALA B 337 -56.57 -12.13 -96.81
C ALA B 337 -57.53 -13.28 -96.95
N LYS B 338 -57.31 -14.49 -96.51
CA LYS B 338 -58.16 -15.61 -96.62
C LYS B 338 -58.65 -16.09 -97.99
N LYS B 339 -57.85 -15.78 -99.05
CA LYS B 339 -58.13 -16.14 -100.38
C LYS B 339 -58.05 -17.67 -100.62
N PHE B 340 -57.30 -18.38 -99.80
CA PHE B 340 -57.17 -19.83 -99.94
C PHE B 340 -56.79 -20.38 -98.56
N ALA B 341 -56.85 -21.62 -98.32
CA ALA B 341 -56.57 -22.34 -97.13
C ALA B 341 -55.34 -23.28 -97.19
N LEU B 342 -54.61 -23.45 -96.14
CA LEU B 342 -53.43 -24.27 -96.03
C LEU B 342 -53.70 -25.38 -95.05
N ASP B 343 -54.53 -25.17 -94.02
CA ASP B 343 -54.85 -26.19 -93.05
C ASP B 343 -55.19 -27.53 -93.54
N PRO B 344 -56.01 -27.73 -94.56
CA PRO B 344 -56.36 -29.02 -95.12
C PRO B 344 -55.16 -29.82 -95.51
N LEU B 345 -54.03 -29.20 -95.92
CA LEU B 345 -52.84 -29.96 -96.28
C LEU B 345 -51.96 -30.42 -95.13
N ILE B 346 -52.25 -29.94 -93.85
CA ILE B 346 -51.44 -30.24 -92.73
C ILE B 346 -52.18 -31.29 -91.89
N THR B 347 -51.58 -32.46 -91.82
CA THR B 347 -52.12 -33.54 -91.06
C THR B 347 -51.22 -33.92 -89.87
N HIS B 348 -49.99 -33.49 -89.84
CA HIS B 348 -49.12 -33.87 -88.72
C HIS B 348 -48.11 -32.72 -88.49
N VAL B 349 -47.88 -32.49 -87.23
CA VAL B 349 -46.92 -31.45 -86.77
C VAL B 349 -45.97 -32.24 -85.84
N LEU B 350 -44.66 -31.98 -86.04
CA LEU B 350 -43.69 -32.69 -85.22
C LEU B 350 -42.49 -31.74 -84.99
N PRO B 351 -41.72 -31.98 -83.99
CA PRO B 351 -40.54 -31.25 -83.67
C PRO B 351 -39.49 -31.69 -84.75
N PHE B 352 -38.64 -30.73 -85.15
CA PHE B 352 -37.64 -31.01 -86.13
C PHE B 352 -36.84 -32.27 -85.83
N GLU B 353 -36.52 -32.64 -84.61
CA GLU B 353 -35.76 -33.79 -84.21
C GLU B 353 -36.48 -35.02 -84.64
N LYS B 354 -37.77 -35.02 -84.88
CA LYS B 354 -38.41 -36.26 -85.29
C LYS B 354 -38.61 -36.33 -86.81
N ILE B 355 -37.79 -35.66 -87.56
CA ILE B 355 -37.83 -35.66 -89.02
C ILE B 355 -37.93 -37.05 -89.65
N ASN B 356 -37.23 -38.08 -89.22
CA ASN B 356 -37.24 -39.42 -89.72
C ASN B 356 -38.60 -40.06 -89.54
N GLU B 357 -39.27 -39.71 -88.46
CA GLU B 357 -40.64 -40.19 -88.24
C GLU B 357 -41.56 -39.47 -89.22
N GLY B 358 -41.25 -38.20 -89.59
CA GLY B 358 -42.08 -37.47 -90.52
C GLY B 358 -41.97 -38.10 -91.91
N PHE B 359 -40.79 -38.67 -92.29
CA PHE B 359 -40.70 -39.34 -93.59
C PHE B 359 -41.41 -40.67 -93.53
N ASP B 360 -41.39 -41.32 -92.33
CA ASP B 360 -42.10 -42.59 -92.19
C ASP B 360 -43.62 -42.41 -92.40
N LEU B 361 -44.15 -41.27 -91.96
CA LEU B 361 -45.56 -41.00 -92.11
C LEU B 361 -45.84 -40.80 -93.64
N LEU B 362 -44.91 -40.14 -94.24
CA LEU B 362 -45.08 -39.89 -95.67
C LEU B 362 -45.07 -41.20 -96.45
N ARG B 363 -44.05 -42.03 -96.22
CA ARG B 363 -43.86 -43.27 -96.94
C ARG B 363 -44.90 -44.32 -96.70
N SER B 364 -45.52 -44.37 -95.57
CA SER B 364 -46.56 -45.34 -95.25
C SER B 364 -47.88 -44.94 -95.84
N GLY B 365 -48.00 -43.69 -96.36
CA GLY B 365 -49.26 -43.22 -96.92
C GLY B 365 -50.16 -42.62 -95.85
N GLU B 366 -49.69 -42.52 -94.59
CA GLU B 366 -50.55 -41.91 -93.61
C GLU B 366 -50.61 -40.38 -93.69
N SER B 367 -49.68 -39.61 -94.16
CA SER B 367 -49.85 -38.19 -94.14
C SER B 367 -49.89 -37.44 -95.45
N ILE B 368 -50.16 -36.16 -95.30
CA ILE B 368 -50.22 -35.31 -96.48
C ILE B 368 -48.98 -34.48 -96.20
N ARG B 369 -49.11 -33.38 -95.50
CA ARG B 369 -47.89 -32.58 -95.16
C ARG B 369 -47.65 -32.68 -93.61
N THR B 370 -46.48 -33.04 -93.23
CA THR B 370 -46.02 -33.13 -91.88
C THR B 370 -45.18 -31.82 -91.75
N ILE B 371 -45.46 -30.96 -90.79
CA ILE B 371 -44.76 -29.69 -90.57
C ILE B 371 -43.79 -29.90 -89.40
N LEU B 372 -42.50 -29.62 -89.63
CA LEU B 372 -41.49 -29.78 -88.65
C LEU B 372 -41.20 -28.44 -87.97
N THR B 373 -41.26 -28.37 -86.66
CA THR B 373 -41.02 -27.09 -86.00
C THR B 373 -39.65 -27.19 -85.30
N PHE B 374 -38.95 -26.12 -85.37
CA PHE B 374 -37.65 -25.93 -84.83
C PHE B 374 -37.62 -25.47 -83.38
N SER C 1 6.73 -11.98 -8.50
CA SER C 1 7.17 -12.80 -9.72
C SER C 1 7.64 -14.16 -9.18
N THR C 2 8.71 -14.03 -8.34
CA THR C 2 9.25 -15.22 -7.68
C THR C 2 8.50 -15.38 -6.37
N ALA C 3 7.80 -14.28 -5.99
CA ALA C 3 7.13 -14.29 -4.71
C ALA C 3 6.28 -15.51 -4.51
N GLY C 4 6.33 -16.11 -3.35
CA GLY C 4 5.52 -17.30 -3.06
C GLY C 4 6.04 -18.60 -3.65
N LYS C 5 7.16 -18.55 -4.36
CA LYS C 5 7.70 -19.76 -4.95
C LYS C 5 9.18 -20.04 -4.62
N VAL C 6 9.54 -21.29 -4.70
CA VAL C 6 10.93 -21.76 -4.56
C VAL C 6 11.80 -21.12 -5.59
N ILE C 7 12.97 -20.64 -5.28
CA ILE C 7 13.88 -19.99 -6.23
C ILE C 7 15.08 -20.96 -6.36
N LYS C 8 15.57 -21.12 -7.60
CA LYS C 8 16.70 -22.02 -7.82
C LYS C 8 17.83 -21.03 -7.99
N CYS C 9 18.99 -21.23 -7.29
CA CYS C 9 19.98 -20.18 -7.56
C CYS C 9 21.36 -20.82 -7.16
N LYS C 10 22.37 -20.03 -7.32
CA LYS C 10 23.73 -20.46 -6.92
C LYS C 10 24.01 -19.92 -5.51
N ALA C 11 24.66 -20.77 -4.78
CA ALA C 11 25.09 -20.60 -3.41
C ALA C 11 26.41 -21.29 -3.18
N ALA C 12 27.26 -20.72 -2.32
CA ALA C 12 28.54 -21.53 -2.08
C ALA C 12 28.32 -22.44 -0.83
N VAL C 13 28.19 -23.75 -1.01
CA VAL C 13 27.98 -24.64 0.04
C VAL C 13 29.35 -25.16 0.58
N LEU C 14 29.43 -25.48 1.87
CA LEU C 14 30.59 -25.97 2.51
C LEU C 14 30.10 -27.30 2.99
N TRP C 15 30.50 -28.37 2.33
CA TRP C 15 30.06 -29.68 2.64
C TRP C 15 30.83 -30.24 3.79
N GLU C 16 32.08 -29.91 3.98
CA GLU C 16 32.83 -30.47 5.08
C GLU C 16 33.93 -29.56 5.44
N GLU C 17 34.35 -29.66 6.69
CA GLU C 17 35.47 -28.67 6.95
C GLU C 17 36.72 -28.94 6.18
N LYS C 18 37.57 -27.96 6.07
CA LYS C 18 38.87 -27.92 5.44
C LYS C 18 38.81 -27.96 3.96
N LYS C 19 37.67 -27.88 3.36
CA LYS C 19 37.50 -27.90 1.93
C LYS C 19 37.12 -26.52 1.41
N PRO C 20 37.36 -26.39 0.15
CA PRO C 20 37.04 -25.20 -0.59
C PRO C 20 35.52 -25.20 -0.65
N PHE C 21 35.00 -24.02 -0.90
CA PHE C 21 33.52 -23.91 -1.00
C PHE C 21 33.10 -24.50 -2.37
N SER C 22 31.98 -25.12 -2.41
CA SER C 22 31.45 -25.68 -3.70
C SER C 22 30.24 -24.80 -4.22
N ILE C 23 30.42 -24.03 -5.28
CA ILE C 23 29.44 -23.19 -5.89
C ILE C 23 28.43 -24.22 -6.47
N GLU C 24 27.22 -24.32 -5.95
CA GLU C 24 26.24 -25.21 -6.43
C GLU C 24 24.88 -24.55 -6.56
N GLU C 25 23.97 -25.26 -7.22
CA GLU C 25 22.60 -24.83 -7.42
C GLU C 25 21.85 -25.33 -6.16
N VAL C 26 21.16 -24.36 -5.58
CA VAL C 26 20.37 -24.69 -4.38
C VAL C 26 18.93 -24.19 -4.57
N GLU C 27 18.04 -24.70 -3.79
CA GLU C 27 16.66 -24.27 -3.80
C GLU C 27 16.37 -23.44 -2.50
N VAL C 28 15.94 -22.23 -2.60
CA VAL C 28 15.59 -21.34 -1.54
C VAL C 28 14.06 -21.29 -1.44
N ALA C 29 13.51 -21.84 -0.37
CA ALA C 29 12.09 -21.87 -0.04
C ALA C 29 11.59 -20.44 0.10
N PRO C 30 10.31 -20.22 -0.08
CA PRO C 30 9.74 -18.86 0.03
C PRO C 30 9.67 -18.61 1.56
N PRO C 31 9.68 -17.36 1.95
CA PRO C 31 9.59 -17.04 3.39
C PRO C 31 8.34 -17.45 4.10
N LYS C 32 8.40 -17.93 5.31
CA LYS C 32 7.23 -18.27 6.08
C LYS C 32 6.83 -17.05 6.96
N ALA C 33 5.89 -17.26 7.83
CA ALA C 33 5.44 -16.11 8.72
C ALA C 33 6.63 -15.37 9.37
N HIS C 34 6.75 -14.08 9.23
CA HIS C 34 7.83 -13.29 9.85
C HIS C 34 9.20 -13.57 9.35
N GLU C 35 9.29 -14.01 8.10
CA GLU C 35 10.58 -14.32 7.49
C GLU C 35 10.72 -13.42 6.32
N VAL C 36 11.92 -13.19 5.84
CA VAL C 36 12.22 -12.32 4.76
C VAL C 36 13.15 -13.02 3.79
N ARG C 37 12.93 -12.91 2.45
CA ARG C 37 13.79 -13.50 1.47
C ARG C 37 14.53 -12.37 0.85
N ILE C 38 15.90 -12.36 0.82
CA ILE C 38 16.64 -11.23 0.31
C ILE C 38 17.50 -11.66 -0.82
N LYS C 39 17.76 -10.81 -1.77
CA LYS C 39 18.52 -10.98 -2.95
C LYS C 39 19.81 -10.37 -2.60
N MET C 40 20.85 -11.21 -2.59
CA MET C 40 22.12 -10.64 -2.19
C MET C 40 22.71 -9.74 -3.21
N VAL C 41 23.33 -8.64 -2.78
CA VAL C 41 23.98 -7.69 -3.58
C VAL C 41 25.47 -7.65 -3.32
N ALA C 42 25.95 -7.72 -2.06
CA ALA C 42 27.37 -7.67 -1.78
C ALA C 42 27.66 -8.40 -0.48
N THR C 43 28.74 -9.11 -0.33
CA THR C 43 29.02 -9.87 0.93
C THR C 43 30.51 -9.80 1.10
N GLY C 44 31.01 -9.54 2.32
CA GLY C 44 32.49 -9.40 2.51
C GLY C 44 32.97 -10.75 3.07
N ILE C 45 34.28 -11.01 2.89
CA ILE C 45 34.82 -12.25 3.39
C ILE C 45 35.49 -11.90 4.75
N CYS C 46 34.86 -12.29 5.85
CA CYS C 46 35.36 -12.03 7.20
C CYS C 46 36.11 -13.26 7.71
N ARG C 47 37.15 -13.06 8.47
CA ARG C 47 37.89 -14.18 9.07
C ARG C 47 37.03 -15.15 9.78
N SER C 48 35.83 -14.89 10.32
CA SER C 48 35.00 -15.89 11.00
C SER C 48 34.39 -16.90 10.03
N ASP C 49 34.27 -16.55 8.74
CA ASP C 49 33.65 -17.47 7.76
C ASP C 49 34.64 -18.56 7.60
N ASP C 50 35.93 -18.14 7.52
CA ASP C 50 37.08 -19.07 7.38
C ASP C 50 37.10 -19.90 8.64
N HIS C 51 36.71 -19.33 9.78
CA HIS C 51 36.72 -20.14 11.02
C HIS C 51 35.73 -21.23 10.83
N VAL C 52 34.70 -21.07 10.04
CA VAL C 52 33.77 -22.23 9.92
C VAL C 52 34.49 -23.33 9.12
N VAL C 53 35.30 -22.87 8.16
CA VAL C 53 36.06 -23.75 7.31
C VAL C 53 37.06 -24.57 8.11
N SER C 54 37.87 -23.82 8.81
CA SER C 54 38.91 -24.43 9.66
C SER C 54 38.39 -25.16 10.82
N GLY C 55 37.21 -25.07 11.34
CA GLY C 55 36.86 -25.93 12.52
C GLY C 55 36.99 -25.07 13.75
N THR C 56 37.59 -23.82 13.63
CA THR C 56 37.75 -22.90 14.75
C THR C 56 36.40 -22.46 15.29
N LEU C 57 35.43 -22.22 14.39
CA LEU C 57 34.05 -21.86 14.78
C LEU C 57 33.19 -23.06 14.42
N VAL C 58 32.59 -23.77 15.27
CA VAL C 58 31.78 -24.93 15.09
C VAL C 58 30.29 -24.69 15.02
N THR C 59 29.66 -25.13 13.96
CA THR C 59 28.24 -24.93 13.60
C THR C 59 27.96 -26.08 12.64
N PRO C 60 26.79 -26.64 12.61
CA PRO C 60 26.35 -27.77 11.75
C PRO C 60 26.57 -27.65 10.28
N LEU C 61 27.15 -28.74 9.70
CA LEU C 61 27.56 -28.85 8.31
C LEU C 61 26.64 -29.80 7.65
N PRO C 62 26.38 -29.76 6.38
CA PRO C 62 26.95 -28.82 5.42
C PRO C 62 26.31 -27.43 5.66
N VAL C 63 26.90 -26.35 5.21
CA VAL C 63 26.32 -25.08 5.47
C VAL C 63 26.58 -24.04 4.45
N ILE C 64 25.72 -23.02 4.47
CA ILE C 64 25.93 -21.85 3.54
C ILE C 64 26.48 -20.78 4.46
N ALA C 65 27.71 -20.46 4.47
CA ALA C 65 28.26 -19.50 5.46
C ALA C 65 28.06 -18.09 4.96
N GLY C 66 28.79 -17.10 5.42
CA GLY C 66 28.59 -15.73 4.92
C GLY C 66 27.64 -15.00 5.96
N HIS C 67 28.16 -13.82 6.42
CA HIS C 67 27.29 -13.14 7.45
C HIS C 67 27.49 -11.64 7.47
N GLU C 68 28.44 -11.15 6.64
CA GLU C 68 28.67 -9.75 6.53
C GLU C 68 28.15 -9.44 5.09
N ALA C 69 26.94 -8.90 4.98
CA ALA C 69 26.40 -8.61 3.68
C ALA C 69 25.28 -7.56 3.66
N ALA C 70 24.90 -7.16 2.44
CA ALA C 70 23.82 -6.19 2.12
C ALA C 70 23.05 -6.66 0.86
N GLY C 71 21.74 -6.66 0.93
CA GLY C 71 20.91 -7.14 -0.20
C GLY C 71 19.64 -6.36 -0.34
N ILE C 72 18.71 -6.93 -1.12
CA ILE C 72 17.44 -6.20 -1.38
C ILE C 72 16.29 -7.13 -1.10
N VAL C 73 15.28 -6.71 -0.36
CA VAL C 73 14.18 -7.67 -0.08
C VAL C 73 13.45 -8.06 -1.35
N GLU C 74 13.26 -9.31 -1.65
CA GLU C 74 12.58 -9.84 -2.83
C GLU C 74 11.14 -10.11 -2.41
N SER C 75 10.95 -10.58 -1.20
CA SER C 75 9.60 -10.86 -0.74
C SER C 75 9.60 -11.00 0.79
N ILE C 76 8.44 -10.82 1.42
CA ILE C 76 8.29 -10.92 2.85
C ILE C 76 7.24 -11.95 3.23
N GLY C 77 7.47 -12.52 4.41
CA GLY C 77 6.44 -13.54 4.85
C GLY C 77 5.29 -12.77 5.51
N GLU C 78 4.26 -13.46 5.88
CA GLU C 78 3.07 -12.95 6.53
C GLU C 78 3.41 -12.36 7.92
N GLY C 79 2.84 -11.20 8.25
CA GLY C 79 3.15 -10.63 9.58
C GLY C 79 4.42 -9.82 9.59
N VAL C 80 5.18 -9.79 8.49
CA VAL C 80 6.38 -8.96 8.58
C VAL C 80 5.93 -7.52 8.59
N THR C 81 6.45 -6.64 9.43
CA THR C 81 6.11 -5.20 9.37
C THR C 81 7.31 -4.32 9.27
N THR C 82 8.54 -4.80 9.49
CA THR C 82 9.68 -3.90 9.42
C THR C 82 10.34 -3.62 8.11
N VAL C 83 10.16 -4.47 7.09
CA VAL C 83 10.82 -4.24 5.78
C VAL C 83 9.77 -4.62 4.70
N ARG C 84 9.98 -4.15 3.54
CA ARG C 84 9.07 -4.45 2.41
C ARG C 84 9.98 -4.77 1.13
N PRO C 85 9.36 -5.50 0.22
CA PRO C 85 9.98 -5.86 -1.06
C PRO C 85 10.57 -4.59 -1.64
N GLY C 86 11.87 -4.63 -2.09
CA GLY C 86 12.50 -3.47 -2.66
C GLY C 86 13.41 -2.77 -1.69
N ASP C 87 13.19 -2.96 -0.35
CA ASP C 87 14.08 -2.26 0.59
C ASP C 87 15.53 -2.74 0.55
N LYS C 88 16.53 -1.93 0.81
CA LYS C 88 17.94 -2.30 0.92
C LYS C 88 18.03 -2.73 2.39
N VAL C 89 18.53 -3.94 2.67
CA VAL C 89 18.59 -4.46 4.01
C VAL C 89 19.99 -5.05 4.31
N ILE C 90 20.31 -5.16 5.62
CA ILE C 90 21.58 -5.74 6.03
C ILE C 90 21.13 -6.84 7.01
N PRO C 91 21.46 -8.07 6.70
CA PRO C 91 21.19 -9.21 7.53
C PRO C 91 21.96 -9.03 8.90
N LEU C 92 21.34 -9.51 9.98
CA LEU C 92 22.01 -9.36 11.32
C LEU C 92 22.37 -10.70 11.99
N PHE C 93 23.71 -10.96 12.06
CA PHE C 93 24.17 -12.24 12.63
C PHE C 93 23.86 -12.31 14.10
N THR C 94 23.70 -11.13 14.72
CA THR C 94 23.26 -11.17 16.14
C THR C 94 21.86 -10.55 15.97
N PRO C 95 20.83 -11.27 16.28
CA PRO C 95 19.45 -10.72 16.14
C PRO C 95 19.18 -9.64 17.20
N GLN C 96 18.01 -9.02 17.04
CA GLN C 96 17.51 -8.06 18.04
C GLN C 96 16.04 -8.43 18.30
N CYS C 97 15.64 -9.40 19.06
CA CYS C 97 14.28 -9.69 19.22
C CYS C 97 13.52 -8.60 19.99
N GLY C 98 14.07 -7.61 20.61
CA GLY C 98 13.41 -6.54 21.36
C GLY C 98 12.61 -7.10 22.54
N LYS C 99 12.54 -8.33 22.99
CA LYS C 99 11.73 -8.80 24.05
C LYS C 99 12.40 -9.54 25.18
N CYS C 100 13.62 -10.09 24.98
CA CYS C 100 14.28 -10.81 26.04
C CYS C 100 14.96 -9.85 27.02
N ARG C 101 15.32 -10.40 28.18
CA ARG C 101 16.04 -9.54 29.16
C ARG C 101 17.24 -8.87 28.60
N VAL C 102 18.02 -9.49 27.66
CA VAL C 102 19.24 -8.73 27.12
C VAL C 102 18.83 -7.61 26.23
N CYS C 103 17.82 -7.83 25.38
CA CYS C 103 17.35 -6.81 24.43
C CYS C 103 16.80 -5.62 25.16
N LYS C 104 16.15 -5.88 26.34
CA LYS C 104 15.59 -4.82 27.16
C LYS C 104 16.67 -4.07 27.93
N HIS C 105 17.74 -4.79 28.34
CA HIS C 105 18.79 -4.22 29.12
C HIS C 105 19.46 -3.16 28.30
N PRO C 106 19.74 -2.02 28.83
CA PRO C 106 20.39 -0.93 28.17
C PRO C 106 21.82 -1.19 27.68
N GLU C 107 22.50 -2.23 28.17
CA GLU C 107 23.85 -2.41 27.71
C GLU C 107 24.03 -3.75 27.00
N GLY C 108 23.10 -4.67 27.05
CA GLY C 108 23.29 -5.91 26.35
C GLY C 108 22.94 -5.82 24.85
N ASN C 109 23.51 -6.72 24.02
CA ASN C 109 23.34 -6.85 22.61
C ASN C 109 23.18 -8.30 22.22
N PHE C 110 23.75 -9.15 23.04
CA PHE C 110 23.74 -10.58 22.75
C PHE C 110 22.40 -11.14 23.00
N CYS C 111 21.45 -10.83 22.08
CA CYS C 111 20.03 -11.27 22.14
C CYS C 111 19.96 -12.69 22.37
N LEU C 112 19.15 -13.23 23.22
CA LEU C 112 18.95 -14.61 23.59
C LEU C 112 18.54 -15.56 22.46
N LYS C 113 18.08 -15.02 21.31
CA LYS C 113 17.64 -15.84 20.17
C LYS C 113 18.82 -15.98 19.19
N ASN C 114 20.04 -15.58 19.60
CA ASN C 114 21.17 -15.75 18.71
C ASN C 114 21.35 -17.30 18.49
N ASP C 115 22.14 -17.55 17.41
CA ASP C 115 22.40 -18.96 17.09
C ASP C 115 23.89 -19.23 17.37
N LEU C 116 24.48 -18.34 18.20
CA LEU C 116 25.89 -18.52 18.55
C LEU C 116 26.18 -19.54 19.68
N SER C 117 25.61 -19.51 20.82
CA SER C 117 25.86 -20.38 21.95
C SER C 117 25.52 -21.83 21.75
N MET C 118 24.36 -22.24 21.30
CA MET C 118 24.01 -23.63 21.04
C MET C 118 23.63 -23.63 19.57
N PRO C 119 24.59 -23.66 18.71
CA PRO C 119 24.35 -23.61 17.23
C PRO C 119 23.44 -24.68 16.69
N ARG C 120 22.29 -24.23 16.07
CA ARG C 120 21.40 -25.20 15.47
C ARG C 120 21.55 -25.18 13.95
N GLY C 121 21.97 -24.08 13.39
CA GLY C 121 22.13 -23.88 12.00
C GLY C 121 20.78 -24.01 11.25
N THR C 122 19.74 -23.43 11.87
CA THR C 122 18.42 -23.37 11.28
C THR C 122 17.93 -21.90 11.34
N MET C 123 16.65 -21.81 11.01
CA MET C 123 15.89 -20.56 11.09
C MET C 123 15.27 -20.70 12.51
N GLN C 124 14.75 -19.52 12.97
CA GLN C 124 14.10 -19.54 14.31
C GLN C 124 13.18 -20.73 14.49
N ASP C 125 12.44 -21.16 13.50
CA ASP C 125 11.52 -22.29 13.68
C ASP C 125 12.13 -23.67 13.76
N GLY C 126 13.44 -23.74 13.71
CA GLY C 126 14.15 -25.01 13.80
C GLY C 126 14.31 -25.68 12.45
N THR C 127 13.90 -25.10 11.34
CA THR C 127 13.97 -25.70 10.01
C THR C 127 14.81 -24.84 9.11
N SER C 128 15.27 -25.45 8.06
CA SER C 128 16.10 -24.94 7.00
C SER C 128 15.24 -24.56 5.72
N ARG C 129 15.55 -23.59 4.97
CA ARG C 129 14.92 -23.11 3.81
C ARG C 129 15.83 -23.38 2.58
N PHE C 130 16.97 -24.11 2.83
CA PHE C 130 17.93 -24.41 1.78
C PHE C 130 17.93 -25.96 1.57
N THR C 131 18.01 -26.26 0.26
CA THR C 131 18.07 -27.62 -0.22
C THR C 131 19.10 -27.75 -1.35
N CYS C 132 19.91 -28.78 -1.30
CA CYS C 132 20.92 -28.97 -2.35
C CYS C 132 20.96 -30.46 -2.61
N ARG C 133 20.77 -30.90 -3.84
CA ARG C 133 20.79 -32.32 -4.27
C ARG C 133 19.76 -33.04 -3.42
N GLY C 134 18.66 -32.44 -3.07
CA GLY C 134 17.61 -33.02 -2.22
C GLY C 134 17.96 -33.00 -0.72
N LYS C 135 19.14 -32.53 -0.35
CA LYS C 135 19.59 -32.46 1.03
C LYS C 135 19.50 -31.07 1.63
N PRO C 136 19.01 -31.03 2.83
CA PRO C 136 18.86 -29.81 3.63
C PRO C 136 20.25 -29.26 3.92
N ILE C 137 20.41 -27.99 3.73
CA ILE C 137 21.60 -27.30 3.98
C ILE C 137 21.40 -26.31 5.19
N HIS C 138 22.30 -26.36 6.14
CA HIS C 138 22.19 -25.51 7.32
C HIS C 138 22.39 -24.01 7.09
N HIS C 139 21.78 -23.26 7.99
CA HIS C 139 21.99 -21.76 7.86
C HIS C 139 23.18 -21.50 8.81
N PHE C 140 23.68 -20.32 8.76
CA PHE C 140 24.79 -19.88 9.62
C PHE C 140 24.39 -18.55 10.36
N LEU C 141 24.20 -18.71 11.63
CA LEU C 141 23.79 -17.56 12.45
C LEU C 141 22.57 -16.81 11.88
N GLY C 142 21.59 -17.54 11.34
CA GLY C 142 20.43 -16.86 10.78
C GLY C 142 20.82 -15.80 9.70
N THR C 143 21.86 -16.00 8.90
CA THR C 143 22.22 -15.08 7.87
C THR C 143 22.55 -15.89 6.60
N SER C 144 23.68 -16.47 6.39
CA SER C 144 24.02 -17.29 5.24
C SER C 144 23.85 -16.44 3.95
N THR C 145 24.84 -15.53 3.79
CA THR C 145 24.85 -14.62 2.71
C THR C 145 25.70 -14.99 1.56
N PHE C 146 26.32 -16.18 1.68
CA PHE C 146 27.18 -16.67 0.50
C PHE C 146 26.22 -17.42 -0.42
N SER C 147 25.22 -16.74 -0.96
CA SER C 147 24.19 -17.28 -1.84
C SER C 147 23.47 -16.12 -2.55
N GLN C 148 22.98 -16.33 -3.74
CA GLN C 148 22.30 -15.23 -4.48
C GLN C 148 21.04 -14.88 -3.76
N TYR C 149 20.38 -15.79 -3.04
CA TYR C 149 19.23 -15.43 -2.30
C TYR C 149 19.30 -16.03 -0.94
N THR C 150 18.81 -15.38 0.10
CA THR C 150 18.76 -16.15 1.44
C THR C 150 17.43 -15.86 2.13
N VAL C 151 17.11 -16.49 3.22
CA VAL C 151 15.85 -16.18 3.92
C VAL C 151 16.22 -16.03 5.38
N VAL C 152 15.98 -14.85 5.93
CA VAL C 152 16.23 -14.57 7.34
C VAL C 152 14.99 -14.30 8.15
N ASP C 153 15.11 -14.47 9.53
CA ASP C 153 13.96 -14.19 10.41
C ASP C 153 13.89 -12.64 10.48
N GLU C 154 12.70 -12.08 10.74
CA GLU C 154 12.52 -10.63 10.82
C GLU C 154 13.46 -9.99 11.85
N ILE C 155 13.62 -10.68 13.01
CA ILE C 155 14.51 -10.13 14.04
C ILE C 155 15.97 -10.13 13.66
N SER C 156 16.34 -10.68 12.51
CA SER C 156 17.69 -10.76 12.02
C SER C 156 17.86 -9.91 10.80
N VAL C 157 16.99 -8.91 10.63
CA VAL C 157 17.24 -8.10 9.45
C VAL C 157 16.97 -6.62 9.73
N ALA C 158 17.67 -5.69 9.13
CA ALA C 158 17.42 -4.34 9.33
C ALA C 158 17.29 -3.59 7.98
N LYS C 159 16.33 -2.65 7.91
CA LYS C 159 16.09 -1.84 6.74
C LYS C 159 17.04 -0.66 6.74
N ILE C 160 17.78 -0.26 5.74
CA ILE C 160 18.73 0.79 5.75
C ILE C 160 18.40 1.77 4.62
N ASP C 161 19.14 2.86 4.56
CA ASP C 161 18.92 3.90 3.62
C ASP C 161 18.91 3.36 2.17
N ALA C 162 17.80 3.74 1.48
CA ALA C 162 17.60 3.37 0.05
C ALA C 162 18.72 3.85 -0.84
N ALA C 163 19.48 4.86 -0.48
CA ALA C 163 20.58 5.29 -1.42
C ALA C 163 21.99 4.84 -0.98
N SER C 164 22.05 3.94 0.07
CA SER C 164 23.48 3.62 0.40
C SER C 164 24.06 2.66 -0.61
N PRO C 165 25.37 2.78 -0.86
CA PRO C 165 26.14 1.94 -1.74
C PRO C 165 26.35 0.59 -1.02
N LEU C 166 25.52 -0.45 -1.31
CA LEU C 166 25.58 -1.74 -0.69
C LEU C 166 26.93 -2.44 -0.80
N GLU C 167 27.76 -2.11 -1.81
CA GLU C 167 29.04 -2.78 -2.00
C GLU C 167 30.07 -2.25 -0.99
N LYS C 168 29.76 -1.15 -0.29
CA LYS C 168 30.52 -0.53 0.78
C LYS C 168 29.86 -0.85 2.12
N VAL C 169 28.57 -0.43 2.33
CA VAL C 169 27.92 -0.73 3.60
C VAL C 169 27.69 -2.19 4.08
N CYS C 170 28.11 -3.16 3.27
CA CYS C 170 27.91 -4.56 3.74
C CYS C 170 28.92 -4.68 4.90
N LEU C 171 30.03 -3.97 4.97
CA LEU C 171 31.02 -3.97 6.03
C LEU C 171 30.36 -3.57 7.33
N ILE C 172 29.35 -2.75 7.39
CA ILE C 172 28.64 -2.44 8.61
C ILE C 172 27.93 -3.66 9.12
N GLY C 173 27.82 -4.77 8.40
CA GLY C 173 27.16 -6.00 8.74
C GLY C 173 27.99 -6.80 9.73
N CYS C 174 29.28 -6.54 9.81
CA CYS C 174 30.17 -7.22 10.70
C CYS C 174 31.44 -6.47 11.03
N GLY C 175 32.42 -6.59 10.21
CA GLY C 175 33.73 -5.96 10.32
C GLY C 175 33.89 -4.59 10.88
N PHE C 176 33.35 -3.58 10.21
CA PHE C 176 33.48 -2.24 10.65
C PHE C 176 32.79 -2.02 11.98
N SER C 177 31.56 -2.37 12.09
CA SER C 177 30.75 -2.20 13.28
C SER C 177 31.44 -2.84 14.52
N THR C 178 31.85 -4.09 14.39
CA THR C 178 32.50 -4.81 15.48
C THR C 178 33.74 -4.03 15.91
N GLY C 179 34.64 -3.68 14.93
CA GLY C 179 35.79 -2.96 15.35
C GLY C 179 35.56 -1.70 16.12
N TYR C 180 34.93 -0.75 15.42
CA TYR C 180 34.55 0.57 15.87
C TYR C 180 33.80 0.58 17.21
N GLY C 181 32.76 -0.26 17.39
CA GLY C 181 32.04 -0.28 18.58
C GLY C 181 32.97 -0.77 19.70
N SER C 182 33.73 -1.86 19.36
CA SER C 182 34.68 -2.41 20.40
C SER C 182 35.46 -1.24 21.07
N ALA C 183 35.97 -0.30 20.31
CA ALA C 183 36.70 0.81 20.78
C ALA C 183 35.87 1.90 21.51
N VAL C 184 34.94 2.43 20.76
CA VAL C 184 34.07 3.46 21.23
C VAL C 184 32.92 3.02 22.16
N LYS C 185 32.27 1.94 22.00
CA LYS C 185 31.21 1.58 22.89
C LYS C 185 31.61 0.58 24.03
N VAL C 186 32.43 -0.43 23.79
CA VAL C 186 32.78 -1.43 24.74
C VAL C 186 33.96 -0.95 25.59
N ALA C 187 35.03 -0.61 24.99
CA ALA C 187 36.17 -0.14 25.74
C ALA C 187 35.96 1.29 26.23
N LYS C 188 35.34 2.09 25.38
CA LYS C 188 35.08 3.50 25.59
C LYS C 188 36.38 4.23 25.67
N VAL C 189 37.19 4.14 24.62
CA VAL C 189 38.52 4.81 24.63
C VAL C 189 38.30 6.27 25.01
N THR C 190 39.17 6.89 25.76
CA THR C 190 39.08 8.23 26.22
C THR C 190 40.07 9.06 25.46
N GLN C 191 39.70 10.35 25.32
CA GLN C 191 40.55 11.29 24.63
C GLN C 191 41.91 11.39 25.34
N GLY C 192 43.03 11.43 24.62
CA GLY C 192 44.35 11.54 25.14
C GLY C 192 44.90 10.20 25.56
N SER C 193 44.17 9.12 25.56
CA SER C 193 44.66 7.81 25.92
C SER C 193 45.68 7.14 24.93
N THR C 194 46.24 6.01 25.42
CA THR C 194 47.19 5.20 24.66
C THR C 194 46.53 3.83 24.42
N CYS C 195 46.41 3.44 23.16
CA CYS C 195 45.70 2.12 22.89
C CYS C 195 46.65 1.16 22.23
N ALA C 196 46.41 -0.10 22.40
CA ALA C 196 47.24 -1.09 21.74
C ALA C 196 46.26 -2.05 21.06
N VAL C 197 46.43 -2.17 19.75
CA VAL C 197 45.57 -3.07 18.92
C VAL C 197 46.27 -4.28 18.37
N PHE C 198 45.93 -5.44 18.77
CA PHE C 198 46.60 -6.62 18.23
C PHE C 198 45.84 -7.24 17.08
N GLY C 199 46.40 -7.26 15.87
CA GLY C 199 45.69 -7.87 14.75
C GLY C 199 45.32 -6.72 13.83
N LEU C 200 45.85 -6.63 12.55
CA LEU C 200 45.52 -5.49 11.75
C LEU C 200 44.72 -5.81 10.48
N GLY C 201 43.73 -6.68 10.66
CA GLY C 201 42.87 -7.11 9.59
C GLY C 201 41.75 -6.13 9.55
N GLY C 202 40.65 -6.43 8.89
CA GLY C 202 39.53 -5.51 8.76
C GLY C 202 38.97 -5.04 10.09
N VAL C 203 38.95 -6.07 11.02
CA VAL C 203 38.34 -5.62 12.29
C VAL C 203 39.28 -4.76 13.06
N GLY C 204 40.55 -5.12 13.09
CA GLY C 204 41.53 -4.41 13.83
C GLY C 204 41.63 -3.01 13.35
N LEU C 205 41.59 -2.79 12.03
CA LEU C 205 41.71 -1.45 11.41
C LEU C 205 40.50 -0.66 11.86
N SER C 206 39.36 -1.37 11.91
CA SER C 206 38.15 -0.68 12.36
C SER C 206 38.34 -0.35 13.87
N VAL C 207 39.02 -1.22 14.65
CA VAL C 207 39.26 -0.88 16.04
C VAL C 207 40.10 0.44 16.09
N ILE C 208 41.10 0.53 15.22
CA ILE C 208 41.91 1.70 15.17
C ILE C 208 41.05 2.88 14.73
N MET C 209 40.14 2.78 13.77
CA MET C 209 39.33 3.93 13.37
C MET C 209 38.53 4.47 14.58
N GLY C 210 37.99 3.54 15.42
CA GLY C 210 37.20 3.92 16.56
C GLY C 210 38.12 4.57 17.63
N CYS C 211 39.36 4.03 17.81
CA CYS C 211 40.22 4.68 18.78
C CYS C 211 40.54 6.12 18.39
N LYS C 212 40.81 6.23 17.06
CA LYS C 212 41.15 7.61 16.60
C LYS C 212 39.97 8.56 16.73
N ALA C 213 38.74 8.08 16.49
CA ALA C 213 37.51 8.91 16.61
C ALA C 213 37.25 9.17 18.09
N ALA C 214 37.67 8.31 19.04
CA ALA C 214 37.44 8.49 20.47
C ALA C 214 38.38 9.58 21.09
N GLY C 215 39.43 9.94 20.31
CA GLY C 215 40.42 10.93 20.67
C GLY C 215 41.71 10.40 21.21
N ALA C 216 42.07 9.14 20.86
CA ALA C 216 43.30 8.52 21.40
C ALA C 216 44.51 9.29 20.89
N ALA C 217 45.51 9.47 21.80
CA ALA C 217 46.70 10.20 21.38
C ALA C 217 47.74 9.24 20.79
N ARG C 218 47.74 8.01 21.23
CA ARG C 218 48.72 7.02 20.71
C ARG C 218 47.96 5.76 20.36
N ILE C 219 48.25 5.15 19.25
CA ILE C 219 47.48 3.91 18.88
C ILE C 219 48.56 3.00 18.30
N ILE C 220 48.96 1.99 19.01
CA ILE C 220 50.03 1.10 18.58
C ILE C 220 49.45 -0.15 17.98
N GLY C 221 49.72 -0.34 16.71
CA GLY C 221 49.17 -1.57 16.06
C GLY C 221 50.21 -2.69 16.19
N VAL C 222 49.78 -3.89 16.42
CA VAL C 222 50.74 -4.98 16.55
C VAL C 222 50.35 -6.09 15.64
N ASP C 223 51.29 -6.57 14.83
CA ASP C 223 50.96 -7.67 13.93
C ASP C 223 52.24 -8.37 13.54
N ILE C 224 52.26 -9.66 13.23
CA ILE C 224 53.43 -10.37 12.78
C ILE C 224 53.61 -10.23 11.23
N ASN C 225 52.75 -9.52 10.54
CA ASN C 225 52.80 -9.28 9.15
C ASN C 225 52.94 -7.78 8.88
N LYS C 226 54.17 -7.37 8.73
CA LYS C 226 54.48 -5.97 8.48
C LYS C 226 53.82 -5.38 7.31
N ASP C 227 53.35 -6.19 6.35
CA ASP C 227 52.64 -5.64 5.18
C ASP C 227 51.37 -4.88 5.56
N LYS C 228 50.87 -5.19 6.78
CA LYS C 228 49.71 -4.56 7.35
C LYS C 228 49.98 -3.17 7.97
N PHE C 229 51.29 -2.82 8.21
CA PHE C 229 51.50 -1.52 8.90
C PHE C 229 51.11 -0.28 8.15
N ALA C 230 51.42 -0.13 6.88
CA ALA C 230 51.06 1.08 6.16
C ALA C 230 49.57 1.45 6.27
N LYS C 231 48.69 0.53 5.89
CA LYS C 231 47.25 0.82 6.03
C LYS C 231 46.84 1.13 7.52
N ALA C 232 47.40 0.41 8.50
CA ALA C 232 47.08 0.65 9.92
C ALA C 232 47.50 2.11 10.24
N LYS C 233 48.69 2.58 9.76
CA LYS C 233 49.05 3.92 9.99
C LYS C 233 47.98 4.83 9.30
N GLU C 234 47.62 4.48 8.04
CA GLU C 234 46.74 5.38 7.32
C GLU C 234 45.45 5.63 8.07
N VAL C 235 44.87 4.68 8.71
CA VAL C 235 43.60 4.95 9.39
C VAL C 235 43.84 5.46 10.80
N GLY C 236 45.10 5.59 11.26
CA GLY C 236 45.25 6.14 12.61
C GLY C 236 46.32 5.61 13.53
N ALA C 237 46.97 4.47 13.21
CA ALA C 237 47.96 3.97 14.15
C ALA C 237 49.08 4.95 14.20
N THR C 238 49.61 5.22 15.40
CA THR C 238 50.75 6.19 15.45
C THR C 238 52.11 5.47 15.39
N GLU C 239 52.09 4.13 15.68
CA GLU C 239 53.29 3.33 15.65
C GLU C 239 52.85 1.89 15.34
N CYS C 240 53.70 1.07 14.86
CA CYS C 240 53.36 -0.29 14.60
C CYS C 240 54.51 -1.19 15.08
N VAL C 241 54.21 -2.34 15.65
CA VAL C 241 55.20 -3.20 16.15
C VAL C 241 55.00 -4.60 15.72
N ASN C 242 56.07 -5.31 15.42
CA ASN C 242 55.95 -6.71 14.98
C ASN C 242 56.71 -7.50 15.99
N PRO C 243 56.05 -8.33 16.68
CA PRO C 243 56.54 -9.20 17.75
C PRO C 243 57.73 -10.08 17.43
N GLN C 244 57.94 -10.27 16.15
CA GLN C 244 59.06 -11.14 15.64
C GLN C 244 60.35 -10.34 15.49
N ASP C 245 60.25 -9.04 15.65
CA ASP C 245 61.46 -8.25 15.59
C ASP C 245 62.16 -8.20 16.95
N TYR C 246 61.45 -8.64 18.04
CA TYR C 246 62.02 -8.54 19.35
C TYR C 246 62.50 -9.83 20.01
N LYS C 247 63.54 -9.68 20.85
CA LYS C 247 64.03 -10.85 21.58
C LYS C 247 63.24 -10.95 22.90
N LYS C 248 62.42 -9.96 23.32
CA LYS C 248 61.68 -10.08 24.58
C LYS C 248 60.17 -10.18 24.21
N PRO C 249 59.36 -10.74 25.09
CA PRO C 249 57.91 -10.86 24.91
C PRO C 249 57.36 -9.48 24.61
N ILE C 250 56.37 -9.42 23.73
CA ILE C 250 55.80 -8.12 23.28
C ILE C 250 55.10 -7.38 24.41
N GLN C 251 54.62 -8.09 25.47
CA GLN C 251 54.00 -7.33 26.58
C GLN C 251 55.10 -6.44 27.22
N GLU C 252 56.31 -7.00 27.35
CA GLU C 252 57.35 -6.15 27.91
C GLU C 252 57.57 -4.96 27.02
N VAL C 253 57.77 -5.21 25.70
CA VAL C 253 58.02 -4.05 24.81
C VAL C 253 56.94 -2.97 24.97
N LEU C 254 55.68 -3.43 24.90
CA LEU C 254 54.58 -2.48 25.02
C LEU C 254 54.51 -1.72 26.36
N THR C 255 54.73 -2.47 27.40
CA THR C 255 54.71 -1.86 28.74
C THR C 255 55.81 -0.78 28.77
N GLU C 256 57.00 -1.18 28.33
CA GLU C 256 58.05 -0.18 28.28
C GLU C 256 57.69 1.07 27.45
N MET C 257 57.29 0.90 26.16
CA MET C 257 56.97 2.07 25.33
C MET C 257 55.78 2.87 25.81
N SER C 258 54.91 2.22 26.60
CA SER C 258 53.72 2.95 27.07
C SER C 258 54.04 3.50 28.48
N ASN C 259 55.28 3.40 28.91
CA ASN C 259 55.77 3.87 30.19
C ASN C 259 54.94 3.25 31.36
N GLY C 260 54.83 1.91 31.33
CA GLY C 260 54.06 1.27 32.36
C GLY C 260 52.84 0.53 32.06
N GLY C 261 52.31 0.56 30.80
CA GLY C 261 51.08 -0.19 30.43
C GLY C 261 50.14 0.73 29.67
N VAL C 262 49.33 0.19 28.71
CA VAL C 262 48.44 1.11 27.98
C VAL C 262 47.14 1.28 28.70
N ASP C 263 46.39 2.26 28.27
CA ASP C 263 45.06 2.45 28.90
C ASP C 263 44.06 1.48 28.36
N PHE C 264 44.16 1.16 27.05
CA PHE C 264 43.19 0.19 26.42
C PHE C 264 43.89 -0.69 25.44
N SER C 265 43.72 -2.00 25.49
CA SER C 265 44.30 -2.94 24.60
C SER C 265 43.17 -3.75 24.02
N PHE C 266 43.34 -4.25 22.85
CA PHE C 266 42.31 -5.07 22.08
C PHE C 266 42.89 -6.30 21.39
N GLU C 267 42.35 -7.47 21.60
CA GLU C 267 42.91 -8.65 20.92
C GLU C 267 41.89 -8.86 19.73
N VAL C 268 42.52 -8.69 18.52
CA VAL C 268 41.65 -8.82 17.32
C VAL C 268 42.23 -9.84 16.34
N ILE C 269 42.61 -11.01 16.86
CA ILE C 269 43.22 -12.03 16.07
C ILE C 269 42.46 -13.33 16.30
N GLY C 270 42.49 -13.80 17.55
CA GLY C 270 41.78 -15.07 17.77
C GLY C 270 42.69 -16.15 18.32
N ARG C 271 43.71 -15.77 19.13
CA ARG C 271 44.62 -16.70 19.81
C ARG C 271 44.58 -16.65 21.33
N LEU C 272 44.52 -17.76 22.03
CA LEU C 272 44.60 -17.73 23.47
C LEU C 272 45.84 -16.98 23.94
N ASP C 273 47.06 -17.16 23.45
CA ASP C 273 48.15 -16.39 23.98
C ASP C 273 48.13 -14.88 23.80
N THR C 274 47.67 -14.37 22.66
CA THR C 274 47.58 -12.91 22.44
C THR C 274 46.46 -12.33 23.35
N MET C 275 45.51 -13.13 23.71
CA MET C 275 44.44 -12.65 24.58
C MET C 275 45.12 -12.31 25.93
N VAL C 276 45.87 -13.19 26.53
CA VAL C 276 46.61 -13.02 27.75
C VAL C 276 47.58 -11.84 27.69
N THR C 277 48.39 -11.87 26.63
CA THR C 277 49.36 -10.79 26.40
C THR C 277 48.65 -9.47 26.30
N ALA C 278 47.51 -9.40 25.59
CA ALA C 278 46.82 -8.09 25.42
C ALA C 278 46.34 -7.64 26.79
N LEU C 279 45.86 -8.55 27.59
CA LEU C 279 45.48 -8.15 28.96
C LEU C 279 46.68 -7.61 29.80
N SER C 280 47.78 -8.34 29.76
CA SER C 280 48.95 -7.93 30.48
C SER C 280 49.53 -6.57 30.10
N CYS C 281 49.55 -6.22 28.84
CA CYS C 281 50.15 -4.97 28.39
C CYS C 281 49.29 -3.80 28.77
N CYS C 282 48.07 -4.02 29.32
CA CYS C 282 47.32 -2.82 29.74
C CYS C 282 47.76 -2.49 31.19
N GLN C 283 47.89 -1.22 31.59
CA GLN C 283 48.29 -0.76 32.93
C GLN C 283 47.51 -1.52 33.93
N GLU C 284 48.23 -2.17 34.84
CA GLU C 284 47.68 -3.02 35.93
C GLU C 284 46.62 -2.47 36.88
N ALA C 285 46.64 -1.14 37.13
CA ALA C 285 45.73 -0.54 38.04
C ALA C 285 44.46 -0.07 37.38
N TYR C 286 44.58 0.48 36.20
CA TYR C 286 43.35 0.96 35.55
C TYR C 286 43.23 0.66 34.05
N GLY C 287 44.00 -0.30 33.55
CA GLY C 287 43.92 -0.60 32.09
C GLY C 287 42.69 -1.46 31.83
N VAL C 288 42.30 -1.31 30.56
CA VAL C 288 41.11 -2.09 30.09
C VAL C 288 41.55 -2.89 28.90
N SER C 289 41.18 -4.18 28.85
CA SER C 289 41.51 -5.02 27.71
C SER C 289 40.18 -5.62 27.15
N VAL C 290 40.03 -5.52 25.81
CA VAL C 290 38.77 -6.06 25.20
C VAL C 290 39.05 -7.19 24.21
N ILE C 291 38.43 -8.32 24.43
CA ILE C 291 38.71 -9.47 23.55
C ILE C 291 37.75 -9.34 22.33
N VAL C 292 38.31 -9.27 21.13
CA VAL C 292 37.39 -9.17 20.01
C VAL C 292 37.48 -10.50 19.18
N GLY C 293 38.71 -11.08 19.10
CA GLY C 293 39.01 -12.27 18.38
C GLY C 293 38.30 -13.50 18.89
N VAL C 294 38.00 -14.42 17.91
CA VAL C 294 37.32 -15.64 18.25
C VAL C 294 38.40 -16.71 18.45
N PRO C 295 38.37 -17.38 19.59
CA PRO C 295 39.35 -18.42 19.88
C PRO C 295 38.92 -19.75 19.35
N PRO C 296 39.85 -20.66 19.24
CA PRO C 296 39.69 -22.04 18.76
C PRO C 296 38.61 -22.72 19.57
N ASP C 297 37.64 -23.34 18.94
CA ASP C 297 36.56 -23.98 19.66
C ASP C 297 36.89 -24.82 20.88
N SER C 298 36.19 -24.56 21.98
CA SER C 298 36.31 -25.25 23.24
C SER C 298 37.65 -25.23 24.00
N GLN C 299 38.64 -24.47 23.63
CA GLN C 299 39.91 -24.35 24.21
C GLN C 299 39.94 -23.29 25.29
N ASN C 300 40.59 -23.67 26.41
CA ASN C 300 40.70 -22.69 27.48
C ASN C 300 42.03 -22.01 27.53
N LEU C 301 42.00 -20.85 28.15
CA LEU C 301 43.32 -20.15 28.33
C LEU C 301 43.68 -20.28 29.80
N SER C 302 44.87 -19.92 30.18
CA SER C 302 45.50 -19.93 31.45
C SER C 302 46.08 -18.54 31.65
N MET C 303 45.75 -18.04 32.88
CA MET C 303 46.29 -16.66 33.20
C MET C 303 46.28 -16.55 34.70
N ASN C 304 47.09 -15.63 35.18
CA ASN C 304 47.20 -15.37 36.60
C ASN C 304 46.14 -14.33 37.01
N PRO C 305 45.31 -14.68 37.92
CA PRO C 305 44.26 -13.85 38.47
C PRO C 305 44.78 -12.54 39.07
N MET C 306 46.06 -12.38 39.43
CA MET C 306 46.62 -11.19 39.95
C MET C 306 46.61 -10.16 38.89
N LEU C 307 46.55 -10.52 37.61
CA LEU C 307 46.56 -9.45 36.58
C LEU C 307 45.25 -8.69 36.77
N LEU C 308 44.17 -9.31 37.30
CA LEU C 308 42.88 -8.68 37.52
C LEU C 308 42.79 -8.00 38.88
N LEU C 309 43.26 -8.70 39.91
CA LEU C 309 43.29 -8.22 41.26
C LEU C 309 43.91 -6.84 41.41
N SER C 310 44.98 -6.47 40.66
CA SER C 310 45.47 -5.17 40.90
C SER C 310 44.58 -4.07 40.34
N GLY C 311 43.51 -4.36 39.59
CA GLY C 311 42.69 -3.32 38.99
C GLY C 311 42.32 -3.43 37.52
N ARG C 312 42.99 -4.22 36.71
CA ARG C 312 42.62 -4.37 35.31
C ARG C 312 41.18 -4.83 35.13
N THR C 313 40.68 -4.52 33.95
CA THR C 313 39.33 -4.82 33.49
C THR C 313 39.47 -5.62 32.23
N TRP C 314 38.86 -6.80 32.26
CA TRP C 314 38.94 -7.66 31.06
C TRP C 314 37.52 -7.84 30.51
N LYS C 315 37.33 -7.62 29.24
CA LYS C 315 35.95 -7.84 28.68
C LYS C 315 35.94 -8.21 27.20
N GLY C 316 34.76 -8.63 26.74
CA GLY C 316 34.70 -8.94 25.32
C GLY C 316 33.31 -8.52 24.79
N ALA C 317 33.13 -8.66 23.49
CA ALA C 317 31.87 -8.40 22.84
C ALA C 317 31.69 -8.96 21.41
N ILE C 318 30.44 -9.24 21.11
CA ILE C 318 30.04 -9.72 19.86
C ILE C 318 29.56 -8.44 19.15
N PHE C 319 29.99 -8.21 17.94
CA PHE C 319 29.49 -7.02 17.14
C PHE C 319 29.68 -5.63 17.70
N GLY C 320 30.84 -5.35 18.35
CA GLY C 320 31.15 -4.05 18.89
C GLY C 320 30.15 -3.58 19.97
N GLY C 321 29.38 -4.43 20.70
CA GLY C 321 28.41 -4.04 21.66
C GLY C 321 27.11 -3.47 21.10
N PHE C 322 27.03 -3.26 19.75
CA PHE C 322 25.78 -2.76 19.13
C PHE C 322 24.58 -3.59 19.13
N LYS C 323 23.45 -2.91 19.54
CA LYS C 323 22.08 -3.61 19.54
C LYS C 323 21.92 -3.73 18.00
N SER C 324 21.85 -4.88 17.43
CA SER C 324 21.86 -4.97 15.95
C SER C 324 20.89 -4.19 15.12
N LYS C 325 19.60 -4.42 15.31
CA LYS C 325 18.55 -3.75 14.55
C LYS C 325 18.52 -2.23 14.77
N ASP C 326 18.74 -1.82 16.06
CA ASP C 326 18.77 -0.34 16.17
C ASP C 326 20.01 0.25 15.63
N SER C 327 21.18 -0.32 15.78
CA SER C 327 22.36 0.41 15.27
C SER C 327 22.74 0.35 13.86
N VAL C 328 22.40 -0.83 13.20
CA VAL C 328 22.79 -0.87 11.76
C VAL C 328 22.32 0.30 10.94
N PRO C 329 21.07 0.66 11.01
CA PRO C 329 20.46 1.75 10.23
C PRO C 329 21.08 3.05 10.63
N LYS C 330 21.41 3.33 11.92
CA LYS C 330 22.07 4.58 12.30
C LYS C 330 23.47 4.59 11.73
N LEU C 331 24.13 3.41 11.82
CA LEU C 331 25.53 3.45 11.29
C LEU C 331 25.58 3.77 9.81
N VAL C 332 24.58 3.17 9.07
CA VAL C 332 24.58 3.47 7.60
C VAL C 332 24.37 4.96 7.42
N ALA C 333 23.34 5.46 8.20
CA ALA C 333 23.11 6.98 8.07
C ALA C 333 24.38 7.74 8.30
N ASP C 334 25.13 7.49 9.41
CA ASP C 334 26.37 8.20 9.65
C ASP C 334 27.37 7.99 8.54
N PHE C 335 27.28 6.78 7.90
CA PHE C 335 28.29 6.64 6.79
C PHE C 335 27.81 7.56 5.66
N MET C 336 26.48 7.61 5.55
CA MET C 336 25.91 8.43 4.46
C MET C 336 26.35 9.83 4.72
N ALA C 337 26.30 10.22 6.02
CA ALA C 337 26.76 11.63 6.31
C ALA C 337 28.26 11.78 6.42
N LYS C 338 29.08 10.83 5.97
CA LYS C 338 30.53 10.91 6.03
C LYS C 338 31.17 10.97 7.39
N LYS C 339 30.55 10.38 8.38
CA LYS C 339 31.12 10.39 9.74
C LYS C 339 32.34 9.47 9.82
N PHE C 340 32.36 8.36 9.03
CA PHE C 340 33.49 7.35 9.04
C PHE C 340 33.62 6.76 7.60
N ALA C 341 34.81 6.15 7.36
CA ALA C 341 35.10 5.65 6.02
C ALA C 341 35.15 4.14 6.03
N LEU C 342 34.76 3.58 4.90
CA LEU C 342 34.78 2.12 4.70
C LEU C 342 35.77 1.77 3.64
N ASP C 343 36.07 2.61 2.64
CA ASP C 343 37.04 2.32 1.59
C ASP C 343 38.37 1.75 2.02
N PRO C 344 38.99 2.19 3.06
CA PRO C 344 40.29 1.70 3.56
C PRO C 344 40.28 0.21 3.92
N LEU C 345 39.13 -0.38 4.22
CA LEU C 345 39.13 -1.80 4.53
C LEU C 345 38.89 -2.70 3.28
N ILE C 346 38.63 -2.00 2.14
CA ILE C 346 38.35 -2.75 0.90
C ILE C 346 39.59 -2.75 0.00
N THR C 347 40.24 -3.89 -0.17
CA THR C 347 41.40 -4.01 -0.98
C THR C 347 41.14 -4.83 -2.25
N HIS C 348 40.11 -5.70 -2.30
CA HIS C 348 39.77 -6.52 -3.41
C HIS C 348 38.25 -6.61 -3.58
N VAL C 349 37.88 -6.69 -4.82
CA VAL C 349 36.47 -6.84 -5.23
C VAL C 349 36.47 -8.02 -6.18
N LEU C 350 35.54 -8.93 -6.12
CA LEU C 350 35.48 -10.12 -6.98
C LEU C 350 34.03 -10.52 -7.14
N PRO C 351 33.81 -11.23 -8.21
CA PRO C 351 32.44 -11.70 -8.53
C PRO C 351 32.20 -12.83 -7.61
N PHE C 352 30.99 -13.04 -7.13
CA PHE C 352 30.69 -14.11 -6.20
C PHE C 352 31.32 -15.46 -6.49
N GLU C 353 31.38 -15.82 -7.73
CA GLU C 353 31.83 -17.12 -8.27
C GLU C 353 33.30 -17.35 -7.93
N LYS C 354 33.99 -16.27 -7.63
CA LYS C 354 35.36 -16.39 -7.32
C LYS C 354 35.61 -16.38 -5.81
N ILE C 355 34.65 -16.88 -5.03
CA ILE C 355 34.68 -16.93 -3.62
C ILE C 355 35.90 -17.67 -3.09
N ASN C 356 36.34 -18.76 -3.62
CA ASN C 356 37.50 -19.51 -3.15
C ASN C 356 38.76 -18.71 -3.35
N GLU C 357 38.88 -17.85 -4.30
CA GLU C 357 40.07 -17.04 -4.57
C GLU C 357 40.08 -15.92 -3.53
N GLY C 358 38.88 -15.42 -3.10
CA GLY C 358 38.66 -14.40 -2.08
C GLY C 358 39.21 -14.94 -0.76
N PHE C 359 38.98 -16.25 -0.46
CA PHE C 359 39.47 -16.91 0.76
C PHE C 359 41.04 -17.06 0.66
N ASP C 360 41.54 -17.37 -0.52
CA ASP C 360 42.95 -17.52 -0.76
C ASP C 360 43.67 -16.27 -0.44
N LEU C 361 43.13 -15.14 -0.88
CA LEU C 361 43.71 -13.83 -0.65
C LEU C 361 43.76 -13.57 0.89
N LEU C 362 42.70 -13.89 1.63
CA LEU C 362 42.61 -13.70 3.02
C LEU C 362 43.75 -14.53 3.67
N ARG C 363 43.65 -15.87 3.41
CA ARG C 363 44.60 -16.77 3.99
C ARG C 363 46.05 -16.41 3.69
N SER C 364 46.47 -15.90 2.59
CA SER C 364 47.82 -15.61 2.25
C SER C 364 48.27 -14.33 2.85
N GLY C 365 47.33 -13.64 3.46
CA GLY C 365 47.63 -12.37 4.13
C GLY C 365 47.64 -11.19 3.16
N GLU C 366 47.23 -11.47 1.92
CA GLU C 366 47.29 -10.33 0.99
C GLU C 366 46.15 -9.39 1.17
N SER C 367 44.97 -9.78 1.63
CA SER C 367 43.91 -8.76 1.69
C SER C 367 43.41 -8.39 3.07
N ILE C 368 42.57 -7.39 3.10
CA ILE C 368 41.89 -6.96 4.30
C ILE C 368 40.46 -7.50 4.02
N ARG C 369 39.63 -6.69 3.41
CA ARG C 369 38.31 -7.15 3.07
C ARG C 369 38.21 -7.29 1.52
N THR C 370 37.83 -8.45 1.08
CA THR C 370 37.56 -8.75 -0.31
C THR C 370 35.99 -8.68 -0.29
N ILE C 371 35.46 -7.85 -1.16
CA ILE C 371 33.95 -7.76 -1.26
C ILE C 371 33.47 -8.67 -2.46
N LEU C 372 32.53 -9.56 -2.21
CA LEU C 372 32.07 -10.38 -3.33
C LEU C 372 30.81 -9.74 -3.96
N THR C 373 30.74 -9.54 -5.31
CA THR C 373 29.50 -8.98 -5.90
C THR C 373 28.74 -10.12 -6.64
N PHE C 374 27.40 -10.08 -6.57
CA PHE C 374 26.49 -11.03 -7.13
C PHE C 374 26.06 -10.60 -8.52
N SER D 1 -23.60 16.04 3.91
CA SER D 1 -23.41 15.07 2.74
C SER D 1 -23.05 13.76 3.37
N THR D 2 -22.04 13.82 4.28
CA THR D 2 -21.64 12.55 4.92
C THR D 2 -22.37 12.45 6.21
N ALA D 3 -22.90 13.59 6.56
CA ALA D 3 -23.67 13.66 7.83
C ALA D 3 -24.66 12.53 8.03
N GLY D 4 -24.75 12.00 9.25
CA GLY D 4 -25.63 10.90 9.60
C GLY D 4 -25.20 9.57 9.05
N LYS D 5 -24.05 9.55 8.31
CA LYS D 5 -23.64 8.25 7.73
C LYS D 5 -22.22 7.79 8.11
N VAL D 6 -21.96 6.50 7.93
CA VAL D 6 -20.69 5.89 8.13
C VAL D 6 -19.65 6.50 7.19
N ILE D 7 -18.39 6.77 7.60
CA ILE D 7 -17.47 7.37 6.65
C ILE D 7 -16.36 6.32 6.48
N LYS D 8 -15.84 6.05 5.28
CA LYS D 8 -14.85 5.02 5.20
C LYS D 8 -13.60 5.86 5.00
N CYS D 9 -12.51 5.60 5.73
CA CYS D 9 -11.40 6.51 5.49
C CYS D 9 -10.13 5.81 5.96
N LYS D 10 -9.05 6.56 5.77
CA LYS D 10 -7.74 5.99 6.20
C LYS D 10 -7.44 6.46 7.64
N ALA D 11 -6.89 5.54 8.39
CA ALA D 11 -6.52 5.77 9.76
C ALA D 11 -5.23 4.96 10.06
N ALA D 12 -4.33 5.41 10.98
CA ALA D 12 -3.16 4.67 11.27
C ALA D 12 -3.54 3.78 12.44
N VAL D 13 -3.68 2.46 12.31
CA VAL D 13 -4.03 1.63 13.43
C VAL D 13 -2.78 1.05 14.05
N LEU D 14 -2.74 0.82 15.36
CA LEU D 14 -1.60 0.23 16.04
C LEU D 14 -2.23 -1.06 16.54
N TRP D 15 -1.80 -2.17 15.87
CA TRP D 15 -2.36 -3.46 16.16
C TRP D 15 -1.67 -4.06 17.35
N GLU D 16 -0.38 -3.77 17.49
CA GLU D 16 0.22 -4.40 18.68
C GLU D 16 1.43 -3.57 19.08
N GLU D 17 1.77 -3.68 20.37
CA GLU D 17 2.95 -2.80 20.65
C GLU D 17 4.22 -3.15 19.92
N LYS D 18 5.11 -2.21 19.87
CA LYS D 18 6.39 -2.32 19.26
C LYS D 18 6.35 -2.49 17.75
N LYS D 19 5.30 -2.34 17.06
CA LYS D 19 5.15 -2.43 15.65
C LYS D 19 4.90 -1.06 15.07
N PRO D 20 5.24 -0.89 13.83
CA PRO D 20 4.99 0.35 13.10
C PRO D 20 3.49 0.49 12.98
N PHE D 21 3.07 1.66 12.65
CA PHE D 21 1.65 1.84 12.48
C PHE D 21 1.17 1.27 11.15
N SER D 22 -0.06 0.80 11.06
CA SER D 22 -0.55 0.26 9.77
C SER D 22 -1.63 1.16 9.20
N ILE D 23 -1.34 1.86 8.15
CA ILE D 23 -2.27 2.78 7.48
C ILE D 23 -3.38 1.85 6.96
N GLU D 24 -4.59 1.86 7.42
CA GLU D 24 -5.65 1.03 6.99
C GLU D 24 -6.99 1.77 6.80
N GLU D 25 -7.94 1.09 6.16
CA GLU D 25 -9.24 1.59 5.85
C GLU D 25 -10.10 1.21 7.06
N VAL D 26 -10.65 2.34 7.62
CA VAL D 26 -11.52 2.09 8.78
C VAL D 26 -12.90 2.74 8.45
N GLU D 27 -13.86 2.28 9.33
CA GLU D 27 -15.17 2.94 9.15
C GLU D 27 -15.42 3.76 10.43
N VAL D 28 -15.67 5.01 10.31
CA VAL D 28 -16.01 5.96 11.37
C VAL D 28 -17.54 6.16 11.45
N ALA D 29 -18.21 5.63 12.47
CA ALA D 29 -19.61 5.77 12.68
C ALA D 29 -19.96 7.22 12.86
N PRO D 30 -21.22 7.62 12.61
CA PRO D 30 -21.66 9.01 12.74
C PRO D 30 -21.80 9.30 14.28
N PRO D 31 -21.69 10.53 14.66
CA PRO D 31 -21.79 11.00 16.00
C PRO D 31 -23.10 10.74 16.66
N LYS D 32 -23.08 10.36 17.92
CA LYS D 32 -24.31 10.12 18.66
C LYS D 32 -24.57 11.42 19.45
N ALA D 33 -25.59 11.25 20.38
CA ALA D 33 -25.94 12.46 21.18
C ALA D 33 -24.65 13.06 21.81
N HIS D 34 -24.49 14.35 21.72
CA HIS D 34 -23.35 15.05 22.28
C HIS D 34 -21.95 14.61 21.81
N GLU D 35 -21.92 14.13 20.56
CA GLU D 35 -20.66 13.69 19.95
C GLU D 35 -20.44 14.58 18.79
N VAL D 36 -19.19 14.72 18.43
CA VAL D 36 -18.76 15.60 17.31
C VAL D 36 -17.83 14.82 16.33
N ARG D 37 -18.04 14.86 15.00
CA ARG D 37 -17.19 14.11 14.11
C ARG D 37 -16.33 15.16 13.49
N ILE D 38 -15.01 14.93 13.52
CA ILE D 38 -14.11 15.94 12.97
C ILE D 38 -13.24 15.41 11.79
N LYS D 39 -12.98 16.27 10.88
CA LYS D 39 -12.18 15.97 9.72
C LYS D 39 -10.79 16.51 10.11
N MET D 40 -9.83 15.61 10.19
CA MET D 40 -8.51 16.06 10.59
C MET D 40 -7.82 16.88 9.55
N VAL D 41 -7.16 17.93 10.05
CA VAL D 41 -6.40 18.81 9.18
C VAL D 41 -4.89 18.78 9.53
N ALA D 42 -4.49 18.64 10.79
CA ALA D 42 -3.06 18.63 11.13
C ALA D 42 -2.83 17.92 12.47
N THR D 43 -1.85 17.05 12.56
CA THR D 43 -1.76 16.36 13.91
C THR D 43 -0.23 16.28 14.17
N GLY D 44 0.18 16.56 15.46
CA GLY D 44 1.62 16.48 15.74
C GLY D 44 2.06 15.13 16.23
N ILE D 45 3.34 14.75 16.05
CA ILE D 45 3.77 13.46 16.55
C ILE D 45 4.44 13.82 17.93
N CYS D 46 3.71 13.44 19.02
CA CYS D 46 4.24 13.75 20.38
C CYS D 46 4.83 12.53 21.03
N ARG D 47 5.89 12.70 21.82
CA ARG D 47 6.46 11.50 22.48
C ARG D 47 5.43 10.65 23.14
N SER D 48 4.31 11.10 23.73
CA SER D 48 3.36 10.16 24.34
C SER D 48 2.66 9.18 23.42
N ASP D 49 2.63 9.48 22.12
CA ASP D 49 1.98 8.55 21.13
C ASP D 49 2.93 7.37 20.97
N ASP D 50 4.24 7.65 20.97
CA ASP D 50 5.32 6.67 20.90
C ASP D 50 5.24 5.85 22.19
N HIS D 51 4.89 6.45 23.32
CA HIS D 51 4.76 5.70 24.57
C HIS D 51 3.66 4.72 24.32
N VAL D 52 2.66 4.96 23.48
CA VAL D 52 1.66 3.87 23.38
C VAL D 52 2.31 2.63 22.67
N VAL D 53 3.18 3.00 21.68
CA VAL D 53 3.87 2.02 20.87
C VAL D 53 4.79 1.16 21.72
N SER D 54 5.65 1.88 22.42
CA SER D 54 6.65 1.22 23.33
C SER D 54 6.00 0.56 24.51
N GLY D 55 4.83 0.87 24.96
CA GLY D 55 4.37 0.10 26.15
C GLY D 55 4.51 0.98 27.40
N THR D 56 5.18 2.08 27.32
CA THR D 56 5.42 3.04 28.41
C THR D 56 4.07 3.54 28.92
N LEU D 57 3.11 3.85 27.99
CA LEU D 57 1.81 4.35 28.31
C LEU D 57 0.90 3.25 27.89
N VAL D 58 0.17 2.56 28.73
CA VAL D 58 -0.69 1.52 28.51
C VAL D 58 -2.15 1.92 28.38
N THR D 59 -2.72 1.47 27.28
CA THR D 59 -4.12 1.75 26.92
C THR D 59 -4.47 0.56 26.03
N PRO D 60 -5.69 0.15 25.98
CA PRO D 60 -6.16 -1.01 25.17
C PRO D 60 -5.86 -0.89 23.70
N LEU D 61 -5.43 -2.03 23.13
CA LEU D 61 -5.02 -2.22 21.73
C LEU D 61 -6.04 -3.17 21.14
N PRO D 62 -6.26 -3.14 19.85
CA PRO D 62 -5.60 -2.28 18.87
C PRO D 62 -6.06 -0.83 18.98
N VAL D 63 -5.41 0.20 18.60
CA VAL D 63 -5.94 1.47 18.83
C VAL D 63 -5.55 2.54 17.76
N ILE D 64 -6.28 3.65 17.78
CA ILE D 64 -5.90 4.75 16.83
C ILE D 64 -5.34 5.78 17.79
N ALA D 65 -4.04 6.04 17.76
CA ALA D 65 -3.51 6.97 18.73
C ALA D 65 -3.59 8.33 18.16
N GLY D 66 -2.79 9.30 18.62
CA GLY D 66 -2.89 10.67 18.04
C GLY D 66 -3.72 11.50 19.06
N HIS D 67 -3.16 12.67 19.51
CA HIS D 67 -3.96 13.41 20.47
C HIS D 67 -3.65 14.92 20.42
N GLU D 68 -2.61 15.25 19.64
CA GLU D 68 -2.23 16.58 19.45
C GLU D 68 -2.72 16.83 17.97
N ALA D 69 -3.89 17.45 17.82
CA ALA D 69 -4.37 17.78 16.50
C ALA D 69 -5.25 19.03 16.42
N ALA D 70 -5.58 19.39 15.15
CA ALA D 70 -6.54 20.48 14.87
C ALA D 70 -7.37 20.02 13.60
N GLY D 71 -8.68 20.12 13.62
CA GLY D 71 -9.52 19.76 12.49
C GLY D 71 -10.72 20.66 12.27
N ILE D 72 -11.62 20.17 11.38
CA ILE D 72 -12.85 20.92 11.09
C ILE D 72 -14.06 20.06 11.38
N VAL D 73 -15.06 20.59 12.11
CA VAL D 73 -16.22 19.74 12.40
C VAL D 73 -16.98 19.36 11.07
N GLU D 74 -17.15 18.07 10.89
CA GLU D 74 -17.84 17.60 9.71
C GLU D 74 -19.33 17.53 10.11
N SER D 75 -19.67 17.03 11.24
CA SER D 75 -21.06 16.98 11.66
C SER D 75 -21.12 16.96 13.21
N ILE D 76 -22.27 17.20 13.78
CA ILE D 76 -22.46 17.16 15.23
C ILE D 76 -23.62 16.23 15.64
N GLY D 77 -23.51 15.62 16.82
CA GLY D 77 -24.59 14.74 17.26
C GLY D 77 -25.65 15.71 17.87
N GLU D 78 -26.77 15.08 18.22
CA GLU D 78 -27.91 15.78 18.79
C GLU D 78 -27.53 16.34 20.15
N GLY D 79 -28.02 17.51 20.44
CA GLY D 79 -27.72 18.09 21.77
C GLY D 79 -26.38 18.84 21.77
N VAL D 80 -25.57 18.78 20.77
CA VAL D 80 -24.32 19.48 20.87
C VAL D 80 -24.55 20.94 20.80
N THR D 81 -24.01 21.79 21.69
CA THR D 81 -24.26 23.22 21.53
C THR D 81 -22.98 23.99 21.46
N THR D 82 -21.84 23.31 21.72
CA THR D 82 -20.63 24.18 21.66
C THR D 82 -19.92 24.39 20.35
N VAL D 83 -20.15 23.51 19.36
CA VAL D 83 -19.50 23.65 18.04
C VAL D 83 -20.55 23.34 16.97
N ARG D 84 -20.17 23.84 15.80
CA ARG D 84 -21.07 23.59 14.64
C ARG D 84 -20.26 23.15 13.44
N PRO D 85 -20.92 22.44 12.51
CA PRO D 85 -20.22 22.00 11.29
C PRO D 85 -19.45 23.16 10.69
N GLY D 86 -18.18 22.95 10.29
CA GLY D 86 -17.42 24.01 9.68
C GLY D 86 -16.49 24.77 10.60
N ASP D 87 -16.75 24.54 11.93
CA ASP D 87 -15.88 25.24 12.88
C ASP D 87 -14.46 24.65 12.98
N LYS D 88 -13.52 25.57 13.30
CA LYS D 88 -12.19 25.00 13.43
C LYS D 88 -12.12 24.49 14.87
N VAL D 89 -11.72 23.26 15.17
CA VAL D 89 -11.67 22.77 16.55
C VAL D 89 -10.34 22.01 16.84
N ILE D 90 -10.07 21.89 18.17
CA ILE D 90 -8.87 21.20 18.67
C ILE D 90 -9.46 20.21 19.67
N PRO D 91 -9.19 18.97 19.40
CA PRO D 91 -9.64 17.85 20.27
C PRO D 91 -8.85 18.02 21.61
N LEU D 92 -9.49 17.60 22.69
CA LEU D 92 -8.94 17.71 24.04
C LEU D 92 -8.72 16.38 24.78
N PHE D 93 -7.40 16.05 24.85
CA PHE D 93 -7.09 14.73 25.53
C PHE D 93 -7.46 14.67 26.98
N THR D 94 -7.55 15.79 27.65
CA THR D 94 -8.02 15.91 29.02
C THR D 94 -9.31 16.65 28.80
N PRO D 95 -10.39 16.10 29.11
CA PRO D 95 -11.69 16.78 28.86
C PRO D 95 -11.89 17.92 29.87
N GLN D 96 -13.04 18.64 29.68
CA GLN D 96 -13.46 19.64 30.59
C GLN D 96 -14.97 19.45 30.77
N CYS D 97 -15.44 18.45 31.55
CA CYS D 97 -16.88 18.30 31.71
C CYS D 97 -17.57 19.44 32.41
N GLY D 98 -16.89 20.28 33.12
CA GLY D 98 -17.40 21.46 33.84
C GLY D 98 -18.38 21.17 34.99
N LYS D 99 -18.65 19.96 35.36
CA LYS D 99 -19.54 19.60 36.44
C LYS D 99 -18.91 18.77 37.54
N CYS D 100 -17.72 18.15 37.38
CA CYS D 100 -17.14 17.40 38.53
C CYS D 100 -16.41 18.32 39.55
N ARG D 101 -16.10 17.74 40.71
CA ARG D 101 -15.35 18.57 41.67
C ARG D 101 -14.04 19.18 41.13
N VAL D 102 -13.33 18.51 40.23
CA VAL D 102 -12.08 19.10 39.73
C VAL D 102 -12.33 20.26 38.78
N CYS D 103 -13.38 20.09 37.93
CA CYS D 103 -13.70 21.16 36.94
C CYS D 103 -14.25 22.36 37.70
N LYS D 104 -14.92 22.19 38.79
CA LYS D 104 -15.38 23.32 39.59
C LYS D 104 -14.25 23.99 40.41
N HIS D 105 -13.22 23.25 40.81
CA HIS D 105 -12.14 23.71 41.59
C HIS D 105 -11.39 24.66 40.75
N PRO D 106 -11.02 25.77 41.31
CA PRO D 106 -10.29 26.81 40.61
C PRO D 106 -8.90 26.45 40.12
N GLU D 107 -8.28 25.41 40.72
CA GLU D 107 -6.92 25.06 40.29
C GLU D 107 -6.94 23.68 39.59
N GLY D 108 -8.01 22.88 39.69
CA GLY D 108 -7.80 21.64 38.98
C GLY D 108 -8.01 21.65 37.47
N ASN D 109 -7.53 20.65 36.75
CA ASN D 109 -7.76 20.53 35.29
C ASN D 109 -7.92 19.07 34.95
N PHE D 110 -7.52 18.13 35.83
CA PHE D 110 -7.59 16.72 35.55
C PHE D 110 -8.98 16.23 35.76
N CYS D 111 -9.88 16.71 34.87
CA CYS D 111 -11.29 16.34 34.89
C CYS D 111 -11.56 14.92 35.18
N LEU D 112 -12.41 14.54 36.12
CA LEU D 112 -12.65 13.15 36.42
C LEU D 112 -13.18 12.29 35.26
N LYS D 113 -13.56 12.83 34.11
CA LYS D 113 -14.04 11.97 33.02
C LYS D 113 -12.91 11.67 32.04
N ASN D 114 -11.66 11.91 32.41
CA ASN D 114 -10.50 11.63 31.66
C ASN D 114 -10.46 10.08 31.48
N ASP D 115 -9.69 9.74 30.39
CA ASP D 115 -9.56 8.24 30.16
C ASP D 115 -8.10 7.84 30.51
N LEU D 116 -7.43 8.68 31.32
CA LEU D 116 -6.05 8.40 31.67
C LEU D 116 -5.90 7.46 32.82
N SER D 117 -6.54 7.65 33.97
CA SER D 117 -6.38 6.76 35.13
C SER D 117 -6.79 5.37 34.97
N MET D 118 -7.92 4.98 34.44
CA MET D 118 -8.37 3.57 34.27
C MET D 118 -8.77 3.55 32.79
N PRO D 119 -7.81 3.41 31.94
CA PRO D 119 -8.02 3.47 30.45
C PRO D 119 -8.98 2.53 29.87
N ARG D 120 -10.06 2.98 29.20
CA ARG D 120 -11.03 1.99 28.66
C ARG D 120 -10.84 2.06 27.10
N GLY D 121 -10.27 3.13 26.58
CA GLY D 121 -10.07 3.29 25.19
C GLY D 121 -11.38 3.25 24.40
N THR D 122 -12.43 3.93 24.93
CA THR D 122 -13.72 4.07 24.28
C THR D 122 -14.11 5.55 24.33
N MET D 123 -15.37 5.74 23.95
CA MET D 123 -16.02 7.08 23.96
C MET D 123 -16.65 7.13 25.40
N GLN D 124 -17.11 8.27 25.81
CA GLN D 124 -17.73 8.33 27.17
C GLN D 124 -18.82 7.28 27.35
N ASP D 125 -19.56 6.86 26.32
CA ASP D 125 -20.61 5.84 26.50
C ASP D 125 -20.07 4.46 26.56
N GLY D 126 -18.75 4.25 26.64
CA GLY D 126 -18.20 2.92 26.77
C GLY D 126 -18.10 2.14 25.47
N THR D 127 -18.36 2.67 24.29
CA THR D 127 -18.31 2.02 23.00
C THR D 127 -17.35 2.86 22.09
N SER D 128 -17.01 2.16 21.01
CA SER D 128 -16.11 2.66 19.98
C SER D 128 -16.83 3.03 18.68
N ARG D 129 -16.40 4.02 17.98
CA ARG D 129 -17.02 4.42 16.75
C ARG D 129 -16.08 4.00 15.56
N PHE D 130 -15.03 3.20 15.91
CA PHE D 130 -14.07 2.79 14.90
C PHE D 130 -14.22 1.26 14.67
N THR D 131 -14.10 0.90 13.39
CA THR D 131 -14.19 -0.46 12.93
C THR D 131 -13.17 -0.69 11.83
N CYS D 132 -12.50 -1.81 11.90
CA CYS D 132 -11.46 -2.13 10.91
C CYS D 132 -11.51 -3.63 10.75
N ARG D 133 -11.67 -4.11 9.53
CA ARG D 133 -11.77 -5.59 9.16
C ARG D 133 -12.95 -6.16 9.90
N GLY D 134 -13.99 -5.39 10.28
CA GLY D 134 -15.09 -5.92 11.08
C GLY D 134 -14.73 -5.84 12.59
N LYS D 135 -13.46 -5.42 12.94
CA LYS D 135 -13.12 -5.38 14.40
C LYS D 135 -13.14 -3.93 14.92
N PRO D 136 -13.62 -3.81 16.15
CA PRO D 136 -13.71 -2.51 16.87
C PRO D 136 -12.28 -2.13 17.22
N ILE D 137 -11.95 -0.90 17.03
CA ILE D 137 -10.61 -0.37 17.29
C ILE D 137 -10.83 0.68 18.41
N HIS D 138 -9.96 0.68 19.40
CA HIS D 138 -10.05 1.52 20.55
C HIS D 138 -9.71 2.95 20.25
N HIS D 139 -10.23 3.81 21.14
CA HIS D 139 -9.94 5.26 20.99
C HIS D 139 -8.78 5.45 21.97
N PHE D 140 -8.17 6.59 21.90
CA PHE D 140 -7.06 6.96 22.75
C PHE D 140 -7.40 8.31 23.39
N LEU D 141 -7.68 8.21 24.73
CA LEU D 141 -7.98 9.45 25.50
C LEU D 141 -9.04 10.29 24.87
N GLY D 142 -10.10 9.61 24.32
CA GLY D 142 -11.17 10.36 23.68
C GLY D 142 -10.68 11.27 22.61
N THR D 143 -9.63 10.94 21.81
CA THR D 143 -9.15 11.85 20.80
C THR D 143 -8.94 10.99 19.55
N SER D 144 -7.84 10.26 19.46
CA SER D 144 -7.51 9.46 18.28
C SER D 144 -7.47 10.33 17.04
N THR D 145 -6.49 11.13 16.86
CA THR D 145 -6.40 11.99 15.75
C THR D 145 -5.54 11.45 14.65
N PHE D 146 -4.99 10.25 14.75
CA PHE D 146 -4.15 9.70 13.63
C PHE D 146 -5.13 8.96 12.66
N SER D 147 -6.09 9.67 12.13
CA SER D 147 -7.14 9.28 11.24
C SER D 147 -7.73 10.48 10.48
N GLN D 148 -8.19 10.20 9.26
CA GLN D 148 -8.73 11.35 8.47
C GLN D 148 -9.99 11.85 9.18
N TYR D 149 -10.73 10.99 9.87
CA TYR D 149 -11.87 11.51 10.53
C TYR D 149 -11.92 10.96 11.95
N THR D 150 -12.33 11.68 12.94
CA THR D 150 -12.48 11.05 14.29
C THR D 150 -13.80 11.45 14.93
N VAL D 151 -14.24 10.75 15.95
CA VAL D 151 -15.46 11.17 16.64
C VAL D 151 -15.06 11.37 18.12
N VAL D 152 -15.32 12.53 18.69
CA VAL D 152 -15.03 12.82 20.10
C VAL D 152 -16.26 13.27 20.88
N ASP D 153 -16.17 13.17 22.24
CA ASP D 153 -17.31 13.65 23.05
C ASP D 153 -17.31 15.19 23.08
N GLU D 154 -18.45 15.84 23.25
CA GLU D 154 -18.50 17.31 23.34
C GLU D 154 -17.49 17.88 24.35
N ILE D 155 -17.49 17.26 25.53
CA ILE D 155 -16.54 17.71 26.56
C ILE D 155 -15.06 17.57 26.17
N SER D 156 -14.72 16.95 25.04
CA SER D 156 -13.41 16.75 24.62
C SER D 156 -13.11 17.52 23.38
N VAL D 157 -13.92 18.58 23.17
CA VAL D 157 -13.54 19.35 21.99
C VAL D 157 -13.65 20.84 22.25
N ALA D 158 -12.89 21.72 21.65
CA ALA D 158 -13.02 23.10 21.84
C ALA D 158 -13.02 23.79 20.45
N LYS D 159 -13.85 24.84 20.30
CA LYS D 159 -13.99 25.66 19.18
C LYS D 159 -12.87 26.68 19.14
N ILE D 160 -12.12 26.89 18.03
CA ILE D 160 -11.11 27.92 18.07
C ILE D 160 -11.36 28.94 16.91
N ASP D 161 -10.53 29.94 16.81
CA ASP D 161 -10.58 31.00 15.85
C ASP D 161 -10.62 30.47 14.42
N ALA D 162 -11.63 30.89 13.64
CA ALA D 162 -11.80 30.48 12.26
C ALA D 162 -10.62 30.91 11.37
N ALA D 163 -9.79 31.86 11.81
CA ALA D 163 -8.67 32.13 10.84
C ALA D 163 -7.32 31.51 11.34
N SER D 164 -7.40 30.57 12.35
CA SER D 164 -6.04 30.15 12.75
C SER D 164 -5.44 29.20 11.81
N PRO D 165 -4.16 29.15 11.67
CA PRO D 165 -3.44 28.19 10.83
C PRO D 165 -3.30 26.88 11.62
N LEU D 166 -4.18 25.89 11.29
CA LEU D 166 -4.31 24.59 11.91
C LEU D 166 -3.09 23.76 11.90
N GLU D 167 -2.25 23.90 10.91
CA GLU D 167 -0.99 23.15 10.78
C GLU D 167 0.00 23.71 11.83
N LYS D 168 -0.20 24.81 12.48
CA LYS D 168 0.59 25.47 13.49
C LYS D 168 -0.14 25.28 14.82
N VAL D 169 -1.36 25.78 15.00
CA VAL D 169 -2.07 25.62 16.26
C VAL D 169 -2.43 24.27 16.76
N CYS D 170 -2.16 23.17 16.03
CA CYS D 170 -2.47 21.78 16.58
C CYS D 170 -1.52 21.62 17.78
N LEU D 171 -0.34 22.23 17.79
CA LEU D 171 0.64 22.16 18.89
C LEU D 171 -0.05 22.63 20.20
N ILE D 172 -1.04 23.55 20.11
CA ILE D 172 -1.76 23.97 21.22
C ILE D 172 -2.57 22.84 21.83
N GLY D 173 -2.77 21.78 21.20
CA GLY D 173 -3.48 20.58 21.56
C GLY D 173 -2.73 19.66 22.54
N CYS D 174 -1.40 19.82 22.65
CA CYS D 174 -0.58 19.09 23.59
C CYS D 174 0.73 19.84 23.95
N GLY D 175 1.76 19.57 23.18
CA GLY D 175 3.08 20.02 23.27
C GLY D 175 3.33 21.42 23.84
N PHE D 176 2.94 22.44 23.10
CA PHE D 176 3.12 23.80 23.48
C PHE D 176 2.44 24.13 24.84
N SER D 177 1.14 23.85 24.88
CA SER D 177 0.35 24.12 26.04
C SER D 177 0.91 23.48 27.29
N THR D 178 1.21 22.23 27.18
CA THR D 178 1.78 21.51 28.38
C THR D 178 3.06 22.20 28.83
N GLY D 179 4.05 22.43 28.00
CA GLY D 179 5.28 23.05 28.31
C GLY D 179 5.20 24.42 28.99
N TYR D 180 4.55 25.36 28.35
CA TYR D 180 4.25 26.71 28.69
C TYR D 180 3.45 26.82 29.96
N GLY D 181 2.39 26.05 30.18
CA GLY D 181 1.57 26.08 31.34
C GLY D 181 2.52 25.63 32.52
N SER D 182 3.12 24.47 32.30
CA SER D 182 4.02 23.87 33.29
C SER D 182 4.90 24.99 33.93
N ALA D 183 5.56 25.82 33.21
CA ALA D 183 6.35 26.86 33.62
C ALA D 183 5.54 28.03 34.28
N VAL D 184 4.67 28.62 33.46
CA VAL D 184 3.87 29.74 33.85
C VAL D 184 2.71 29.47 34.81
N LYS D 185 2.02 28.39 34.70
CA LYS D 185 0.92 28.18 35.61
C LYS D 185 1.14 27.17 36.71
N VAL D 186 1.89 26.06 36.53
CA VAL D 186 2.09 25.08 37.56
C VAL D 186 3.21 25.49 38.45
N ALA D 187 4.39 25.77 37.90
CA ALA D 187 5.54 26.17 38.66
C ALA D 187 5.44 27.63 39.09
N LYS D 188 4.90 28.43 38.17
CA LYS D 188 4.80 29.88 38.36
C LYS D 188 6.17 30.52 38.42
N VAL D 189 7.05 30.33 37.46
CA VAL D 189 8.36 30.85 37.38
C VAL D 189 8.28 32.34 37.74
N THR D 190 9.27 32.84 38.53
CA THR D 190 9.23 34.23 38.89
C THR D 190 10.23 35.04 38.19
N GLN D 191 10.01 36.34 38.07
CA GLN D 191 10.97 37.17 37.40
C GLN D 191 12.31 37.15 38.10
N GLY D 192 13.39 37.09 37.30
CA GLY D 192 14.78 37.08 37.80
C GLY D 192 15.18 35.65 38.22
N SER D 193 14.39 34.61 38.28
CA SER D 193 14.84 33.35 38.74
C SER D 193 15.75 32.55 37.79
N THR D 194 16.20 31.43 38.37
CA THR D 194 17.03 30.45 37.68
C THR D 194 16.23 29.14 37.53
N CYS D 195 16.05 28.70 36.32
CA CYS D 195 15.28 27.46 36.07
C CYS D 195 16.18 26.43 35.40
N ALA D 196 15.89 25.22 35.51
CA ALA D 196 16.60 24.12 34.90
C ALA D 196 15.55 23.22 34.24
N VAL D 197 15.75 23.05 32.94
CA VAL D 197 14.83 22.21 32.12
C VAL D 197 15.48 20.93 31.64
N PHE D 198 15.00 19.78 32.01
CA PHE D 198 15.62 18.56 31.59
C PHE D 198 14.76 18.02 30.45
N GLY D 199 15.39 17.79 29.30
CA GLY D 199 14.68 17.21 28.16
C GLY D 199 14.40 18.37 27.19
N LEU D 200 15.08 18.42 26.03
CA LEU D 200 14.86 19.54 25.13
C LEU D 200 14.11 19.21 23.84
N GLY D 201 13.06 18.41 23.97
CA GLY D 201 12.20 18.05 22.87
C GLY D 201 11.14 19.24 22.80
N GLY D 202 10.01 18.96 22.16
CA GLY D 202 9.00 19.95 21.98
C GLY D 202 8.38 20.52 23.25
N VAL D 203 8.17 19.60 24.19
CA VAL D 203 7.57 20.05 25.44
C VAL D 203 8.53 20.94 26.25
N GLY D 204 9.76 20.44 26.43
CA GLY D 204 10.81 21.19 27.14
C GLY D 204 11.10 22.49 26.48
N LEU D 205 11.11 22.64 25.17
CA LEU D 205 11.33 23.91 24.48
C LEU D 205 10.17 24.80 24.87
N SER D 206 9.00 24.18 24.97
CA SER D 206 7.86 24.99 25.36
C SER D 206 8.03 25.42 26.82
N VAL D 207 8.53 24.50 27.69
CA VAL D 207 8.85 24.84 29.01
C VAL D 207 9.80 26.05 28.95
N ILE D 208 10.89 26.02 28.18
CA ILE D 208 11.78 27.19 28.15
C ILE D 208 11.04 28.45 27.70
N MET D 209 10.07 28.34 26.71
CA MET D 209 9.42 29.54 26.24
C MET D 209 8.66 30.21 27.42
N GLY D 210 8.02 29.40 28.22
CA GLY D 210 7.27 29.84 29.35
C GLY D 210 8.16 30.56 30.42
N CYS D 211 9.29 29.89 30.73
CA CYS D 211 10.24 30.41 31.74
C CYS D 211 10.67 31.80 31.32
N LYS D 212 11.07 31.92 30.04
CA LYS D 212 11.52 33.18 29.44
C LYS D 212 10.34 34.19 29.42
N ALA D 213 9.10 33.74 29.22
CA ALA D 213 7.98 34.69 29.26
C ALA D 213 7.71 35.07 30.72
N ALA D 214 7.93 34.19 31.69
CA ALA D 214 7.80 34.42 33.10
C ALA D 214 8.87 35.46 33.65
N GLY D 215 9.95 35.71 32.92
CA GLY D 215 10.94 36.64 33.35
C GLY D 215 12.23 36.00 33.94
N ALA D 216 12.47 34.72 33.71
CA ALA D 216 13.58 34.01 34.26
C ALA D 216 14.89 34.64 33.75
N ALA D 217 15.84 34.82 34.65
CA ALA D 217 17.09 35.38 34.25
C ALA D 217 18.05 34.32 33.73
N ARG D 218 17.96 33.11 34.16
CA ARG D 218 18.87 32.06 33.70
C ARG D 218 17.95 30.86 33.36
N ILE D 219 18.24 30.18 32.25
CA ILE D 219 17.37 29.00 31.95
C ILE D 219 18.35 27.93 31.45
N ILE D 220 18.64 26.93 32.24
CA ILE D 220 19.63 25.91 31.92
C ILE D 220 19.00 24.71 31.29
N GLY D 221 19.32 24.51 29.97
CA GLY D 221 18.60 23.29 29.41
C GLY D 221 19.50 22.13 29.54
N VAL D 222 18.95 21.00 29.79
CA VAL D 222 19.81 19.80 29.97
C VAL D 222 19.32 18.66 29.07
N ASP D 223 20.28 18.16 28.24
CA ASP D 223 19.96 17.02 27.44
C ASP D 223 21.20 16.17 27.16
N ILE D 224 21.09 14.87 26.94
CA ILE D 224 22.18 14.05 26.58
C ILE D 224 22.44 14.13 25.07
N ASN D 225 21.71 14.95 24.28
CA ASN D 225 21.83 15.11 22.87
C ASN D 225 22.10 16.58 22.60
N LYS D 226 23.30 16.90 22.40
CA LYS D 226 23.78 18.21 22.12
C LYS D 226 23.21 18.78 20.87
N ASP D 227 22.59 17.98 19.99
CA ASP D 227 22.04 18.62 18.73
C ASP D 227 20.82 19.46 19.00
N LYS D 228 20.24 19.28 20.20
CA LYS D 228 19.14 19.98 20.76
C LYS D 228 19.59 21.31 21.34
N PHE D 229 20.84 21.65 21.63
CA PHE D 229 21.16 22.90 22.31
C PHE D 229 20.92 24.14 21.53
N ALA D 230 21.22 24.19 20.24
CA ALA D 230 21.04 25.40 19.45
C ALA D 230 19.62 25.95 19.52
N LYS D 231 18.66 25.10 19.21
CA LYS D 231 17.26 25.51 19.22
C LYS D 231 16.87 25.88 20.68
N ALA D 232 17.38 25.12 21.64
CA ALA D 232 17.00 25.52 23.04
C ALA D 232 17.45 26.97 23.35
N LYS D 233 18.66 27.30 22.84
CA LYS D 233 19.23 28.63 23.05
C LYS D 233 18.28 29.63 22.39
N GLU D 234 17.89 29.32 21.18
CA GLU D 234 17.03 30.11 20.32
C GLU D 234 15.75 30.49 21.03
N VAL D 235 15.04 29.65 21.70
CA VAL D 235 13.82 30.06 22.40
C VAL D 235 14.08 30.56 23.82
N GLY D 236 15.30 30.79 24.30
CA GLY D 236 15.42 31.32 25.66
C GLY D 236 16.44 30.65 26.60
N ALA D 237 17.04 29.49 26.34
CA ALA D 237 18.01 28.85 27.21
C ALA D 237 19.26 29.77 27.22
N THR D 238 19.75 30.05 28.48
CA THR D 238 20.93 30.93 28.50
C THR D 238 22.15 30.05 28.55
N GLU D 239 21.97 28.76 28.86
CA GLU D 239 23.09 27.84 28.94
C GLU D 239 22.57 26.43 28.59
N CYS D 240 23.50 25.55 28.18
CA CYS D 240 23.04 24.19 27.93
C CYS D 240 23.99 23.16 28.48
N VAL D 241 23.57 22.11 29.14
CA VAL D 241 24.45 21.12 29.73
C VAL D 241 24.16 19.70 29.37
N ASN D 242 25.21 18.98 29.06
CA ASN D 242 25.11 17.57 28.68
C ASN D 242 25.77 16.72 29.76
N PRO D 243 24.97 16.03 30.50
CA PRO D 243 25.31 15.13 31.58
C PRO D 243 26.47 14.18 31.31
N GLN D 244 26.60 13.79 30.06
CA GLN D 244 27.66 12.91 29.59
C GLN D 244 29.00 13.64 29.50
N ASP D 245 29.04 14.95 29.53
CA ASP D 245 30.32 15.63 29.51
C ASP D 245 31.01 15.69 30.91
N TYR D 246 30.33 15.40 31.99
CA TYR D 246 30.81 15.48 33.33
C TYR D 246 31.15 14.18 34.05
N LYS D 247 32.15 14.29 34.95
CA LYS D 247 32.56 13.11 35.69
C LYS D 247 31.69 13.08 36.94
N LYS D 248 31.00 14.17 37.26
CA LYS D 248 30.19 14.03 38.49
C LYS D 248 28.70 14.11 38.15
N PRO D 249 27.78 13.67 38.99
CA PRO D 249 26.33 13.67 38.81
C PRO D 249 25.89 15.03 38.42
N ILE D 250 24.95 15.17 37.52
CA ILE D 250 24.49 16.47 37.04
C ILE D 250 23.87 17.34 38.13
N GLN D 251 23.19 16.73 39.12
CA GLN D 251 22.65 17.59 40.20
C GLN D 251 23.81 18.35 40.84
N GLU D 252 24.96 17.73 41.09
CA GLU D 252 26.09 18.47 41.67
C GLU D 252 26.42 19.59 40.73
N VAL D 253 26.63 19.26 39.43
CA VAL D 253 26.99 20.42 38.53
C VAL D 253 26.03 21.55 38.59
N LEU D 254 24.76 21.30 38.51
CA LEU D 254 23.70 22.31 38.49
C LEU D 254 23.65 23.10 39.77
N THR D 255 23.81 22.34 40.85
CA THR D 255 23.77 22.97 42.19
C THR D 255 24.96 23.93 42.21
N GLU D 256 26.12 23.43 41.80
CA GLU D 256 27.29 24.32 41.80
C GLU D 256 27.04 25.50 40.88
N MET D 257 26.58 25.25 39.63
CA MET D 257 26.40 26.47 38.76
C MET D 257 25.32 27.45 39.16
N SER D 258 24.36 26.95 39.96
CA SER D 258 23.28 27.82 40.41
C SER D 258 23.57 28.37 41.81
N ASN D 259 24.81 28.10 42.24
CA ASN D 259 25.24 28.59 43.53
C ASN D 259 24.34 28.15 44.70
N GLY D 260 24.12 26.84 44.81
CA GLY D 260 23.27 26.35 45.90
C GLY D 260 21.98 25.66 45.47
N GLY D 261 21.56 25.65 44.16
CA GLY D 261 20.30 24.97 43.76
C GLY D 261 19.43 26.00 42.97
N VAL D 262 18.69 25.47 41.96
CA VAL D 262 17.85 26.40 41.21
C VAL D 262 16.49 26.66 41.92
N ASP D 263 15.90 27.75 41.47
CA ASP D 263 14.58 28.08 41.99
C ASP D 263 13.51 27.19 41.41
N PHE D 264 13.60 26.78 40.17
CA PHE D 264 12.60 25.93 39.48
C PHE D 264 13.25 24.95 38.50
N SER D 265 12.88 23.74 38.53
CA SER D 265 13.42 22.70 37.69
C SER D 265 12.19 21.95 37.15
N PHE D 266 12.42 21.44 35.95
CA PHE D 266 11.39 20.64 35.23
C PHE D 266 11.88 19.34 34.66
N GLU D 267 11.27 18.22 34.86
CA GLU D 267 11.57 16.99 34.32
C GLU D 267 10.56 16.84 33.09
N VAL D 268 11.20 16.98 31.88
CA VAL D 268 10.45 16.82 30.64
C VAL D 268 10.99 15.69 29.71
N ILE D 269 11.27 14.48 30.33
CA ILE D 269 11.85 13.41 29.54
C ILE D 269 11.01 12.19 29.75
N GLY D 270 10.85 11.70 30.97
CA GLY D 270 10.06 10.52 31.27
C GLY D 270 10.87 9.43 31.92
N ARG D 271 11.91 9.76 32.69
CA ARG D 271 12.72 8.76 33.46
C ARG D 271 12.67 8.88 34.97
N LEU D 272 12.49 7.80 35.66
CA LEU D 272 12.50 7.88 37.15
C LEU D 272 13.76 8.54 37.64
N ASP D 273 14.97 8.24 37.18
CA ASP D 273 16.17 8.89 37.66
C ASP D 273 16.21 10.37 37.42
N THR D 274 15.86 10.92 36.30
CA THR D 274 15.93 12.41 36.08
C THR D 274 14.82 13.14 36.86
N MET D 275 13.76 12.42 37.30
CA MET D 275 12.72 12.95 38.11
C MET D 275 13.38 13.32 39.50
N VAL D 276 14.04 12.29 40.08
CA VAL D 276 14.77 12.48 41.30
C VAL D 276 15.84 13.57 41.15
N THR D 277 16.65 13.52 40.20
CA THR D 277 17.71 14.45 39.92
C THR D 277 17.16 15.84 39.82
N ALA D 278 16.06 16.00 39.04
CA ALA D 278 15.53 17.37 38.85
C ALA D 278 15.03 17.96 40.22
N LEU D 279 14.47 17.16 41.04
CA LEU D 279 14.05 17.57 42.36
C LEU D 279 15.26 18.05 43.20
N SER D 280 16.32 17.18 43.18
CA SER D 280 17.50 17.49 43.97
C SER D 280 18.21 18.79 43.62
N CYS D 281 18.18 19.07 42.29
CA CYS D 281 18.88 20.24 41.80
C CYS D 281 18.19 21.56 42.17
N CYS D 282 16.95 21.40 42.67
CA CYS D 282 16.27 22.69 43.05
C CYS D 282 16.64 23.06 44.54
N GLN D 283 16.77 24.33 44.84
CA GLN D 283 17.15 24.84 46.16
C GLN D 283 16.41 24.08 47.25
N GLU D 284 17.13 23.50 48.23
CA GLU D 284 16.50 22.69 49.28
C GLU D 284 15.44 23.34 50.16
N ALA D 285 15.65 24.71 50.33
CA ALA D 285 14.69 25.38 51.20
C ALA D 285 13.42 25.93 50.56
N TYR D 286 13.55 26.44 49.37
CA TYR D 286 12.47 26.98 48.66
C TYR D 286 12.40 26.61 47.18
N GLY D 287 13.04 25.58 46.72
CA GLY D 287 12.96 25.27 45.26
C GLY D 287 11.69 24.48 44.97
N VAL D 288 11.31 24.58 43.74
CA VAL D 288 10.11 23.89 43.21
C VAL D 288 10.53 23.02 42.02
N SER D 289 10.06 21.84 41.96
CA SER D 289 10.39 20.95 40.87
C SER D 289 9.06 20.41 40.30
N VAL D 290 8.91 20.50 38.97
CA VAL D 290 7.70 19.99 38.34
C VAL D 290 7.94 18.80 37.40
N ILE D 291 7.29 17.71 37.61
CA ILE D 291 7.45 16.55 36.74
C ILE D 291 6.50 16.73 35.51
N VAL D 292 7.00 16.79 34.29
CA VAL D 292 6.10 16.91 33.19
C VAL D 292 6.14 15.55 32.41
N GLY D 293 7.29 14.85 32.40
CA GLY D 293 7.54 13.58 31.74
C GLY D 293 6.71 12.43 32.23
N VAL D 294 6.36 11.54 31.26
CA VAL D 294 5.54 10.36 31.68
C VAL D 294 6.52 9.23 31.92
N PRO D 295 6.42 8.58 33.04
CA PRO D 295 7.32 7.48 33.39
C PRO D 295 6.85 6.19 32.84
N PRO D 296 7.70 5.22 32.82
CA PRO D 296 7.39 3.84 32.38
C PRO D 296 6.28 3.29 33.25
N ASP D 297 5.24 2.72 32.65
CA ASP D 297 4.11 2.19 33.34
C ASP D 297 4.40 1.36 34.54
N SER D 298 3.65 1.70 35.60
CA SER D 298 3.63 1.03 36.90
C SER D 298 4.93 0.99 37.63
N GLN D 299 5.99 1.67 37.27
CA GLN D 299 7.23 1.65 37.94
C GLN D 299 7.38 2.74 38.99
N ASN D 300 7.97 2.38 40.12
CA ASN D 300 8.15 3.38 41.18
C ASN D 300 9.55 3.89 41.24
N LEU D 301 9.61 5.12 41.81
CA LEU D 301 10.94 5.72 42.01
C LEU D 301 11.24 5.63 43.50
N SER D 302 12.49 5.92 43.81
CA SER D 302 13.08 5.91 45.12
C SER D 302 13.70 7.24 45.41
N MET D 303 13.36 7.83 46.56
CA MET D 303 13.98 9.16 46.91
C MET D 303 13.92 9.28 48.42
N ASN D 304 14.75 10.20 48.84
CA ASN D 304 14.91 10.48 50.28
C ASN D 304 13.99 11.59 50.65
N PRO D 305 13.06 11.33 51.54
CA PRO D 305 12.07 12.26 52.00
C PRO D 305 12.71 13.50 52.63
N MET D 306 13.92 13.56 53.11
CA MET D 306 14.57 14.73 53.55
C MET D 306 14.72 15.70 52.44
N LEU D 307 14.69 15.33 51.14
CA LEU D 307 14.83 16.34 50.09
C LEU D 307 13.56 17.26 50.18
N LEU D 308 12.44 16.69 50.70
CA LEU D 308 11.20 17.47 50.82
C LEU D 308 11.12 18.21 52.15
N LEU D 309 11.51 17.45 53.23
CA LEU D 309 11.50 18.00 54.56
C LEU D 309 12.17 19.37 54.71
N SER D 310 13.29 19.65 54.02
CA SER D 310 13.93 20.90 54.17
C SER D 310 13.16 22.10 53.61
N GLY D 311 12.05 21.90 52.83
CA GLY D 311 11.25 22.87 52.21
C GLY D 311 10.97 22.70 50.71
N ARG D 312 11.62 21.82 49.93
CA ARG D 312 11.33 21.72 48.54
C ARG D 312 9.83 21.42 48.30
N THR D 313 9.45 21.75 47.05
CA THR D 313 8.06 21.50 46.61
C THR D 313 8.17 20.62 45.35
N TRP D 314 7.43 19.56 45.32
CA TRP D 314 7.49 18.64 44.19
C TRP D 314 6.03 18.50 43.67
N LYS D 315 5.93 18.75 42.35
CA LYS D 315 4.55 18.60 41.79
C LYS D 315 4.52 18.14 40.33
N GLY D 316 3.32 17.72 39.92
CA GLY D 316 3.26 17.31 38.49
C GLY D 316 2.02 17.90 37.88
N ALA D 317 1.79 17.77 36.57
CA ALA D 317 0.56 18.20 35.90
C ALA D 317 0.45 17.54 34.50
N ILE D 318 -0.80 17.39 34.06
CA ILE D 318 -1.17 16.92 32.78
C ILE D 318 -1.54 18.23 32.04
N PHE D 319 -1.16 18.51 30.82
CA PHE D 319 -1.39 19.62 29.99
C PHE D 319 -1.18 21.00 30.53
N GLY D 320 0.02 21.17 31.13
CA GLY D 320 0.37 22.44 31.74
C GLY D 320 -0.57 22.95 32.78
N GLY D 321 -1.40 22.18 33.48
CA GLY D 321 -2.35 22.67 34.46
C GLY D 321 -3.61 23.40 33.81
N PHE D 322 -3.59 23.70 32.50
CA PHE D 322 -4.77 24.29 31.82
C PHE D 322 -6.08 23.52 31.80
N LYS D 323 -7.16 24.19 32.21
CA LYS D 323 -8.57 23.65 32.17
C LYS D 323 -8.70 23.71 30.58
N SER D 324 -8.83 22.43 30.06
CA SER D 324 -8.81 22.27 28.57
C SER D 324 -9.72 23.11 27.64
N LYS D 325 -11.03 22.99 27.80
CA LYS D 325 -11.93 23.78 26.93
C LYS D 325 -11.82 25.28 27.15
N ASP D 326 -11.56 25.73 28.40
CA ASP D 326 -11.46 27.12 28.56
C ASP D 326 -10.15 27.67 28.05
N SER D 327 -9.01 27.01 28.17
CA SER D 327 -7.79 27.63 27.73
C SER D 327 -7.38 27.47 26.29
N VAL D 328 -7.76 26.34 25.70
CA VAL D 328 -7.39 26.14 24.26
C VAL D 328 -7.76 27.36 23.41
N PRO D 329 -9.03 27.78 23.43
CA PRO D 329 -9.45 28.99 22.65
C PRO D 329 -8.69 30.21 23.04
N LYS D 330 -8.34 30.46 24.34
CA LYS D 330 -7.58 31.65 24.65
C LYS D 330 -6.20 31.60 24.11
N LEU D 331 -5.56 30.40 24.25
CA LEU D 331 -4.17 30.20 23.75
C LEU D 331 -4.16 30.40 22.26
N VAL D 332 -5.17 29.94 21.48
CA VAL D 332 -5.12 30.18 20.05
C VAL D 332 -5.24 31.70 19.88
N ALA D 333 -6.22 32.30 20.52
CA ALA D 333 -6.32 33.84 20.32
C ALA D 333 -5.00 34.44 20.66
N ASP D 334 -4.33 34.09 21.77
CA ASP D 334 -3.01 34.75 22.00
C ASP D 334 -2.01 34.44 20.92
N PHE D 335 -2.07 33.21 20.34
CA PHE D 335 -1.12 32.93 19.24
C PHE D 335 -1.49 33.87 18.06
N MET D 336 -2.82 34.04 17.82
CA MET D 336 -3.22 34.94 16.71
C MET D 336 -2.62 36.32 16.87
N ALA D 337 -2.61 36.80 18.13
CA ALA D 337 -2.09 38.10 18.54
C ALA D 337 -0.62 38.11 18.75
N LYS D 338 0.07 37.04 18.30
CA LYS D 338 1.54 37.00 18.40
C LYS D 338 2.15 37.06 19.75
N LYS D 339 1.50 36.60 20.80
CA LYS D 339 2.02 36.61 22.13
C LYS D 339 3.14 35.54 22.26
N PHE D 340 3.07 34.48 21.45
CA PHE D 340 4.01 33.35 21.53
C PHE D 340 4.22 32.79 20.14
N ALA D 341 5.18 31.95 19.92
CA ALA D 341 5.60 31.40 18.61
C ALA D 341 5.56 29.88 18.68
N LEU D 342 5.14 29.33 17.56
CA LEU D 342 4.96 27.88 17.41
C LEU D 342 5.96 27.30 16.42
N ASP D 343 6.37 28.12 15.42
CA ASP D 343 7.37 27.73 14.42
C ASP D 343 8.65 27.06 14.90
N PRO D 344 9.29 27.51 16.01
CA PRO D 344 10.47 26.90 16.55
C PRO D 344 10.26 25.46 16.93
N LEU D 345 9.05 24.97 17.22
CA LEU D 345 8.90 23.58 17.57
C LEU D 345 8.63 22.72 16.33
N ILE D 346 8.51 23.35 15.16
CA ILE D 346 8.20 22.58 13.95
C ILE D 346 9.41 22.37 13.06
N THR D 347 9.88 21.12 13.03
CA THR D 347 11.07 20.97 12.19
C THR D 347 10.85 20.12 10.89
N HIS D 348 9.81 19.37 10.79
CA HIS D 348 9.41 18.55 9.77
C HIS D 348 7.88 18.52 9.62
N VAL D 349 7.47 18.60 8.37
CA VAL D 349 6.02 18.55 7.95
C VAL D 349 5.99 17.37 6.93
N LEU D 350 5.10 16.44 7.03
CA LEU D 350 4.93 15.31 6.22
C LEU D 350 3.43 14.98 6.01
N PRO D 351 3.14 14.35 4.89
CA PRO D 351 1.77 13.96 4.60
C PRO D 351 1.42 12.85 5.58
N PHE D 352 0.17 12.72 6.00
CA PHE D 352 -0.22 11.73 6.90
C PHE D 352 0.20 10.34 6.66
N GLU D 353 0.26 9.90 5.42
CA GLU D 353 0.57 8.49 5.04
C GLU D 353 2.05 8.19 5.47
N LYS D 354 2.89 9.21 5.64
CA LYS D 354 4.25 8.99 6.01
C LYS D 354 4.46 9.01 7.55
N ILE D 355 3.44 8.65 8.33
CA ILE D 355 3.46 8.64 9.72
C ILE D 355 4.66 7.87 10.32
N ASN D 356 4.90 6.68 9.82
CA ASN D 356 5.96 5.85 10.35
C ASN D 356 7.31 6.56 10.24
N GLU D 357 7.49 7.31 9.17
CA GLU D 357 8.70 8.06 8.91
C GLU D 357 8.82 9.21 9.95
N GLY D 358 7.66 9.85 10.23
CA GLY D 358 7.63 10.90 11.29
C GLY D 358 8.08 10.31 12.67
N PHE D 359 7.69 9.04 13.04
CA PHE D 359 8.05 8.39 14.20
C PHE D 359 9.54 8.03 14.20
N ASP D 360 10.04 7.67 13.02
CA ASP D 360 11.50 7.38 12.88
C ASP D 360 12.31 8.64 13.10
N LEU D 361 11.85 9.77 12.63
CA LEU D 361 12.57 11.05 12.86
C LEU D 361 12.58 11.31 14.39
N LEU D 362 11.48 11.13 15.06
CA LEU D 362 11.40 11.36 16.49
C LEU D 362 12.41 10.45 17.22
N ARG D 363 12.27 9.16 17.06
CA ARG D 363 13.10 8.15 17.65
C ARG D 363 14.60 8.30 17.35
N SER D 364 15.01 8.82 16.22
CA SER D 364 16.38 8.99 15.87
C SER D 364 16.99 10.25 16.50
N GLY D 365 16.14 11.11 17.07
CA GLY D 365 16.62 12.33 17.73
C GLY D 365 16.74 13.39 16.71
N GLU D 366 16.28 13.13 15.46
CA GLU D 366 16.43 14.28 14.50
C GLU D 366 15.36 15.32 14.59
N SER D 367 14.12 15.02 15.01
CA SER D 367 13.16 16.11 15.03
C SER D 367 12.70 16.56 16.43
N ILE D 368 11.93 17.65 16.34
CA ILE D 368 11.27 18.20 17.52
C ILE D 368 9.82 17.73 17.27
N ARG D 369 9.08 18.61 16.57
CA ARG D 369 7.75 18.28 16.21
C ARG D 369 7.62 18.04 14.67
N THR D 370 7.08 16.87 14.34
CA THR D 370 6.85 16.54 12.96
C THR D 370 5.32 16.82 12.86
N ILE D 371 4.85 17.63 11.92
CA ILE D 371 3.44 17.89 11.75
C ILE D 371 2.88 17.02 10.55
N LEU D 372 1.90 16.16 10.78
CA LEU D 372 1.34 15.37 9.75
C LEU D 372 0.09 16.08 9.09
N THR D 373 0.04 16.25 7.79
CA THR D 373 -1.03 16.93 7.12
C THR D 373 -1.87 15.90 6.33
N PHE D 374 -3.15 16.12 6.36
CA PHE D 374 -4.16 15.27 5.80
C PHE D 374 -4.59 15.68 4.39
ZN ZN E . 10.87 19.12 68.14
ZN ZN F . 20.48 32.59 57.07
PA NAD G . 4.52 11.84 68.90
O1A NAD G . 5.24 10.49 69.01
O2A NAD G . 4.08 12.59 70.06
O5B NAD G . 3.39 11.67 67.83
C5B NAD G . 3.42 10.61 66.77
C4B NAD G . 2.06 9.99 66.77
O4B NAD G . 1.87 9.10 65.58
C3B NAD G . 1.72 9.05 67.94
O3B NAD G . 0.42 9.54 68.54
C2B NAD G . 1.51 7.71 67.44
O2B NAD G . 0.65 6.82 67.96
C1B NAD G . 1.14 8.05 65.94
N9A NAD G . 1.49 6.93 65.11
C8A NAD G . 2.51 6.05 65.17
N7A NAD G . 2.58 5.10 64.24
C5A NAD G . 1.53 5.32 63.48
C6A NAD G . 1.06 4.58 62.27
N6A NAD G . 1.65 3.52 61.74
N1A NAD G . -0.06 5.10 61.75
C2A NAD G . -0.72 6.17 62.23
N3A NAD G . -0.36 6.92 63.34
C4A NAD G . 0.81 6.43 63.96
O3 NAD G . 5.54 12.83 68.22
PN NAD G . 5.51 14.34 67.92
O1N NAD G . 6.30 15.07 68.88
O2N NAD G . 4.11 14.81 67.79
O5D NAD G . 6.24 14.61 66.48
C5D NAD G . 5.77 13.85 65.29
C4D NAD G . 6.80 13.65 64.27
O4D NAD G . 7.16 15.06 63.71
C3D NAD G . 8.22 13.15 64.67
O3D NAD G . 8.60 12.30 63.69
C2D NAD G . 9.15 14.38 64.91
O2D NAD G . 10.48 14.09 64.72
C1D NAD G . 8.60 15.28 63.72
N1N NAD G . 8.89 16.76 63.82
C2N NAD G . 9.22 17.50 62.74
C3N NAD G . 9.44 18.80 62.95
C7N NAD G . 9.81 19.66 61.71
O7N NAD G . 10.25 20.81 61.72
N7N NAD G . 9.56 18.98 60.58
C4N NAD G . 9.37 19.51 64.22
C5N NAD G . 8.99 18.62 65.27
C6N NAD G . 8.76 17.29 65.12
N FPI H . 13.53 18.70 64.48
C2 FPI H . 12.97 17.75 63.48
C3 FPI H . 13.03 18.38 62.01
C4 FPI H . 14.57 18.76 61.73
C5 FPI H . 15.09 19.76 62.77
C6 FPI H . 14.91 19.13 64.13
C7 FPI H . 13.12 19.17 65.70
O FPI H . 12.05 18.66 66.27
ZN ZN I . -41.37 -29.78 -102.89
ZN ZN J . -32.98 -15.31 -113.65
PA NAD K . -47.12 -37.53 -102.19
O1A NAD K . -46.33 -38.75 -102.03
O2A NAD K . -47.74 -36.89 -100.97
O5B NAD K . -48.28 -37.73 -103.24
C5B NAD K . -48.44 -38.62 -104.31
C4B NAD K . -49.68 -39.36 -104.24
O4B NAD K . -49.73 -40.24 -105.43
C3B NAD K . -49.86 -40.41 -103.11
O3B NAD K . -51.16 -39.96 -102.43
C2B NAD K . -50.04 -41.76 -103.65
O2B NAD K . -50.87 -42.73 -103.24
C1B NAD K . -50.40 -41.39 -105.16
N9A NAD K . -50.02 -42.46 -106.05
C8A NAD K . -48.95 -43.27 -106.05
N7A NAD K . -48.81 -44.18 -106.98
C5A NAD K . -49.91 -44.02 -107.71
C6A NAD K . -50.35 -44.77 -108.93
N6A NAD K . -49.68 -45.76 -109.48
N1A NAD K . -51.54 -44.32 -109.40
C2A NAD K . -52.25 -43.32 -108.89
N3A NAD K . -51.90 -42.57 -107.75
C4A NAD K . -50.69 -42.97 -107.18
O3 NAD K . -46.28 -36.47 -102.97
PN NAD K . -46.47 -34.85 -103.06
O1N NAD K . -45.72 -34.09 -102.14
O2N NAD K . -47.93 -34.59 -103.12
O5D NAD K . -45.72 -34.59 -104.47
C5D NAD K . -46.23 -35.12 -105.77
C4D NAD K . -45.22 -35.29 -106.80
O4D NAD K . -44.97 -33.89 -107.29
C3D NAD K . -43.74 -35.73 -106.40
O3D NAD K . -43.37 -36.61 -107.40
C2D NAD K . -42.87 -34.49 -106.16
O2D NAD K . -41.53 -34.66 -106.42
C1D NAD K . -43.55 -33.59 -107.29
N1N NAD K . -43.36 -32.11 -107.20
C2N NAD K . -43.13 -31.34 -108.27
C3N NAD K . -42.97 -30.01 -108.02
C7N NAD K . -42.71 -29.09 -109.28
O7N NAD K . -42.33 -27.91 -109.23
N7N NAD K . -42.98 -29.69 -110.45
C4N NAD K . -43.06 -29.40 -106.74
C5N NAD K . -43.32 -30.28 -105.68
C6N NAD K . -43.47 -31.63 -105.85
N FPI L . -38.87 -29.83 -106.54
C2 FPI L . -39.41 -30.78 -107.54
C3 FPI L . -39.45 -30.17 -108.94
C4 FPI L . -37.96 -29.61 -109.37
C5 FPI L . -37.45 -28.63 -108.27
C6 FPI L . -37.55 -29.35 -106.94
C7 FPI L . -39.26 -29.44 -105.34
O FPI L . -40.26 -30.02 -104.72
ZN ZN M . 32.45 -11.38 10.89
ZN ZN N . 16.29 -10.37 22.33
PA NAD O . 42.09 -11.05 9.72
O1A NAD O . 42.55 -12.49 9.57
O2A NAD O . 41.82 -10.05 8.66
O5B NAD O . 43.08 -10.35 10.69
C5B NAD O . 43.86 -11.06 11.76
C4B NAD O . 45.14 -10.28 11.84
O4B NAD O . 45.92 -10.95 12.97
C3B NAD O . 46.05 -10.61 10.56
O3B NAD O . 46.37 -9.24 10.01
C2B NAD O . 47.26 -11.43 10.97
O2B NAD O . 48.45 -11.14 10.42
C1B NAD O . 47.28 -10.97 12.49
N9A NAD O . 47.90 -12.00 13.28
C8A NAD O . 47.84 -13.36 13.21
N7A NAD O . 48.53 -14.05 14.11
C5A NAD O . 49.11 -13.07 14.88
C6A NAD O . 50.02 -13.21 16.06
N6A NAD O . 50.39 -14.39 16.54
N1A NAD O . 50.37 -12.03 16.53
C2A NAD O . 50.04 -10.81 16.10
N3A NAD O . 49.20 -10.64 14.99
C4A NAD O . 48.75 -11.80 14.40
O3 NAD O . 40.78 -11.28 10.53
PN NAD O . 39.55 -10.26 10.84
O1N NAD O . 38.40 -10.52 9.91
O2N NAD O . 40.00 -8.93 11.02
O5D NAD O . 38.98 -11.00 12.19
C5D NAD O . 39.78 -10.77 13.42
C4D NAD O . 39.42 -11.80 14.37
O4D NAD O . 38.15 -11.18 14.96
C3D NAD O . 38.94 -13.17 13.96
O3D NAD O . 39.30 -14.08 14.91
C2D NAD O . 37.35 -13.13 13.82
O2D NAD O . 36.74 -14.38 13.96
C1D NAD O . 37.09 -12.17 15.10
N1N NAD O . 35.74 -11.38 14.97
C2N NAD O . 35.03 -11.26 16.12
C3N NAD O . 33.86 -10.56 15.95
C7N NAD O . 33.00 -10.40 17.27
O7N NAD O . 31.77 -10.15 17.22
N7N NAD O . 33.60 -10.51 18.49
C4N NAD O . 33.38 -9.99 14.71
C5N NAD O . 34.23 -10.19 13.60
C6N NAD O . 35.39 -10.87 13.70
N FPI P . 31.17 -13.72 14.26
C2 FPI P . 32.39 -13.82 15.18
C3 FPI P . 31.94 -13.60 16.62
C4 FPI P . 30.75 -14.59 16.93
C5 FPI P . 29.60 -14.28 16.01
C6 FPI P . 30.02 -14.56 14.62
C7 FPI P . 31.12 -12.99 13.15
O FPI P . 32.10 -12.34 12.65
ZN ZN Q . 1.24 14.83 23.96
ZN ZN R . -14.94 17.42 34.92
PA NAD S . 10.94 14.28 23.08
O1A NAD S . 11.23 12.85 22.88
O2A NAD S . 10.79 15.24 21.97
O5B NAD S . 11.85 14.98 24.16
C5B NAD S . 12.54 14.27 25.28
C4B NAD S . 14.01 14.75 25.31
O4B NAD S . 14.68 13.95 26.40
C3B NAD S . 14.91 14.36 24.07
O3B NAD S . 15.40 15.64 23.54
C2B NAD S . 16.07 13.55 24.56
O2B NAD S . 17.26 13.74 23.96
C1B NAD S . 16.07 14.01 26.06
N9A NAD S . 16.58 12.94 26.89
C8A NAD S . 16.43 11.57 26.87
N7A NAD S . 17.00 10.88 27.74
C5A NAD S . 17.64 11.79 28.50
C6A NAD S . 18.51 11.61 29.71
N6A NAD S . 18.77 10.40 30.23
N1A NAD S . 18.93 12.79 30.15
C2A NAD S . 18.71 13.96 29.70
N3A NAD S . 17.94 14.22 28.62
C4A NAD S . 17.41 13.08 28.02
O3 NAD S . 9.55 14.18 23.89
PN NAD S . 8.38 15.32 24.11
O1N NAD S . 7.32 15.12 23.16
O2N NAD S . 8.99 16.59 24.24
O5D NAD S . 7.81 14.74 25.49
C5D NAD S . 8.60 14.88 26.75
C4D NAD S . 8.11 13.94 27.79
O4D NAD S . 6.79 14.68 28.37
C3D NAD S . 7.50 12.59 27.40
O3D NAD S . 7.67 11.58 28.38
C2D NAD S . 5.98 12.72 27.11
O2D NAD S . 5.27 11.55 27.22
C1D NAD S . 5.68 13.75 28.31
N1N NAD S . 4.42 14.66 28.13
C2N NAD S . 3.64 14.84 29.25
C3N NAD S . 2.57 15.65 29.05
C7N NAD S . 1.70 15.86 30.38
O7N NAD S . 0.52 16.26 30.28
N7N NAD S . 2.13 15.64 31.63
C4N NAD S . 2.18 16.29 27.80
C5N NAD S . 3.09 15.99 26.72
C6N NAD S . 4.18 15.22 26.82
N FPI T . -0.21 12.79 27.38
C2 FPI T . 0.88 12.70 28.32
C3 FPI T . 0.37 12.81 29.79
C4 FPI T . -0.78 11.75 30.00
C5 FPI T . -2.00 12.19 29.11
C6 FPI T . -1.42 11.98 27.68
C7 FPI T . -0.22 13.37 26.24
O FPI T . 0.63 13.92 25.52
#